data_7MPO
#
_entry.id   7MPO
#
_cell.length_a   99.676
_cell.length_b   141.688
_cell.length_c   147.920
_cell.angle_alpha   90.000
_cell.angle_beta   90.000
_cell.angle_gamma   90.000
#
_symmetry.space_group_name_H-M   'P 21 21 21'
#
loop_
_entity.id
_entity.type
_entity.pdbx_description
1 polymer 'NanoRNase C'
2 non-polymer "ADENOSINE-3'-5'-DIPHOSPHATE"
3 water water
#
_entity_poly.entity_id   1
_entity_poly.type   'polypeptide(L)'
_entity_poly.pdbx_seq_one_letter_code
;SMTEIRVHQGDLPNLDNYRIDAVAVDTETLGLQPHRDRLCVVQLSSGDGTADVIQIAKGQKSAPNLVRLLSDRDITKIFH
FGRFDLAILAHTFGVMPDVVFCTKIASKLTRTYTDRHGLKEICGELLNVNISKQQQSSDWAAETLSRAQIEYAASDVLYL
HRLKDIFEERLKREERESVAKACFQFLPMRANLDLLGWSEIDIFAHS
;
_entity_poly.pdbx_strand_id   A,B,C,D,E,F,G,H
#
loop_
_chem_comp.id
_chem_comp.type
_chem_comp.name
_chem_comp.formula
A3P RNA linking ADENOSINE-3'-5'-DIPHOSPHATE 'C10 H15 N5 O10 P2'
#
# COMPACT_ATOMS: atom_id res chain seq x y z
N MET A 2 9.74 10.45 45.06
CA MET A 2 9.31 9.62 46.18
C MET A 2 9.67 8.16 45.96
N THR A 3 10.14 7.85 44.75
CA THR A 3 10.58 6.50 44.39
C THR A 3 12.11 6.45 44.45
N GLU A 4 12.64 5.50 45.23
CA GLU A 4 14.07 5.34 45.41
C GLU A 4 14.68 4.76 44.14
N ILE A 5 15.51 5.53 43.46
CA ILE A 5 16.22 5.08 42.27
C ILE A 5 17.71 5.23 42.56
N ARG A 6 18.42 4.11 42.60
CA ARG A 6 19.86 4.11 42.80
C ARG A 6 20.55 4.12 41.44
N VAL A 7 21.42 5.09 41.22
CA VAL A 7 22.14 5.23 39.95
C VAL A 7 23.57 4.78 40.15
N HIS A 8 24.04 3.91 39.26
CA HIS A 8 25.38 3.35 39.34
C HIS A 8 26.11 3.58 38.02
N GLN A 9 27.43 3.58 38.11
CA GLN A 9 28.28 3.59 36.92
C GLN A 9 28.94 2.22 36.77
N GLY A 10 28.75 1.60 35.63
CA GLY A 10 29.45 0.35 35.31
C GLY A 10 28.78 -0.94 35.74
N ASP A 11 28.33 -1.01 36.99
CA ASP A 11 27.83 -2.26 37.53
C ASP A 11 27.11 -1.95 38.83
N LEU A 12 26.31 -2.91 39.29
CA LEU A 12 25.88 -2.89 40.69
C LEU A 12 27.09 -2.99 41.60
N PRO A 13 27.06 -2.34 42.76
CA PRO A 13 28.17 -2.51 43.72
C PRO A 13 28.18 -3.88 44.37
N ASN A 14 27.03 -4.52 44.49
CA ASN A 14 26.91 -5.87 45.05
C ASN A 14 25.52 -6.35 44.69
N LEU A 15 25.20 -7.57 45.13
CA LEU A 15 23.89 -8.17 44.84
C LEU A 15 23.00 -8.21 46.09
N ASP A 16 23.26 -7.34 47.07
CA ASP A 16 22.52 -7.40 48.33
C ASP A 16 21.01 -7.24 48.11
N ASN A 17 20.60 -6.43 47.13
CA ASN A 17 19.19 -6.19 46.91
C ASN A 17 18.55 -7.18 45.96
N TYR A 18 19.30 -8.20 45.51
CA TYR A 18 18.84 -9.09 44.45
C TYR A 18 18.98 -10.55 44.82
N ARG A 19 18.82 -10.87 46.11
CA ARG A 19 18.69 -12.25 46.55
C ARG A 19 17.22 -12.65 46.44
N ILE A 20 16.75 -12.71 45.19
CA ILE A 20 15.34 -12.86 44.86
C ILE A 20 15.23 -13.92 43.77
N ASP A 21 14.00 -14.33 43.49
CA ASP A 21 13.80 -15.38 42.50
C ASP A 21 13.41 -14.84 41.12
N ALA A 22 13.16 -13.55 41.00
CA ALA A 22 12.88 -12.95 39.70
C ALA A 22 13.29 -11.48 39.74
N VAL A 23 13.89 -11.01 38.65
CA VAL A 23 14.36 -9.63 38.56
C VAL A 23 13.82 -9.01 37.28
N ALA A 24 13.33 -7.78 37.40
CA ALA A 24 12.84 -7.01 36.27
C ALA A 24 14.01 -6.31 35.61
N VAL A 25 14.10 -6.42 34.28
CA VAL A 25 15.24 -5.92 33.53
C VAL A 25 14.75 -5.10 32.35
N ASP A 26 15.41 -3.97 32.09
CA ASP A 26 15.23 -3.23 30.85
C ASP A 26 16.58 -2.65 30.45
N THR A 27 16.69 -2.22 29.18
CA THR A 27 17.88 -1.55 28.68
C THR A 27 17.50 -0.23 28.03
N GLU A 28 18.48 0.68 27.97
CA GLU A 28 18.41 1.82 27.08
C GLU A 28 19.68 1.86 26.24
N THR A 29 19.54 2.31 25.00
CA THR A 29 20.60 2.27 24.00
C THR A 29 20.53 3.54 23.16
N LEU A 30 21.48 3.68 22.24
CA LEU A 30 21.43 4.74 21.24
C LEU A 30 20.51 4.43 20.06
N GLY A 31 19.83 3.28 20.07
CA GLY A 31 18.95 2.94 18.98
C GLY A 31 18.72 1.44 18.92
N LEU A 32 17.98 1.04 17.89
CA LEU A 32 17.48 -0.33 17.81
C LEU A 32 18.40 -1.27 17.03
N GLN A 33 19.59 -0.82 16.64
CA GLN A 33 20.51 -1.67 15.88
C GLN A 33 21.73 -2.02 16.73
N PRO A 34 21.75 -3.21 17.34
CA PRO A 34 22.82 -3.52 18.32
C PRO A 34 24.21 -3.42 17.75
N HIS A 35 24.40 -3.65 16.46
CA HIS A 35 25.75 -3.57 15.92
C HIS A 35 26.23 -2.14 15.74
N ARG A 36 25.32 -1.17 15.70
CA ARG A 36 25.67 0.25 15.61
C ARG A 36 25.46 1.00 16.91
N ASP A 37 24.41 0.63 17.66
CA ASP A 37 23.86 1.42 18.76
C ASP A 37 24.21 0.77 20.10
N ARG A 38 25.12 1.38 20.85
CA ARG A 38 25.65 0.75 22.04
C ARG A 38 24.63 0.70 23.18
N LEU A 39 24.78 -0.32 24.03
CA LEU A 39 24.10 -0.35 25.31
C LEU A 39 24.53 0.83 26.16
N CYS A 40 23.55 1.58 26.67
CA CYS A 40 23.86 2.77 27.46
C CYS A 40 23.45 2.64 28.91
N VAL A 41 22.35 1.94 29.18
CA VAL A 41 21.80 1.82 30.53
C VAL A 41 21.26 0.41 30.69
N VAL A 42 21.42 -0.17 31.86
CA VAL A 42 20.66 -1.35 32.26
C VAL A 42 19.89 -1.02 33.53
N GLN A 43 18.60 -1.28 33.52
CA GLN A 43 17.75 -1.02 34.69
C GLN A 43 17.29 -2.34 35.29
N LEU A 44 17.23 -2.37 36.63
CA LEU A 44 16.82 -3.54 37.39
C LEU A 44 15.86 -3.11 38.48
N SER A 45 14.94 -4.00 38.82
CA SER A 45 14.16 -3.81 40.04
C SER A 45 13.88 -5.18 40.65
N SER A 46 13.91 -5.23 41.98
CA SER A 46 13.56 -6.43 42.70
C SER A 46 12.05 -6.60 42.86
N GLY A 47 11.27 -5.63 42.39
CA GLY A 47 9.84 -5.62 42.64
C GLY A 47 9.41 -4.94 43.90
N ASP A 48 10.31 -4.26 44.62
CA ASP A 48 9.96 -3.64 45.90
C ASP A 48 9.64 -2.16 45.78
N GLY A 49 9.33 -1.68 44.59
CA GLY A 49 9.10 -0.26 44.42
C GLY A 49 10.36 0.60 44.27
N THR A 50 11.54 -0.02 44.28
CA THR A 50 12.79 0.71 44.03
C THR A 50 13.45 0.18 42.76
N ALA A 51 14.38 0.95 42.21
CA ALA A 51 15.06 0.53 41.00
C ALA A 51 16.54 0.89 41.07
N ASP A 52 17.34 0.10 40.34
CA ASP A 52 18.74 0.40 40.09
C ASP A 52 18.90 0.76 38.62
N VAL A 53 19.57 1.88 38.36
CA VAL A 53 19.80 2.34 36.99
C VAL A 53 21.31 2.36 36.79
N ILE A 54 21.81 1.53 35.88
CA ILE A 54 23.25 1.32 35.71
C ILE A 54 23.68 1.91 34.38
N GLN A 55 24.54 2.92 34.43
CA GLN A 55 25.09 3.47 33.19
C GLN A 55 26.22 2.58 32.69
N ILE A 56 26.16 2.23 31.41
CA ILE A 56 27.14 1.38 30.75
C ILE A 56 28.02 2.27 29.87
N ALA A 57 29.33 2.18 30.06
CA ALA A 57 30.24 3.03 29.32
C ALA A 57 30.40 2.53 27.88
N LYS A 58 30.82 3.45 27.02
CA LYS A 58 31.18 3.11 25.65
C LYS A 58 32.25 2.02 25.64
N GLY A 59 32.00 0.96 24.86
CA GLY A 59 32.95 -0.12 24.74
C GLY A 59 33.04 -1.04 25.94
N GLN A 60 32.25 -0.80 26.99
CA GLN A 60 32.26 -1.67 28.15
C GLN A 60 31.69 -3.06 27.78
N LYS A 61 32.41 -4.11 28.17
CA LYS A 61 32.05 -5.47 27.78
C LYS A 61 31.82 -6.40 28.97
N SER A 62 31.89 -5.88 30.19
CA SER A 62 31.79 -6.69 31.39
C SER A 62 31.02 -5.88 32.43
N ALA A 63 30.38 -6.60 33.34
CA ALA A 63 29.64 -6.05 34.47
C ALA A 63 29.35 -7.21 35.41
N PRO A 64 30.31 -7.61 36.24
CA PRO A 64 30.23 -8.95 36.85
C PRO A 64 29.01 -9.19 37.73
N ASN A 65 28.56 -8.20 38.51
CA ASN A 65 27.39 -8.43 39.35
C ASN A 65 26.12 -8.53 38.50
N LEU A 66 25.94 -7.59 37.57
CA LEU A 66 24.83 -7.68 36.64
C LEU A 66 24.82 -9.02 35.90
N VAL A 67 26.00 -9.43 35.39
CA VAL A 67 26.06 -10.64 34.58
C VAL A 67 25.82 -11.89 35.43
N ARG A 68 26.20 -11.87 36.70
CA ARG A 68 25.87 -12.97 37.59
CA ARG A 68 25.87 -12.96 37.60
C ARG A 68 24.36 -13.16 37.68
N LEU A 69 23.62 -12.06 37.85
CA LEU A 69 22.16 -12.12 37.83
C LEU A 69 21.65 -12.67 36.50
N LEU A 70 22.15 -12.11 35.40
CA LEU A 70 21.68 -12.51 34.08
C LEU A 70 21.96 -13.98 33.80
N SER A 71 23.03 -14.53 34.38
CA SER A 71 23.43 -15.92 34.18
C SER A 71 22.78 -16.87 35.17
N ASP A 72 22.12 -16.36 36.21
CA ASP A 72 21.67 -17.20 37.32
C ASP A 72 20.39 -17.91 36.89
N ARG A 73 20.47 -19.23 36.69
CA ARG A 73 19.29 -19.96 36.21
C ARG A 73 18.20 -20.06 37.26
N ASP A 74 18.50 -19.84 38.54
CA ASP A 74 17.45 -19.84 39.54
C ASP A 74 16.72 -18.51 39.65
N ILE A 75 17.03 -17.53 38.80
CA ILE A 75 16.40 -16.22 38.86
C ILE A 75 15.77 -15.93 37.51
N THR A 76 14.45 -15.78 37.48
CA THR A 76 13.78 -15.40 36.26
C THR A 76 14.02 -13.94 35.94
N LYS A 77 14.48 -13.67 34.72
CA LYS A 77 14.59 -12.29 34.24
C LYS A 77 13.28 -11.90 33.56
N ILE A 78 12.62 -10.86 34.09
CA ILE A 78 11.37 -10.36 33.55
C ILE A 78 11.66 -9.17 32.66
N PHE A 79 11.21 -9.23 31.42
CA PHE A 79 11.35 -8.13 30.48
C PHE A 79 9.99 -7.70 29.94
N HIS A 80 9.94 -6.50 29.37
CA HIS A 80 8.90 -6.15 28.41
C HIS A 80 9.55 -6.03 27.04
N PHE A 81 9.14 -6.88 26.10
CA PHE A 81 9.85 -7.07 24.83
C PHE A 81 11.31 -7.46 25.08
N GLY A 82 11.48 -8.59 25.78
CA GLY A 82 12.81 -9.12 26.02
C GLY A 82 13.56 -9.47 24.77
N ARG A 83 12.86 -9.67 23.65
CA ARG A 83 13.53 -9.97 22.38
C ARG A 83 14.64 -8.98 22.12
N PHE A 84 14.38 -7.70 22.38
CA PHE A 84 15.43 -6.72 22.13
C PHE A 84 16.45 -6.70 23.26
N ASP A 85 16.00 -6.65 24.51
CA ASP A 85 16.92 -6.57 25.63
C ASP A 85 17.90 -7.73 25.64
N LEU A 86 17.39 -8.95 25.38
CA LEU A 86 18.24 -10.13 25.34
C LEU A 86 19.32 -10.00 24.27
N ALA A 87 18.96 -9.43 23.11
CA ALA A 87 19.95 -9.25 22.05
C ALA A 87 21.05 -8.30 22.46
N ILE A 88 20.69 -7.12 22.97
CA ILE A 88 21.74 -6.14 23.26
C ILE A 88 22.56 -6.60 24.45
N LEU A 89 21.93 -7.26 25.42
CA LEU A 89 22.68 -7.75 26.57
C LEU A 89 23.67 -8.84 26.16
N ALA A 90 23.23 -9.77 25.31
CA ALA A 90 24.15 -10.82 24.88
C ALA A 90 25.24 -10.27 23.99
N HIS A 91 24.87 -9.32 23.12
CA HIS A 91 25.86 -8.69 22.26
C HIS A 91 26.94 -7.99 23.07
N THR A 92 26.54 -7.34 24.17
CA THR A 92 27.46 -6.48 24.91
C THR A 92 28.30 -7.27 25.88
N PHE A 93 27.66 -8.16 26.65
CA PHE A 93 28.29 -8.86 27.74
C PHE A 93 28.62 -10.31 27.44
N GLY A 94 28.19 -10.84 26.30
CA GLY A 94 28.57 -12.18 25.92
C GLY A 94 27.84 -13.28 26.65
N VAL A 95 26.77 -12.97 27.35
CA VAL A 95 25.97 -13.96 28.07
C VAL A 95 24.52 -13.80 27.62
N MET A 96 23.88 -14.91 27.26
CA MET A 96 22.47 -14.87 26.88
C MET A 96 21.63 -15.41 28.02
N PRO A 97 20.87 -14.58 28.72
CA PRO A 97 19.94 -15.10 29.73
C PRO A 97 19.03 -16.15 29.13
N ASP A 98 18.71 -17.20 29.90
CA ASP A 98 17.85 -18.25 29.35
C ASP A 98 16.75 -18.70 30.31
N VAL A 99 16.43 -17.91 31.32
CA VAL A 99 15.25 -18.13 32.15
C VAL A 99 14.54 -16.78 32.18
N VAL A 100 13.53 -16.63 31.33
CA VAL A 100 12.97 -15.31 31.05
C VAL A 100 11.45 -15.36 31.08
N PHE A 101 10.87 -14.20 31.33
CA PHE A 101 9.44 -13.94 31.20
C PHE A 101 9.31 -12.61 30.47
N CYS A 102 8.46 -12.56 29.44
CA CYS A 102 8.26 -11.35 28.65
C CYS A 102 6.81 -10.93 28.74
N THR A 103 6.57 -9.72 29.27
CA THR A 103 5.21 -9.21 29.41
C THR A 103 4.57 -8.89 28.07
N LYS A 104 5.36 -8.60 27.02
CA LYS A 104 4.75 -8.37 25.70
C LYS A 104 4.21 -9.67 25.12
N ILE A 105 5.00 -10.74 25.16
CA ILE A 105 4.49 -12.05 24.72
C ILE A 105 3.29 -12.47 25.57
N ALA A 106 3.38 -12.29 26.89
CA ALA A 106 2.26 -12.67 27.76
C ALA A 106 0.99 -11.89 27.41
N SER A 107 1.15 -10.58 27.16
CA SER A 107 0.01 -9.76 26.75
C SER A 107 -0.60 -10.27 25.46
N LYS A 108 0.23 -10.59 24.47
CA LYS A 108 -0.29 -11.12 23.20
C LYS A 108 -1.03 -12.43 23.39
N LEU A 109 -0.67 -13.20 24.39
CA LEU A 109 -1.31 -14.48 24.65
C LEU A 109 -2.52 -14.38 25.57
N THR A 110 -2.78 -13.20 26.15
CA THR A 110 -3.87 -13.09 27.12
C THR A 110 -4.81 -11.93 26.82
N ARG A 111 -4.28 -10.78 26.42
CA ARG A 111 -5.11 -9.61 26.10
C ARG A 111 -5.51 -9.70 24.63
N THR A 112 -6.30 -10.73 24.35
CA THR A 112 -6.75 -11.11 23.02
C THR A 112 -7.75 -10.14 22.42
N TYR A 113 -8.20 -9.16 23.19
CA TYR A 113 -9.22 -8.21 22.78
C TYR A 113 -8.63 -6.91 22.25
N THR A 114 -7.32 -6.81 22.11
CA THR A 114 -6.68 -5.56 21.70
C THR A 114 -5.43 -5.90 20.91
N ASP A 115 -4.99 -4.95 20.09
CA ASP A 115 -3.68 -5.03 19.46
C ASP A 115 -2.69 -4.05 20.07
N ARG A 116 -3.04 -3.43 21.19
CA ARG A 116 -2.17 -2.48 21.87
C ARG A 116 -1.47 -3.22 23.00
N HIS A 117 -0.23 -3.64 22.75
CA HIS A 117 0.56 -4.45 23.68
C HIS A 117 1.82 -3.74 24.15
N GLY A 118 1.84 -2.41 24.12
CA GLY A 118 2.97 -1.70 24.68
C GLY A 118 2.89 -1.57 26.19
N LEU A 119 4.01 -1.21 26.80
CA LEU A 119 4.09 -1.19 28.26
C LEU A 119 3.19 -0.12 28.86
N LYS A 120 3.12 1.05 28.21
CA LYS A 120 2.25 2.12 28.71
C LYS A 120 0.79 1.68 28.73
N GLU A 121 0.34 1.01 27.66
CA GLU A 121 -1.05 0.57 27.59
CA GLU A 121 -1.06 0.59 27.61
C GLU A 121 -1.34 -0.52 28.63
N ILE A 122 -0.42 -1.46 28.79
CA ILE A 122 -0.58 -2.55 29.75
C ILE A 122 -0.60 -2.02 31.17
N CYS A 123 0.35 -1.13 31.50
CA CYS A 123 0.39 -0.56 32.85
C CYS A 123 -0.89 0.22 33.16
N GLY A 124 -1.39 1.01 32.21
CA GLY A 124 -2.63 1.73 32.46
C GLY A 124 -3.81 0.79 32.65
N GLU A 125 -3.91 -0.24 31.81
CA GLU A 125 -5.06 -1.14 31.87
C GLU A 125 -5.02 -2.04 33.09
N LEU A 126 -3.87 -2.66 33.36
CA LEU A 126 -3.81 -3.66 34.43
C LEU A 126 -3.58 -3.05 35.80
N LEU A 127 -2.89 -1.91 35.86
CA LEU A 127 -2.47 -1.35 37.14
C LEU A 127 -3.00 0.04 37.40
N ASN A 128 -3.64 0.67 36.42
CA ASN A 128 -3.99 2.08 36.51
C ASN A 128 -2.76 2.93 36.82
N VAL A 129 -1.63 2.60 36.20
CA VAL A 129 -0.39 3.33 36.35
C VAL A 129 -0.09 4.04 35.04
N ASN A 130 0.22 5.33 35.12
CA ASN A 130 0.51 6.12 33.92
C ASN A 130 2.01 6.15 33.69
N ILE A 131 2.44 5.63 32.54
CA ILE A 131 3.83 5.69 32.08
C ILE A 131 3.93 6.80 31.05
N SER A 132 4.91 7.69 31.24
CA SER A 132 5.19 8.76 30.28
C SER A 132 6.32 8.33 29.35
N LYS A 133 6.13 8.55 28.05
CA LYS A 133 7.11 8.12 27.05
C LYS A 133 8.00 9.26 26.57
N GLN A 134 7.88 10.45 27.15
CA GLN A 134 8.56 11.63 26.64
C GLN A 134 10.07 11.43 26.51
N GLN A 135 10.69 10.79 27.49
CA GLN A 135 12.15 10.63 27.51
C GLN A 135 12.64 9.45 26.69
N GLN A 136 11.73 8.65 26.08
CA GLN A 136 12.20 7.55 25.24
C GLN A 136 13.16 8.03 24.18
N SER A 137 12.82 9.14 23.50
CA SER A 137 13.71 9.75 22.51
C SER A 137 14.57 10.79 23.23
N SER A 138 15.68 10.31 23.80
CA SER A 138 16.68 11.18 24.42
C SER A 138 18.05 10.54 24.21
N ASP A 139 19.08 11.28 24.60
CA ASP A 139 20.46 10.81 24.46
C ASP A 139 20.81 9.95 25.66
N TRP A 140 20.56 8.65 25.54
CA TRP A 140 20.86 7.72 26.63
C TRP A 140 22.35 7.52 26.84
N ALA A 141 23.20 8.00 25.94
CA ALA A 141 24.64 7.93 26.12
C ALA A 141 25.21 9.09 26.90
N ALA A 142 24.36 10.06 27.31
CA ALA A 142 24.84 11.24 28.01
C ALA A 142 25.65 10.84 29.22
N GLU A 143 26.77 11.52 29.42
CA GLU A 143 27.60 11.24 30.59
C GLU A 143 26.79 11.31 31.88
N THR A 144 25.95 12.33 32.02
CA THR A 144 25.04 12.45 33.15
C THR A 144 23.62 12.43 32.61
N LEU A 145 22.84 11.46 33.08
CA LEU A 145 21.42 11.39 32.75
C LEU A 145 20.63 12.43 33.55
N SER A 146 19.59 12.96 32.92
CA SER A 146 18.71 13.88 33.64
C SER A 146 17.82 13.11 34.62
N ARG A 147 17.29 13.84 35.59
CA ARG A 147 16.31 13.24 36.50
C ARG A 147 15.14 12.63 35.72
N ALA A 148 14.64 13.33 34.70
CA ALA A 148 13.54 12.80 33.91
C ALA A 148 13.92 11.51 33.21
N GLN A 149 15.14 11.45 32.64
CA GLN A 149 15.61 10.21 32.03
C GLN A 149 15.69 9.08 33.05
N ILE A 150 16.22 9.37 34.24
CA ILE A 150 16.39 8.35 35.26
C ILE A 150 15.03 7.82 35.70
N GLU A 151 14.07 8.72 35.91
CA GLU A 151 12.74 8.29 36.29
C GLU A 151 12.06 7.47 35.20
N TYR A 152 12.22 7.87 33.94
CA TYR A 152 11.68 7.07 32.85
C TYR A 152 12.29 5.68 32.85
N ALA A 153 13.62 5.61 32.91
CA ALA A 153 14.30 4.32 32.91
C ALA A 153 13.82 3.44 34.05
N ALA A 154 13.68 4.01 35.25
CA ALA A 154 13.21 3.26 36.40
C ALA A 154 11.78 2.77 36.19
N SER A 155 10.93 3.63 35.60
CA SER A 155 9.54 3.26 35.41
C SER A 155 9.38 2.03 34.51
N ASP A 156 10.36 1.75 33.65
CA ASP A 156 10.26 0.57 32.81
C ASP A 156 10.40 -0.73 33.59
N VAL A 157 11.03 -0.70 34.77
CA VAL A 157 11.22 -1.92 35.55
C VAL A 157 10.41 -1.95 36.83
N LEU A 158 9.82 -0.82 37.25
CA LEU A 158 9.15 -0.76 38.55
C LEU A 158 7.92 -1.66 38.65
N TYR A 159 7.27 -2.00 37.52
CA TYR A 159 5.96 -2.64 37.54
C TYR A 159 5.95 -4.03 36.93
N LEU A 160 7.09 -4.54 36.47
CA LEU A 160 7.09 -5.79 35.73
C LEU A 160 6.71 -6.97 36.61
N HIS A 161 7.10 -6.97 37.89
CA HIS A 161 6.67 -8.06 38.78
C HIS A 161 5.15 -8.10 38.89
N ARG A 162 4.52 -6.95 39.13
CA ARG A 162 3.08 -6.91 39.26
C ARG A 162 2.40 -7.34 37.97
N LEU A 163 2.94 -6.90 36.83
CA LEU A 163 2.40 -7.36 35.55
C LEU A 163 2.56 -8.87 35.41
N LYS A 164 3.75 -9.40 35.75
CA LYS A 164 3.98 -10.82 35.60
C LYS A 164 2.97 -11.63 36.40
N ASP A 165 2.70 -11.21 37.64
CA ASP A 165 1.74 -11.94 38.48
C ASP A 165 0.35 -11.96 37.85
N ILE A 166 -0.08 -10.86 37.26
CA ILE A 166 -1.42 -10.82 36.66
C ILE A 166 -1.45 -11.66 35.39
N PHE A 167 -0.42 -11.55 34.56
CA PHE A 167 -0.38 -12.34 33.33
C PHE A 167 -0.31 -13.84 33.64
N GLU A 168 0.39 -14.22 34.71
CA GLU A 168 0.44 -15.64 35.06
C GLU A 168 -0.94 -16.14 35.48
N GLU A 169 -1.71 -15.30 36.19
CA GLU A 169 -3.10 -15.64 36.49
C GLU A 169 -3.90 -15.86 35.21
N ARG A 170 -3.75 -14.95 34.24
CA ARG A 170 -4.55 -15.06 33.02
C ARG A 170 -4.11 -16.25 32.18
N LEU A 171 -2.80 -16.50 32.11
CA LEU A 171 -2.31 -17.68 31.39
C LEU A 171 -2.86 -18.96 32.02
N LYS A 172 -2.93 -19.01 33.35
CA LYS A 172 -3.53 -20.14 34.02
C LYS A 172 -5.02 -20.25 33.69
N ARG A 173 -5.73 -19.11 33.76
CA ARG A 173 -7.17 -19.12 33.57
C ARG A 173 -7.55 -19.63 32.17
N GLU A 174 -6.88 -19.10 31.14
CA GLU A 174 -7.12 -19.50 29.76
C GLU A 174 -6.33 -20.73 29.34
N GLU A 175 -5.58 -21.34 30.27
CA GLU A 175 -4.89 -22.62 30.03
C GLU A 175 -3.86 -22.52 28.92
N ARG A 176 -3.02 -21.47 28.99
CA ARG A 176 -1.99 -21.25 27.99
C ARG A 176 -0.59 -21.23 28.59
N GLU A 177 -0.41 -21.81 29.78
CA GLU A 177 0.88 -21.72 30.44
C GLU A 177 1.97 -22.43 29.63
N SER A 178 1.67 -23.61 29.09
CA SER A 178 2.70 -24.33 28.35
C SER A 178 3.03 -23.63 27.04
N VAL A 179 2.05 -22.93 26.45
CA VAL A 179 2.31 -22.12 25.26
C VAL A 179 3.24 -20.98 25.59
N ALA A 180 2.95 -20.25 26.66
CA ALA A 180 3.80 -19.15 27.07
C ALA A 180 5.22 -19.64 27.36
N LYS A 181 5.32 -20.77 28.07
CA LYS A 181 6.63 -21.30 28.44
C LYS A 181 7.47 -21.63 27.23
N ALA A 182 6.87 -22.25 26.21
CA ALA A 182 7.60 -22.54 24.99
C ALA A 182 8.03 -21.26 24.27
N CYS A 183 7.17 -20.24 24.28
CA CYS A 183 7.55 -18.95 23.68
C CYS A 183 8.75 -18.36 24.41
N PHE A 184 8.69 -18.32 25.75
CA PHE A 184 9.82 -17.81 26.53
C PHE A 184 11.07 -18.65 26.32
N GLN A 185 10.93 -19.94 26.08
CA GLN A 185 12.12 -20.77 25.89
C GLN A 185 12.78 -20.50 24.53
N PHE A 186 12.01 -20.15 23.53
CA PHE A 186 12.61 -19.83 22.24
C PHE A 186 13.13 -18.39 22.18
N LEU A 187 12.67 -17.52 23.07
CA LEU A 187 12.99 -16.10 22.95
C LEU A 187 14.49 -15.81 22.92
N PRO A 188 15.35 -16.45 23.72
CA PRO A 188 16.79 -16.20 23.54
C PRO A 188 17.29 -16.52 22.16
N MET A 189 16.79 -17.60 21.55
CA MET A 189 17.20 -17.92 20.18
C MET A 189 16.61 -16.95 19.17
N ARG A 190 15.41 -16.42 19.43
CA ARG A 190 14.86 -15.39 18.56
C ARG A 190 15.73 -14.14 18.62
N ALA A 191 16.23 -13.80 19.81
CA ALA A 191 17.19 -12.70 19.96
C ALA A 191 18.50 -13.01 19.24
N ASN A 192 18.99 -14.25 19.37
CA ASN A 192 20.21 -14.64 18.66
CA ASN A 192 20.20 -14.64 18.66
C ASN A 192 20.03 -14.52 17.16
N LEU A 193 18.87 -14.98 16.65
CA LEU A 193 18.58 -14.82 15.22
C LEU A 193 18.66 -13.37 14.80
N ASP A 194 18.14 -12.45 15.64
CA ASP A 194 18.23 -11.04 15.35
C ASP A 194 19.68 -10.61 15.21
N LEU A 195 20.51 -10.97 16.19
CA LEU A 195 21.93 -10.60 16.15
C LEU A 195 22.64 -11.19 14.94
N LEU A 196 22.23 -12.38 14.51
CA LEU A 196 22.93 -13.05 13.42
C LEU A 196 22.53 -12.53 12.05
N GLY A 197 21.47 -11.74 11.96
CA GLY A 197 21.11 -11.14 10.69
C GLY A 197 19.69 -11.37 10.22
N TRP A 198 18.86 -12.00 11.07
CA TRP A 198 17.47 -12.29 10.71
C TRP A 198 16.48 -11.39 11.45
N SER A 199 16.91 -10.20 11.89
CA SER A 199 16.03 -9.36 12.71
C SER A 199 14.79 -8.88 11.95
N GLU A 200 14.80 -8.88 10.63
CA GLU A 200 13.64 -8.50 9.82
C GLU A 200 12.85 -9.70 9.31
N ILE A 201 13.19 -10.92 9.70
CA ILE A 201 12.57 -12.13 9.16
C ILE A 201 11.81 -12.83 10.28
N ASP A 202 10.54 -13.11 10.04
CA ASP A 202 9.79 -14.08 10.83
C ASP A 202 10.21 -15.46 10.33
N ILE A 203 11.09 -16.12 11.08
CA ILE A 203 11.70 -17.35 10.61
C ILE A 203 10.66 -18.44 10.41
N PHE A 204 9.47 -18.30 10.99
CA PHE A 204 8.42 -19.30 10.87
C PHE A 204 7.42 -19.01 9.77
N ALA A 205 7.53 -17.87 9.09
CA ALA A 205 6.57 -17.52 8.05
C ALA A 205 6.80 -18.38 6.80
N HIS A 206 5.71 -18.61 6.05
CA HIS A 206 5.84 -19.26 4.75
C HIS A 206 6.65 -18.41 3.79
N SER A 207 6.40 -17.11 3.80
CA SER A 207 7.10 -16.18 2.92
C SER A 207 6.88 -14.75 3.38
N THR B 3 -24.35 39.55 10.73
CA THR B 3 -24.72 38.31 10.06
C THR B 3 -26.23 38.08 10.12
N GLU B 4 -26.81 37.77 8.98
CA GLU B 4 -28.22 37.42 8.88
C GLU B 4 -28.32 36.19 7.98
N ILE B 5 -29.09 35.19 8.42
CA ILE B 5 -29.30 33.97 7.66
C ILE B 5 -30.79 33.81 7.42
N ARG B 6 -31.19 33.85 6.15
CA ARG B 6 -32.58 33.70 5.76
C ARG B 6 -32.79 32.26 5.28
N VAL B 7 -33.74 31.55 5.88
CA VAL B 7 -34.02 30.16 5.54
C VAL B 7 -35.30 30.14 4.72
N HIS B 8 -35.28 29.41 3.60
CA HIS B 8 -36.40 29.34 2.68
C HIS B 8 -36.73 27.90 2.35
N GLN B 9 -37.99 27.66 2.00
CA GLN B 9 -38.42 26.36 1.50
C GLN B 9 -38.61 26.44 -0.01
N GLY B 10 -37.93 25.58 -0.73
CA GLY B 10 -38.12 25.43 -2.16
C GLY B 10 -37.34 26.36 -3.05
N ASP B 11 -37.37 27.65 -2.77
CA ASP B 11 -36.76 28.62 -3.66
C ASP B 11 -36.56 29.92 -2.89
N LEU B 12 -35.70 30.78 -3.41
CA LEU B 12 -35.74 32.17 -2.99
C LEU B 12 -37.14 32.75 -3.28
N PRO B 13 -37.61 33.68 -2.46
CA PRO B 13 -38.88 34.35 -2.80
C PRO B 13 -38.76 35.31 -3.96
N ASN B 14 -37.57 35.86 -4.20
CA ASN B 14 -37.31 36.78 -5.30
C ASN B 14 -35.80 36.96 -5.38
N LEU B 15 -35.36 37.77 -6.34
CA LEU B 15 -33.93 38.01 -6.55
C LEU B 15 -33.50 39.39 -6.07
N ASP B 16 -34.25 39.99 -5.14
CA ASP B 16 -33.94 41.37 -4.76
C ASP B 16 -32.56 41.50 -4.11
N ASN B 17 -32.04 40.45 -3.50
CA ASN B 17 -30.72 40.51 -2.89
C ASN B 17 -29.61 40.01 -3.83
N TYR B 18 -29.94 39.72 -5.08
CA TYR B 18 -28.96 39.08 -5.97
C TYR B 18 -28.88 39.78 -7.32
N ARG B 19 -29.08 41.11 -7.33
CA ARG B 19 -28.77 41.92 -8.50
C ARG B 19 -27.27 42.27 -8.44
N ILE B 20 -26.46 41.24 -8.65
CA ILE B 20 -25.03 41.32 -8.40
C ILE B 20 -24.31 40.60 -9.53
N ASP B 21 -22.98 40.76 -9.56
CA ASP B 21 -22.20 40.17 -10.63
C ASP B 21 -21.57 38.84 -10.28
N ALA B 22 -21.57 38.45 -9.01
CA ALA B 22 -21.04 37.17 -8.57
C ALA B 22 -21.81 36.70 -7.35
N VAL B 23 -22.09 35.41 -7.27
CA VAL B 23 -22.85 34.86 -6.15
C VAL B 23 -22.12 33.63 -5.62
N ALA B 24 -22.04 33.52 -4.30
CA ALA B 24 -21.40 32.38 -3.65
C ALA B 24 -22.43 31.28 -3.49
N VAL B 25 -22.05 30.04 -3.84
CA VAL B 25 -23.01 28.93 -3.90
C VAL B 25 -22.39 27.72 -3.24
N ASP B 26 -23.19 27.00 -2.44
CA ASP B 26 -22.81 25.69 -1.93
C ASP B 26 -24.07 24.83 -1.89
N THR B 27 -23.88 23.52 -1.72
CA THR B 27 -25.00 22.59 -1.58
C THR B 27 -24.79 21.72 -0.35
N GLU B 28 -25.89 21.14 0.14
CA GLU B 28 -25.80 20.01 1.07
C GLU B 28 -26.73 18.93 0.56
N THR B 29 -26.31 17.68 0.76
CA THR B 29 -26.97 16.51 0.20
C THR B 29 -26.96 15.41 1.25
N LEU B 30 -27.60 14.29 0.92
CA LEU B 30 -27.48 13.08 1.72
C LEU B 30 -26.19 12.32 1.47
N GLY B 31 -25.31 12.81 0.60
CA GLY B 31 -24.07 12.12 0.35
C GLY B 31 -23.48 12.50 -0.99
N LEU B 32 -22.39 11.82 -1.33
CA LEU B 32 -21.54 12.25 -2.43
C LEU B 32 -21.89 11.57 -3.75
N GLN B 33 -22.97 10.81 -3.81
CA GLN B 33 -23.35 10.08 -5.01
C GLN B 33 -24.63 10.66 -5.59
N PRO B 34 -24.55 11.56 -6.57
CA PRO B 34 -25.75 12.30 -7.00
C PRO B 34 -26.87 11.40 -7.48
N HIS B 35 -26.57 10.22 -8.01
CA HIS B 35 -27.66 9.36 -8.45
C HIS B 35 -28.38 8.68 -7.29
N ARG B 36 -27.77 8.65 -6.10
CA ARG B 36 -28.42 8.09 -4.92
C ARG B 36 -28.83 9.15 -3.91
N ASP B 37 -28.02 10.19 -3.75
CA ASP B 37 -28.08 11.13 -2.64
C ASP B 37 -28.67 12.45 -3.13
N ARG B 38 -29.91 12.75 -2.70
CA ARG B 38 -30.61 13.91 -3.22
C ARG B 38 -30.03 15.23 -2.71
N LEU B 39 -30.20 16.28 -3.51
CA LEU B 39 -29.93 17.63 -3.07
C LEU B 39 -30.90 18.02 -1.95
N CYS B 40 -30.36 18.52 -0.85
CA CYS B 40 -31.18 18.86 0.32
C CYS B 40 -31.21 20.35 0.62
N VAL B 41 -30.09 21.04 0.38
CA VAL B 41 -29.96 22.46 0.68
C VAL B 41 -29.15 23.09 -0.45
N VAL B 42 -29.52 24.31 -0.82
CA VAL B 42 -28.67 25.18 -1.63
C VAL B 42 -28.46 26.46 -0.82
N GLN B 43 -27.20 26.85 -0.66
CA GLN B 43 -26.85 28.07 0.06
C GLN B 43 -26.33 29.12 -0.91
N LEU B 44 -26.71 30.37 -0.68
CA LEU B 44 -26.28 31.50 -1.49
C LEU B 44 -25.83 32.65 -0.61
N SER B 45 -24.84 33.39 -1.08
CA SER B 45 -24.55 34.69 -0.47
C SER B 45 -24.19 35.69 -1.55
N SER B 46 -24.60 36.94 -1.35
CA SER B 46 -24.18 38.02 -2.22
C SER B 46 -22.82 38.59 -1.85
N GLY B 47 -22.20 38.08 -0.79
CA GLY B 47 -20.97 38.66 -0.28
C GLY B 47 -21.17 39.78 0.71
N ASP B 48 -22.41 40.09 1.10
CA ASP B 48 -22.67 41.21 2.00
C ASP B 48 -22.70 40.78 3.47
N GLY B 49 -22.19 39.61 3.80
CA GLY B 49 -22.27 39.14 5.17
C GLY B 49 -23.56 38.46 5.55
N THR B 50 -24.50 38.28 4.60
CA THR B 50 -25.73 37.55 4.86
C THR B 50 -25.83 36.35 3.91
N ALA B 51 -26.65 35.38 4.30
CA ALA B 51 -26.76 34.17 3.48
C ALA B 51 -28.21 33.73 3.40
N ASP B 52 -28.54 33.09 2.29
CA ASP B 52 -29.83 32.45 2.09
C ASP B 52 -29.62 30.95 2.07
N VAL B 53 -30.38 30.25 2.90
CA VAL B 53 -30.30 28.80 3.01
C VAL B 53 -31.63 28.26 2.53
N ILE B 54 -31.62 27.53 1.42
CA ILE B 54 -32.83 27.08 0.75
C ILE B 54 -32.93 25.58 0.91
N GLN B 55 -33.97 25.12 1.60
CA GLN B 55 -34.23 23.68 1.67
C GLN B 55 -34.92 23.21 0.40
N ILE B 56 -34.38 22.14 -0.18
CA ILE B 56 -34.89 21.51 -1.39
C ILE B 56 -35.63 20.25 -0.99
N ALA B 57 -36.87 20.11 -1.45
CA ALA B 57 -37.67 18.95 -1.07
C ALA B 57 -37.25 17.70 -1.84
N LYS B 58 -37.60 16.55 -1.27
CA LYS B 58 -37.42 15.27 -1.95
C LYS B 58 -38.14 15.31 -3.30
N GLY B 59 -37.44 14.91 -4.36
CA GLY B 59 -38.02 14.88 -5.69
C GLY B 59 -38.16 16.23 -6.35
N GLN B 60 -37.76 17.32 -5.71
CA GLN B 60 -37.90 18.64 -6.30
C GLN B 60 -36.93 18.80 -7.47
N LYS B 61 -37.44 19.27 -8.61
CA LYS B 61 -36.58 19.41 -9.79
C LYS B 61 -36.65 20.78 -10.41
N SER B 62 -37.26 21.75 -9.73
CA SER B 62 -37.30 23.13 -10.19
CA SER B 62 -37.36 23.13 -10.19
C SER B 62 -37.17 24.04 -8.98
N ALA B 63 -36.73 25.26 -9.24
CA ALA B 63 -36.52 26.33 -8.29
C ALA B 63 -36.24 27.56 -9.16
N PRO B 64 -37.28 28.22 -9.67
CA PRO B 64 -37.07 29.16 -10.79
C PRO B 64 -36.16 30.33 -10.46
N ASN B 65 -36.25 30.91 -9.26
CA ASN B 65 -35.40 32.05 -8.95
C ASN B 65 -33.94 31.62 -8.80
N LEU B 66 -33.69 30.57 -8.01
CA LEU B 66 -32.35 29.99 -7.93
C LEU B 66 -31.80 29.66 -9.31
N VAL B 67 -32.64 29.02 -10.15
CA VAL B 67 -32.14 28.56 -11.45
C VAL B 67 -31.88 29.73 -12.39
N ARG B 68 -32.67 30.81 -12.30
CA ARG B 68 -32.36 32.02 -13.05
CA ARG B 68 -32.37 32.02 -13.05
C ARG B 68 -30.94 32.50 -12.76
N LEU B 69 -30.57 32.52 -11.48
CA LEU B 69 -29.21 32.92 -11.10
C LEU B 69 -28.17 31.95 -11.65
N LEU B 70 -28.42 30.64 -11.52
CA LEU B 70 -27.46 29.65 -11.98
C LEU B 70 -27.25 29.71 -13.49
N SER B 71 -28.29 30.10 -14.24
CA SER B 71 -28.23 30.17 -15.70
CA SER B 71 -28.17 30.15 -15.69
C SER B 71 -27.74 31.52 -16.22
N ASP B 72 -27.61 32.53 -15.35
CA ASP B 72 -27.33 33.89 -15.77
C ASP B 72 -25.84 34.02 -16.12
N ARG B 73 -25.54 34.11 -17.42
CA ARG B 73 -24.14 34.18 -17.86
C ARG B 73 -23.43 35.44 -17.39
N ASP B 74 -24.16 36.46 -16.96
CA ASP B 74 -23.52 37.68 -16.46
C ASP B 74 -23.20 37.62 -14.98
N ILE B 75 -23.49 36.50 -14.31
CA ILE B 75 -23.23 36.37 -12.88
C ILE B 75 -22.28 35.19 -12.68
N THR B 76 -21.12 35.46 -12.10
CA THR B 76 -20.21 34.37 -11.78
C THR B 76 -20.67 33.62 -10.55
N LYS B 77 -20.76 32.30 -10.66
CA LYS B 77 -21.06 31.45 -9.52
C LYS B 77 -19.75 31.04 -8.87
N ILE B 78 -19.57 31.41 -7.60
CA ILE B 78 -18.36 31.09 -6.84
C ILE B 78 -18.66 29.88 -5.98
N PHE B 79 -17.82 28.86 -6.10
CA PHE B 79 -17.95 27.65 -5.30
C PHE B 79 -16.62 27.39 -4.60
N HIS B 80 -16.68 26.58 -3.53
CA HIS B 80 -15.50 25.84 -3.06
C HIS B 80 -15.73 24.38 -3.44
N PHE B 81 -14.85 23.85 -4.29
CA PHE B 81 -15.04 22.55 -4.93
C PHE B 81 -16.36 22.49 -5.71
N GLY B 82 -16.47 23.41 -6.68
CA GLY B 82 -17.62 23.45 -7.56
C GLY B 82 -17.82 22.18 -8.35
N ARG B 83 -16.77 21.35 -8.50
CA ARG B 83 -16.92 20.10 -9.22
C ARG B 83 -18.09 19.29 -8.68
N PHE B 84 -18.26 19.25 -7.36
CA PHE B 84 -19.38 18.50 -6.82
C PHE B 84 -20.68 19.28 -6.94
N ASP B 85 -20.68 20.54 -6.50
CA ASP B 85 -21.91 21.33 -6.51
C ASP B 85 -22.50 21.43 -7.91
N LEU B 86 -21.65 21.66 -8.92
CA LEU B 86 -22.12 21.72 -10.30
C LEU B 86 -22.82 20.42 -10.72
N ALA B 87 -22.26 19.28 -10.31
CA ALA B 87 -22.87 18.00 -10.68
C ALA B 87 -24.25 17.85 -10.07
N ILE B 88 -24.37 18.09 -8.76
CA ILE B 88 -25.67 17.84 -8.14
C ILE B 88 -26.69 18.89 -8.58
N LEU B 89 -26.27 20.14 -8.77
CA LEU B 89 -27.20 21.14 -9.28
C LEU B 89 -27.68 20.81 -10.68
N ALA B 90 -26.77 20.39 -11.57
CA ALA B 90 -27.20 20.06 -12.93
C ALA B 90 -28.07 18.82 -12.94
N HIS B 91 -27.68 17.81 -12.15
CA HIS B 91 -28.50 16.60 -12.02
C HIS B 91 -29.91 16.92 -11.52
N THR B 92 -30.04 17.88 -10.61
CA THR B 92 -31.32 18.10 -9.95
C THR B 92 -32.22 19.01 -10.77
N PHE B 93 -31.66 20.12 -11.27
CA PHE B 93 -32.43 21.17 -11.93
C PHE B 93 -32.28 21.19 -13.43
N GLY B 94 -31.39 20.38 -14.00
CA GLY B 94 -31.28 20.31 -15.44
C GLY B 94 -30.53 21.44 -16.08
N VAL B 95 -29.85 22.27 -15.29
CA VAL B 95 -29.10 23.42 -15.78
C VAL B 95 -27.68 23.33 -15.26
N MET B 96 -26.70 23.44 -16.16
CA MET B 96 -25.30 23.42 -15.78
C MET B 96 -24.74 24.83 -15.83
N PRO B 97 -24.45 25.48 -14.69
CA PRO B 97 -23.79 26.80 -14.74
C PRO B 97 -22.50 26.72 -15.54
N ASP B 98 -22.22 27.78 -16.33
CA ASP B 98 -20.99 27.78 -17.11
C ASP B 98 -20.17 29.06 -16.95
N VAL B 99 -20.44 29.85 -15.91
CA VAL B 99 -19.57 30.96 -15.54
C VAL B 99 -19.27 30.77 -14.07
N VAL B 100 -18.06 30.29 -13.75
CA VAL B 100 -17.77 29.81 -12.42
C VAL B 100 -16.38 30.22 -11.97
N PHE B 101 -16.21 30.25 -10.65
CA PHE B 101 -14.93 30.39 -9.98
C PHE B 101 -14.94 29.37 -8.85
N CYS B 102 -13.84 28.61 -8.71
CA CYS B 102 -13.75 27.60 -7.67
C CYS B 102 -12.55 27.91 -6.78
N THR B 103 -12.81 28.11 -5.50
CA THR B 103 -11.72 28.46 -4.59
C THR B 103 -10.79 27.29 -4.33
N LYS B 104 -11.23 26.04 -4.53
CA LYS B 104 -10.30 24.93 -4.34
C LYS B 104 -9.30 24.88 -5.48
N ILE B 105 -9.77 24.99 -6.73
CA ILE B 105 -8.85 25.07 -7.86
C ILE B 105 -7.93 26.29 -7.72
N ALA B 106 -8.49 27.43 -7.32
CA ALA B 106 -7.66 28.61 -7.13
C ALA B 106 -6.58 28.39 -6.08
N SER B 107 -6.95 27.77 -4.95
CA SER B 107 -5.98 27.46 -3.91
C SER B 107 -4.87 26.54 -4.44
N LYS B 108 -5.26 25.50 -5.19
CA LYS B 108 -4.26 24.59 -5.75
C LYS B 108 -3.32 25.31 -6.70
N LEU B 109 -3.78 26.38 -7.36
CA LEU B 109 -2.93 27.12 -8.30
C LEU B 109 -2.10 28.21 -7.65
N THR B 110 -2.35 28.55 -6.37
CA THR B 110 -1.69 29.68 -5.71
C THR B 110 -1.05 29.32 -4.39
N ARG B 111 -1.70 28.49 -3.56
CA ARG B 111 -1.13 28.09 -2.29
C ARG B 111 -0.26 26.86 -2.54
N THR B 112 0.82 27.10 -3.28
CA THR B 112 1.72 26.06 -3.75
C THR B 112 2.61 25.49 -2.65
N TYR B 113 2.51 26.05 -1.44
CA TYR B 113 3.35 25.68 -0.30
C TYR B 113 2.64 24.71 0.65
N THR B 114 1.48 24.19 0.27
CA THR B 114 0.73 23.34 1.17
C THR B 114 -0.04 22.35 0.32
N ASP B 115 -0.43 21.23 0.93
CA ASP B 115 -1.37 20.32 0.31
C ASP B 115 -2.73 20.37 0.98
N ARG B 116 -2.98 21.37 1.83
CA ARG B 116 -4.24 21.49 2.55
C ARG B 116 -5.09 22.57 1.86
N HIS B 117 -6.03 22.13 1.02
CA HIS B 117 -6.85 23.02 0.22
C HIS B 117 -8.32 22.94 0.59
N GLY B 118 -8.63 22.56 1.83
CA GLY B 118 -10.00 22.59 2.28
C GLY B 118 -10.44 23.99 2.69
N LEU B 119 -11.76 24.20 2.70
CA LEU B 119 -12.30 25.53 2.97
C LEU B 119 -11.93 26.01 4.37
N LYS B 120 -11.99 25.11 5.37
CA LYS B 120 -11.61 25.50 6.72
C LYS B 120 -10.17 26.01 6.78
N GLU B 121 -9.24 25.27 6.16
CA GLU B 121 -7.83 25.67 6.17
CA GLU B 121 -7.84 25.69 6.20
C GLU B 121 -7.63 27.00 5.46
N ILE B 122 -8.32 27.19 4.33
CA ILE B 122 -8.18 28.41 3.54
C ILE B 122 -8.72 29.61 4.31
N CYS B 123 -9.91 29.45 4.91
CA CYS B 123 -10.50 30.54 5.68
C CYS B 123 -9.62 30.93 6.85
N GLY B 124 -9.04 29.95 7.53
CA GLY B 124 -8.19 30.27 8.66
C GLY B 124 -6.94 31.03 8.23
N GLU B 125 -6.33 30.58 7.13
CA GLU B 125 -5.06 31.18 6.69
C GLU B 125 -5.28 32.54 6.05
N LEU B 126 -6.26 32.66 5.15
CA LEU B 126 -6.38 33.91 4.40
C LEU B 126 -7.21 34.96 5.13
N LEU B 127 -8.16 34.54 5.98
CA LEU B 127 -9.09 35.47 6.61
C LEU B 127 -9.04 35.47 8.12
N ASN B 128 -8.30 34.54 8.74
CA ASN B 128 -8.36 34.34 10.18
C ASN B 128 -9.79 34.06 10.65
N VAL B 129 -10.54 33.31 9.83
CA VAL B 129 -11.92 32.91 10.14
C VAL B 129 -11.91 31.42 10.44
N ASN B 130 -12.53 31.04 11.55
CA ASN B 130 -12.63 29.65 11.96
C ASN B 130 -13.94 29.05 11.49
N ILE B 131 -13.85 28.02 10.65
CA ILE B 131 -15.00 27.24 10.18
C ILE B 131 -15.06 25.95 10.99
N SER B 132 -16.22 25.64 11.55
CA SER B 132 -16.40 24.35 12.23
C SER B 132 -16.97 23.33 11.27
N LYS B 133 -16.42 22.11 11.29
CA LYS B 133 -16.87 21.05 10.38
C LYS B 133 -17.85 20.08 11.03
N GLN B 134 -18.26 20.33 12.27
CA GLN B 134 -19.00 19.30 13.03
C GLN B 134 -20.30 18.89 12.33
N GLN B 135 -21.04 19.84 11.77
CA GLN B 135 -22.35 19.53 11.20
C GLN B 135 -22.28 18.95 9.78
N GLN B 136 -21.09 18.88 9.19
CA GLN B 136 -20.96 18.27 7.86
C GLN B 136 -21.63 16.90 7.83
N SER B 137 -21.39 16.09 8.87
CA SER B 137 -22.01 14.78 9.00
C SER B 137 -23.29 14.95 9.81
N SER B 138 -24.37 15.30 9.13
CA SER B 138 -25.68 15.42 9.74
C SER B 138 -26.72 15.07 8.68
N ASP B 139 -27.98 14.92 9.13
CA ASP B 139 -29.09 14.60 8.23
C ASP B 139 -29.54 15.90 7.56
N TRP B 140 -28.97 16.19 6.40
CA TRP B 140 -29.36 17.39 5.68
C TRP B 140 -30.76 17.27 5.06
N ALA B 141 -31.36 16.09 5.07
CA ALA B 141 -32.71 15.90 4.56
C ALA B 141 -33.79 16.17 5.60
N ALA B 142 -33.39 16.52 6.83
CA ALA B 142 -34.36 16.74 7.90
C ALA B 142 -35.40 17.78 7.49
N GLU B 143 -36.65 17.53 7.88
CA GLU B 143 -37.70 18.49 7.58
C GLU B 143 -37.38 19.87 8.18
N THR B 144 -36.82 19.90 9.37
CA THR B 144 -36.36 21.14 9.99
C THR B 144 -34.87 21.01 10.31
N LEU B 145 -34.06 21.89 9.73
CA LEU B 145 -32.64 21.95 10.07
C LEU B 145 -32.45 22.54 11.46
N SER B 146 -31.40 22.10 12.14
CA SER B 146 -31.03 22.69 13.42
C SER B 146 -30.33 24.03 13.18
N ARG B 147 -30.25 24.82 14.26
CA ARG B 147 -29.49 26.07 14.20
CA ARG B 147 -29.49 26.07 14.19
C ARG B 147 -28.05 25.80 13.79
N ALA B 148 -27.45 24.74 14.34
CA ALA B 148 -26.06 24.43 13.98
C ALA B 148 -25.92 24.11 12.51
N GLN B 149 -26.86 23.32 11.96
CA GLN B 149 -26.85 23.05 10.52
C GLN B 149 -26.99 24.32 9.72
N ILE B 150 -27.93 25.18 10.10
CA ILE B 150 -28.15 26.42 9.36
C ILE B 150 -26.90 27.28 9.37
N GLU B 151 -26.27 27.44 10.55
CA GLU B 151 -25.09 28.29 10.63
C GLU B 151 -23.90 27.67 9.90
N TYR B 152 -23.76 26.34 9.93
CA TYR B 152 -22.71 25.70 9.15
C TYR B 152 -22.94 25.93 7.65
N ALA B 153 -24.17 25.71 7.19
CA ALA B 153 -24.46 25.84 5.77
C ALA B 153 -24.17 27.26 5.30
N ALA B 154 -24.56 28.26 6.11
CA ALA B 154 -24.29 29.65 5.76
C ALA B 154 -22.80 29.93 5.74
N SER B 155 -22.05 29.34 6.68
CA SER B 155 -20.63 29.62 6.77
C SER B 155 -19.90 29.18 5.51
N ASP B 156 -20.45 28.20 4.78
CA ASP B 156 -19.80 27.75 3.55
C ASP B 156 -19.87 28.79 2.43
N VAL B 157 -20.78 29.74 2.49
CA VAL B 157 -20.91 30.74 1.43
C VAL B 157 -20.60 32.16 1.91
N LEU B 158 -20.50 32.40 3.21
CA LEU B 158 -20.33 33.77 3.71
C LEU B 158 -18.99 34.39 3.34
N TYR B 159 -17.99 33.59 2.97
CA TYR B 159 -16.62 34.10 2.82
C TYR B 159 -16.04 33.88 1.43
N LEU B 160 -16.82 33.35 0.49
CA LEU B 160 -16.26 32.97 -0.80
C LEU B 160 -15.89 34.19 -1.65
N HIS B 161 -16.65 35.28 -1.53
CA HIS B 161 -16.30 36.50 -2.25
C HIS B 161 -14.94 37.04 -1.79
N ARG B 162 -14.73 37.09 -0.48
CA ARG B 162 -13.44 37.58 0.04
C ARG B 162 -12.30 36.66 -0.37
N LEU B 163 -12.52 35.34 -0.38
CA LEU B 163 -11.49 34.43 -0.86
C LEU B 163 -11.23 34.61 -2.34
N LYS B 164 -12.30 34.79 -3.14
CA LYS B 164 -12.13 34.98 -4.57
C LYS B 164 -11.26 36.21 -4.84
N ASP B 165 -11.50 37.31 -4.11
CA ASP B 165 -10.70 38.51 -4.33
C ASP B 165 -9.23 38.26 -4.06
N ILE B 166 -8.92 37.54 -2.97
CA ILE B 166 -7.51 37.29 -2.62
C ILE B 166 -6.87 36.35 -3.64
N PHE B 167 -7.56 35.28 -4.00
CA PHE B 167 -7.03 34.34 -4.99
C PHE B 167 -6.83 35.02 -6.34
N GLU B 168 -7.73 35.93 -6.73
CA GLU B 168 -7.52 36.66 -7.98
C GLU B 168 -6.26 37.52 -7.93
N GLU B 169 -5.99 38.15 -6.77
CA GLU B 169 -4.74 38.89 -6.62
C GLU B 169 -3.54 37.97 -6.81
N ARG B 170 -3.57 36.79 -6.17
CA ARG B 170 -2.44 35.86 -6.27
C ARG B 170 -2.29 35.30 -7.67
N LEU B 171 -3.41 34.98 -8.34
CA LEU B 171 -3.35 34.51 -9.71
C LEU B 171 -2.71 35.56 -10.64
N LYS B 172 -3.01 36.84 -10.40
CA LYS B 172 -2.37 37.90 -11.17
C LYS B 172 -0.90 38.01 -10.83
N ARG B 173 -0.57 38.00 -9.53
CA ARG B 173 0.81 38.14 -9.09
C ARG B 173 1.70 37.06 -9.70
N GLU B 174 1.24 35.80 -9.68
CA GLU B 174 2.03 34.70 -10.22
C GLU B 174 1.73 34.42 -11.68
N GLU B 175 0.91 35.25 -12.32
CA GLU B 175 0.69 35.20 -13.77
C GLU B 175 0.07 33.87 -14.20
N ARG B 176 -0.99 33.47 -13.49
CA ARG B 176 -1.70 32.22 -13.77
C ARG B 176 -3.17 32.45 -14.07
N GLU B 177 -3.55 33.66 -14.50
CA GLU B 177 -4.96 33.93 -14.73
C GLU B 177 -5.52 33.09 -15.87
N SER B 178 -4.78 32.97 -16.98
CA SER B 178 -5.30 32.20 -18.10
C SER B 178 -5.37 30.72 -17.76
N VAL B 179 -4.45 30.23 -16.92
CA VAL B 179 -4.50 28.85 -16.47
C VAL B 179 -5.77 28.60 -15.67
N ALA B 180 -6.02 29.44 -14.67
CA ALA B 180 -7.23 29.30 -13.85
C ALA B 180 -8.49 29.39 -14.69
N LYS B 181 -8.53 30.33 -15.62
CA LYS B 181 -9.72 30.50 -16.46
C LYS B 181 -10.01 29.24 -17.26
N ALA B 182 -8.97 28.60 -17.81
CA ALA B 182 -9.15 27.35 -18.53
C ALA B 182 -9.68 26.25 -17.61
N CYS B 183 -9.14 26.16 -16.38
CA CYS B 183 -9.65 25.17 -15.45
C CYS B 183 -11.12 25.42 -15.14
N PHE B 184 -11.49 26.68 -14.86
CA PHE B 184 -12.88 27.00 -14.59
C PHE B 184 -13.76 26.70 -15.80
N GLN B 185 -13.25 26.92 -17.00
CA GLN B 185 -14.05 26.66 -18.20
C GLN B 185 -14.31 25.17 -18.38
N PHE B 186 -13.34 24.33 -18.01
CA PHE B 186 -13.58 22.90 -18.13
C PHE B 186 -14.39 22.34 -16.97
N LEU B 187 -14.46 23.05 -15.85
CA LEU B 187 -15.05 22.49 -14.64
C LEU B 187 -16.48 21.97 -14.83
N PRO B 188 -17.39 22.64 -15.55
CA PRO B 188 -18.72 22.03 -15.78
C PRO B 188 -18.65 20.71 -16.52
N MET B 189 -17.74 20.57 -17.47
CA MET B 189 -17.63 19.30 -18.18
C MET B 189 -17.01 18.22 -17.30
N ARG B 190 -16.09 18.61 -16.40
CA ARG B 190 -15.60 17.66 -15.41
C ARG B 190 -16.73 17.17 -14.52
N ALA B 191 -17.62 18.08 -14.09
CA ALA B 191 -18.79 17.67 -13.34
C ALA B 191 -19.71 16.78 -14.18
N ASN B 192 -19.88 17.12 -15.46
CA ASN B 192 -20.68 16.27 -16.34
CA ASN B 192 -20.67 16.26 -16.35
C ASN B 192 -20.07 14.87 -16.45
N LEU B 193 -18.73 14.80 -16.64
CA LEU B 193 -18.07 13.49 -16.69
C LEU B 193 -18.39 12.68 -15.45
N ASP B 194 -18.42 13.33 -14.28
CA ASP B 194 -18.75 12.62 -13.06
C ASP B 194 -20.14 12.03 -13.14
N LEU B 195 -21.11 12.83 -13.59
CA LEU B 195 -22.49 12.36 -13.65
C LEU B 195 -22.64 11.20 -14.63
N LEU B 196 -21.89 11.22 -15.73
CA LEU B 196 -22.02 10.21 -16.77
C LEU B 196 -21.31 8.91 -16.41
N GLY B 197 -20.48 8.90 -15.37
CA GLY B 197 -19.88 7.66 -14.90
C GLY B 197 -18.37 7.65 -14.77
N TRP B 198 -17.72 8.81 -14.94
CA TRP B 198 -16.26 8.88 -14.84
C TRP B 198 -15.78 9.56 -13.55
N SER B 199 -16.60 9.55 -12.49
CA SER B 199 -16.25 10.30 -11.29
C SER B 199 -14.98 9.78 -10.60
N GLU B 200 -14.61 8.51 -10.83
CA GLU B 200 -13.39 7.95 -10.27
C GLU B 200 -12.21 7.99 -11.24
N ILE B 201 -12.35 8.64 -12.40
CA ILE B 201 -11.33 8.60 -13.45
C ILE B 201 -10.80 10.01 -13.66
N ASP B 202 -9.48 10.17 -13.57
CA ASP B 202 -8.81 11.37 -14.07
C ASP B 202 -8.71 11.18 -15.58
N ILE B 203 -9.58 11.88 -16.33
CA ILE B 203 -9.67 11.64 -17.76
C ILE B 203 -8.37 11.99 -18.47
N PHE B 204 -7.49 12.76 -17.83
CA PHE B 204 -6.24 13.18 -18.46
C PHE B 204 -5.04 12.31 -18.06
N ALA B 205 -5.22 11.34 -17.17
CA ALA B 205 -4.09 10.54 -16.75
C ALA B 205 -3.69 9.54 -17.85
N HIS B 206 -2.41 9.20 -17.88
CA HIS B 206 -1.97 8.15 -18.79
C HIS B 206 -2.63 6.81 -18.47
N SER B 207 -2.68 6.46 -17.18
CA SER B 207 -3.24 5.18 -16.78
C SER B 207 -3.60 5.17 -15.30
N MET C 2 -17.72 -27.56 -34.48
CA MET C 2 -18.23 -26.19 -34.43
C MET C 2 -19.59 -26.14 -33.74
N THR C 3 -19.67 -25.38 -32.66
CA THR C 3 -20.87 -25.32 -31.85
C THR C 3 -22.02 -24.68 -32.61
N GLU C 4 -23.23 -25.23 -32.44
CA GLU C 4 -24.43 -24.57 -32.95
C GLU C 4 -24.75 -23.38 -32.07
N ILE C 5 -24.67 -22.19 -32.64
CA ILE C 5 -24.98 -20.95 -31.95
C ILE C 5 -26.02 -20.20 -32.75
N ARG C 6 -27.18 -19.96 -32.15
CA ARG C 6 -28.27 -19.25 -32.80
C ARG C 6 -28.21 -17.78 -32.38
N VAL C 7 -28.09 -16.89 -33.35
CA VAL C 7 -27.97 -15.46 -33.09
C VAL C 7 -29.31 -14.79 -33.38
N HIS C 8 -29.80 -14.02 -32.42
CA HIS C 8 -31.11 -13.37 -32.51
C HIS C 8 -30.99 -11.86 -32.32
N GLN C 9 -31.93 -11.13 -32.89
CA GLN C 9 -32.03 -9.69 -32.69
C GLN C 9 -33.18 -9.40 -31.75
N GLY C 10 -32.89 -8.78 -30.62
CA GLY C 10 -33.92 -8.35 -29.69
C GLY C 10 -34.45 -9.34 -28.67
N ASP C 11 -34.83 -10.54 -29.12
CA ASP C 11 -35.45 -11.52 -28.23
C ASP C 11 -35.30 -12.90 -28.83
N LEU C 12 -35.49 -13.91 -28.00
CA LEU C 12 -35.73 -15.25 -28.51
C LEU C 12 -36.98 -15.25 -29.38
N PRO C 13 -36.99 -15.97 -30.50
CA PRO C 13 -38.22 -16.05 -31.28
C PRO C 13 -39.34 -16.77 -30.55
N ASN C 14 -38.99 -17.69 -29.66
CA ASN C 14 -39.95 -18.49 -28.90
C ASN C 14 -39.16 -19.20 -27.80
N LEU C 15 -39.88 -19.89 -26.94
CA LEU C 15 -39.27 -20.63 -25.83
C LEU C 15 -39.23 -22.13 -26.08
N ASP C 16 -39.27 -22.57 -27.34
CA ASP C 16 -39.37 -24.01 -27.60
C ASP C 16 -38.14 -24.77 -27.12
N ASN C 17 -36.97 -24.14 -27.11
CA ASN C 17 -35.76 -24.78 -26.62
C ASN C 17 -35.59 -24.64 -25.12
N TYR C 18 -36.56 -24.08 -24.40
CA TYR C 18 -36.34 -23.71 -23.01
C TYR C 18 -37.48 -24.18 -22.11
N ARG C 19 -38.11 -25.29 -22.46
CA ARG C 19 -39.03 -25.98 -21.55
C ARG C 19 -38.21 -26.91 -20.65
N ILE C 20 -37.49 -26.29 -19.73
CA ILE C 20 -36.45 -26.96 -18.94
C ILE C 20 -36.51 -26.41 -17.52
N ASP C 21 -35.83 -27.10 -16.60
CA ASP C 21 -35.82 -26.73 -15.19
CA ASP C 21 -35.85 -26.70 -15.21
C ASP C 21 -34.73 -25.73 -14.84
N ALA C 22 -33.75 -25.53 -15.72
CA ALA C 22 -32.67 -24.60 -15.43
C ALA C 22 -32.07 -24.10 -16.73
N VAL C 23 -31.80 -22.80 -16.79
CA VAL C 23 -31.25 -22.16 -17.98
C VAL C 23 -30.00 -21.40 -17.59
N ALA C 24 -28.94 -21.55 -18.41
CA ALA C 24 -27.69 -20.83 -18.21
C ALA C 24 -27.78 -19.46 -18.86
N VAL C 25 -27.36 -18.42 -18.13
CA VAL C 25 -27.54 -17.04 -18.55
C VAL C 25 -26.23 -16.29 -18.38
N ASP C 26 -25.93 -15.42 -19.34
CA ASP C 26 -24.84 -14.46 -19.22
C ASP C 26 -25.24 -13.22 -20.01
N THR C 27 -24.49 -12.13 -19.80
CA THR C 27 -24.71 -10.88 -20.51
C THR C 27 -23.39 -10.36 -21.05
N GLU C 28 -23.46 -9.50 -22.07
CA GLU C 28 -22.34 -8.65 -22.46
C GLU C 28 -22.82 -7.21 -22.55
N THR C 29 -21.94 -6.28 -22.16
CA THR C 29 -22.29 -4.88 -22.04
C THR C 29 -21.14 -4.02 -22.57
N LEU C 30 -21.35 -2.70 -22.55
CA LEU C 30 -20.25 -1.79 -22.87
C LEU C 30 -19.34 -1.55 -21.67
N GLY C 31 -19.54 -2.25 -20.56
CA GLY C 31 -18.72 -2.04 -19.38
C GLY C 31 -19.50 -2.39 -18.13
N LEU C 32 -18.84 -2.20 -16.99
CA LEU C 32 -19.34 -2.71 -15.72
C LEU C 32 -20.17 -1.71 -14.94
N GLN C 33 -20.55 -0.59 -15.53
CA GLN C 33 -21.35 0.41 -14.81
C GLN C 33 -22.73 0.46 -15.45
N PRO C 34 -23.74 -0.21 -14.85
CA PRO C 34 -25.04 -0.32 -15.53
C PRO C 34 -25.71 1.00 -15.84
N HIS C 35 -25.46 2.06 -15.08
CA HIS C 35 -26.12 3.32 -15.40
C HIS C 35 -25.48 4.04 -16.59
N ARG C 36 -24.28 3.65 -16.99
CA ARG C 36 -23.60 4.20 -18.16
C ARG C 36 -23.53 3.23 -19.33
N ASP C 37 -23.30 1.96 -19.04
CA ASP C 37 -22.86 0.96 -20.03
C ASP C 37 -24.04 0.04 -20.35
N ARG C 38 -24.56 0.15 -21.57
CA ARG C 38 -25.80 -0.53 -21.92
C ARG C 38 -25.61 -2.03 -22.08
N LEU C 39 -26.69 -2.76 -21.84
CA LEU C 39 -26.75 -4.18 -22.17
C LEU C 39 -26.72 -4.35 -23.68
N CYS C 40 -25.79 -5.17 -24.16
CA CYS C 40 -25.62 -5.40 -25.58
C CYS C 40 -26.00 -6.80 -26.02
N VAL C 41 -25.77 -7.80 -25.18
CA VAL C 41 -25.99 -9.19 -25.53
C VAL C 41 -26.53 -9.93 -24.30
N VAL C 42 -27.45 -10.86 -24.53
CA VAL C 42 -27.85 -11.85 -23.54
C VAL C 42 -27.64 -13.21 -24.18
N GLN C 43 -26.92 -14.09 -23.48
CA GLN C 43 -26.67 -15.44 -23.95
C GLN C 43 -27.41 -16.44 -23.07
N LEU C 44 -27.94 -17.49 -23.70
CA LEU C 44 -28.70 -18.53 -23.03
C LEU C 44 -28.24 -19.89 -23.52
N SER C 45 -28.28 -20.87 -22.63
CA SER C 45 -28.10 -22.26 -23.03
C SER C 45 -28.99 -23.15 -22.19
N SER C 46 -29.65 -24.10 -22.86
CA SER C 46 -30.40 -25.16 -22.18
C SER C 46 -29.49 -26.23 -21.60
N GLY C 47 -28.21 -26.22 -21.95
CA GLY C 47 -27.29 -27.25 -21.50
C GLY C 47 -27.07 -28.39 -22.47
N ASP C 48 -27.67 -28.33 -23.66
CA ASP C 48 -27.52 -29.37 -24.67
C ASP C 48 -26.33 -29.13 -25.60
N GLY C 49 -25.40 -28.25 -25.23
CA GLY C 49 -24.27 -27.97 -26.08
C GLY C 49 -24.50 -26.93 -27.15
N THR C 50 -25.69 -26.33 -27.20
CA THR C 50 -25.99 -25.24 -28.11
C THR C 50 -26.27 -23.98 -27.30
N ALA C 51 -26.20 -22.82 -27.96
CA ALA C 51 -26.43 -21.56 -27.28
C ALA C 51 -27.27 -20.64 -28.15
N ASP C 52 -27.93 -19.70 -27.49
CA ASP C 52 -28.63 -18.61 -28.13
C ASP C 52 -27.94 -17.31 -27.73
N VAL C 53 -27.61 -16.49 -28.73
CA VAL C 53 -26.94 -15.21 -28.52
C VAL C 53 -27.90 -14.12 -29.00
N ILE C 54 -28.38 -13.29 -28.08
CA ILE C 54 -29.42 -12.30 -28.37
C ILE C 54 -28.80 -10.91 -28.32
N GLN C 55 -28.76 -10.23 -29.47
CA GLN C 55 -28.29 -8.86 -29.50
C GLN C 55 -29.38 -7.91 -29.04
N ILE C 56 -29.07 -7.09 -28.04
CA ILE C 56 -29.99 -6.13 -27.45
C ILE C 56 -29.69 -4.76 -28.03
N ALA C 57 -30.71 -4.09 -28.56
CA ALA C 57 -30.46 -2.82 -29.22
C ALA C 57 -30.33 -1.69 -28.20
N LYS C 58 -29.62 -0.64 -28.61
CA LYS C 58 -29.56 0.56 -27.79
C LYS C 58 -30.96 1.06 -27.52
N GLY C 59 -31.25 1.34 -26.24
CA GLY C 59 -32.56 1.81 -25.86
C GLY C 59 -33.65 0.76 -25.81
N GLN C 60 -33.33 -0.52 -25.99
CA GLN C 60 -34.35 -1.57 -25.93
C GLN C 60 -34.81 -1.77 -24.49
N LYS C 61 -36.12 -1.73 -24.27
CA LYS C 61 -36.67 -1.82 -22.92
C LYS C 61 -37.51 -3.06 -22.67
N SER C 62 -37.76 -3.90 -23.67
CA SER C 62 -38.45 -5.16 -23.41
C SER C 62 -37.85 -6.28 -24.25
N ALA C 63 -37.99 -7.50 -23.71
CA ALA C 63 -37.61 -8.71 -24.43
C ALA C 63 -38.53 -9.82 -23.92
N PRO C 64 -39.76 -9.87 -24.45
CA PRO C 64 -40.81 -10.68 -23.78
C PRO C 64 -40.45 -12.14 -23.51
N ASN C 65 -39.89 -12.86 -24.49
CA ASN C 65 -39.57 -14.27 -24.26
C ASN C 65 -38.43 -14.42 -23.26
N LEU C 66 -37.37 -13.62 -23.41
CA LEU C 66 -36.28 -13.65 -22.44
C LEU C 66 -36.79 -13.36 -21.03
N VAL C 67 -37.63 -12.34 -20.88
CA VAL C 67 -38.09 -11.95 -19.56
C VAL C 67 -39.03 -13.01 -18.97
N ARG C 68 -39.78 -13.73 -19.82
CA ARG C 68 -40.59 -14.84 -19.35
CA ARG C 68 -40.59 -14.83 -19.32
C ARG C 68 -39.73 -15.87 -18.62
N LEU C 69 -38.59 -16.24 -19.22
CA LEU C 69 -37.66 -17.15 -18.57
C LEU C 69 -37.15 -16.57 -17.26
N LEU C 70 -36.76 -15.30 -17.29
CA LEU C 70 -36.16 -14.68 -16.12
C LEU C 70 -37.13 -14.62 -14.94
N SER C 71 -38.43 -14.49 -15.23
CA SER C 71 -39.44 -14.37 -14.19
CA SER C 71 -39.42 -14.38 -14.17
C SER C 71 -40.09 -15.70 -13.82
N ASP C 72 -39.69 -16.79 -14.47
CA ASP C 72 -40.34 -18.08 -14.24
C ASP C 72 -39.74 -18.71 -12.98
N ARG C 73 -40.51 -18.74 -11.90
CA ARG C 73 -40.01 -19.28 -10.64
C ARG C 73 -39.78 -20.78 -10.68
N ASP C 74 -40.20 -21.46 -11.73
CA ASP C 74 -39.92 -22.88 -11.89
C ASP C 74 -38.63 -23.14 -12.64
N ILE C 75 -37.95 -22.12 -13.14
CA ILE C 75 -36.71 -22.30 -13.88
C ILE C 75 -35.59 -21.64 -13.10
N THR C 76 -34.59 -22.45 -12.71
CA THR C 76 -33.41 -21.89 -12.07
C THR C 76 -32.53 -21.21 -13.11
N LYS C 77 -32.18 -19.95 -12.86
CA LYS C 77 -31.26 -19.24 -13.73
C LYS C 77 -29.84 -19.44 -13.22
N ILE C 78 -28.99 -20.05 -14.03
CA ILE C 78 -27.60 -20.30 -13.66
C ILE C 78 -26.74 -19.19 -14.23
N PHE C 79 -25.92 -18.55 -13.37
CA PHE C 79 -24.98 -17.54 -13.78
C PHE C 79 -23.58 -17.92 -13.29
N HIS C 80 -22.57 -17.35 -13.93
CA HIS C 80 -21.28 -17.16 -13.29
C HIS C 80 -21.14 -15.69 -12.95
N PHE C 81 -21.00 -15.39 -11.65
CA PHE C 81 -21.05 -14.03 -11.12
C PHE C 81 -22.37 -13.36 -11.49
N GLY C 82 -23.47 -13.99 -11.05
CA GLY C 82 -24.80 -13.46 -11.28
C GLY C 82 -25.02 -12.08 -10.69
N ARG C 83 -24.22 -11.69 -9.70
CA ARG C 83 -24.37 -10.38 -9.08
C ARG C 83 -24.38 -9.28 -10.13
N PHE C 84 -23.52 -9.40 -11.15
CA PHE C 84 -23.54 -8.38 -12.20
C PHE C 84 -24.69 -8.61 -13.19
N ASP C 85 -24.83 -9.85 -13.70
CA ASP C 85 -25.88 -10.11 -14.69
C ASP C 85 -27.26 -9.72 -14.16
N LEU C 86 -27.56 -10.07 -12.90
CA LEU C 86 -28.84 -9.73 -12.30
C LEU C 86 -29.05 -8.23 -12.29
N ALA C 87 -28.00 -7.45 -12.01
CA ALA C 87 -28.16 -6.01 -11.96
C ALA C 87 -28.46 -5.42 -13.34
N ILE C 88 -27.66 -5.79 -14.34
CA ILE C 88 -27.89 -5.19 -15.66
C ILE C 88 -29.21 -5.68 -16.25
N LEU C 89 -29.59 -6.92 -15.99
CA LEU C 89 -30.86 -7.43 -16.50
C LEU C 89 -32.03 -6.70 -15.86
N ALA C 90 -32.02 -6.55 -14.53
CA ALA C 90 -33.10 -5.84 -13.86
C ALA C 90 -33.12 -4.37 -14.26
N HIS C 91 -31.95 -3.76 -14.42
CA HIS C 91 -31.88 -2.35 -14.81
C HIS C 91 -32.46 -2.15 -16.21
N THR C 92 -32.23 -3.11 -17.10
CA THR C 92 -32.63 -2.94 -18.49
C THR C 92 -34.09 -3.30 -18.71
N PHE C 93 -34.53 -4.45 -18.20
CA PHE C 93 -35.87 -4.93 -18.49
C PHE C 93 -36.85 -4.80 -17.33
N GLY C 94 -36.39 -4.36 -16.15
CA GLY C 94 -37.27 -4.12 -15.04
C GLY C 94 -37.71 -5.35 -14.27
N VAL C 95 -37.12 -6.51 -14.52
CA VAL C 95 -37.47 -7.73 -13.81
C VAL C 95 -36.21 -8.32 -13.17
N MET C 96 -36.31 -8.62 -11.88
CA MET C 96 -35.18 -9.18 -11.15
C MET C 96 -35.43 -10.67 -10.94
N PRO C 97 -34.65 -11.55 -11.56
CA PRO C 97 -34.84 -12.98 -11.29
C PRO C 97 -34.59 -13.28 -9.82
N ASP C 98 -35.33 -14.26 -9.28
CA ASP C 98 -35.17 -14.59 -7.87
C ASP C 98 -35.06 -16.09 -7.63
N VAL C 99 -34.77 -16.87 -8.67
CA VAL C 99 -34.44 -18.29 -8.53
C VAL C 99 -33.14 -18.49 -9.28
N VAL C 100 -32.02 -18.48 -8.56
CA VAL C 100 -30.72 -18.40 -9.22
C VAL C 100 -29.73 -19.36 -8.59
N PHE C 101 -28.73 -19.72 -9.38
CA PHE C 101 -27.54 -20.43 -8.93
C PHE C 101 -26.35 -19.72 -9.56
N CYS C 102 -25.33 -19.42 -8.74
CA CYS C 102 -24.14 -18.72 -9.20
C CYS C 102 -22.91 -19.61 -9.00
N THR C 103 -22.23 -19.92 -10.10
CA THR C 103 -21.03 -20.75 -10.01
C THR C 103 -19.87 -20.04 -9.32
N LYS C 104 -19.85 -18.71 -9.33
CA LYS C 104 -18.79 -18.01 -8.60
C LYS C 104 -18.97 -18.17 -7.09
N ILE C 105 -20.17 -17.93 -6.59
CA ILE C 105 -20.44 -18.18 -5.17
C ILE C 105 -20.22 -19.66 -4.85
N ALA C 106 -20.67 -20.55 -5.73
CA ALA C 106 -20.53 -21.96 -5.45
C ALA C 106 -19.06 -22.33 -5.33
N SER C 107 -18.22 -21.75 -6.19
CA SER C 107 -16.78 -22.00 -6.18
C SER C 107 -16.15 -21.50 -4.90
N LYS C 108 -16.54 -20.31 -4.44
CA LYS C 108 -15.98 -19.77 -3.20
C LYS C 108 -16.37 -20.62 -2.00
N LEU C 109 -17.50 -21.32 -2.08
CA LEU C 109 -17.95 -22.21 -1.01
C LEU C 109 -17.38 -23.62 -1.09
N THR C 110 -16.71 -23.97 -2.17
CA THR C 110 -16.27 -25.36 -2.32
C THR C 110 -14.82 -25.50 -2.75
N ARG C 111 -14.35 -24.62 -3.64
CA ARG C 111 -12.95 -24.64 -4.06
C ARG C 111 -12.14 -23.79 -3.08
N THR C 112 -12.08 -24.29 -1.84
CA THR C 112 -11.42 -23.62 -0.73
C THR C 112 -9.90 -23.69 -0.81
N TYR C 113 -9.36 -24.42 -1.76
CA TYR C 113 -7.92 -24.61 -1.93
C TYR C 113 -7.29 -23.60 -2.88
N THR C 114 -8.05 -22.60 -3.31
CA THR C 114 -7.55 -21.66 -4.31
C THR C 114 -8.29 -20.35 -4.12
N ASP C 115 -7.67 -19.27 -4.61
CA ASP C 115 -8.33 -17.98 -4.69
C ASP C 115 -8.73 -17.61 -6.11
N ARG C 116 -8.59 -18.53 -7.07
CA ARG C 116 -8.92 -18.26 -8.47
C ARG C 116 -10.32 -18.81 -8.75
N HIS C 117 -11.30 -17.90 -8.79
CA HIS C 117 -12.70 -18.29 -8.94
C HIS C 117 -13.30 -17.76 -10.22
N GLY C 118 -12.47 -17.45 -11.23
CA GLY C 118 -12.98 -17.04 -12.51
C GLY C 118 -13.45 -18.22 -13.35
N LEU C 119 -14.30 -17.92 -14.34
CA LEU C 119 -14.91 -18.98 -15.13
C LEU C 119 -13.86 -19.80 -15.88
N LYS C 120 -12.84 -19.13 -16.41
CA LYS C 120 -11.81 -19.84 -17.15
C LYS C 120 -11.10 -20.85 -16.25
N GLU C 121 -10.74 -20.43 -15.05
CA GLU C 121 -10.02 -21.33 -14.16
C GLU C 121 -10.91 -22.48 -13.71
N ILE C 122 -12.20 -22.19 -13.47
CA ILE C 122 -13.13 -23.23 -13.05
C ILE C 122 -13.37 -24.23 -14.18
N CYS C 123 -13.55 -23.73 -15.41
CA CYS C 123 -13.77 -24.63 -16.54
C CYS C 123 -12.54 -25.48 -16.80
N GLY C 124 -11.35 -24.91 -16.66
CA GLY C 124 -10.14 -25.69 -16.85
C GLY C 124 -10.01 -26.79 -15.82
N GLU C 125 -10.30 -26.47 -14.55
CA GLU C 125 -10.09 -27.44 -13.50
C GLU C 125 -11.18 -28.52 -13.46
N LEU C 126 -12.44 -28.11 -13.54
CA LEU C 126 -13.52 -29.09 -13.34
C LEU C 126 -13.88 -29.83 -14.61
N LEU C 127 -13.65 -29.24 -15.79
CA LEU C 127 -14.10 -29.82 -17.05
C LEU C 127 -12.98 -30.03 -18.06
N ASN C 128 -11.77 -29.56 -17.79
CA ASN C 128 -10.71 -29.56 -18.78
C ASN C 128 -11.17 -28.88 -20.06
N VAL C 129 -11.88 -27.76 -19.91
CA VAL C 129 -12.36 -26.96 -21.02
C VAL C 129 -11.58 -25.65 -20.99
N ASN C 130 -11.08 -25.22 -22.16
CA ASN C 130 -10.27 -24.02 -22.26
C ASN C 130 -11.15 -22.86 -22.75
N ILE C 131 -11.34 -21.88 -21.89
CA ILE C 131 -12.05 -20.65 -22.23
C ILE C 131 -11.02 -19.62 -22.64
N SER C 132 -11.24 -18.98 -23.78
CA SER C 132 -10.40 -17.87 -24.21
C SER C 132 -11.08 -16.56 -23.82
N LYS C 133 -10.32 -15.66 -23.19
CA LYS C 133 -10.85 -14.37 -22.77
C LYS C 133 -10.55 -13.23 -23.74
N GLN C 134 -10.05 -13.55 -24.96
CA GLN C 134 -9.57 -12.51 -25.87
C GLN C 134 -10.67 -11.53 -26.22
N GLN C 135 -11.88 -12.03 -26.54
CA GLN C 135 -12.95 -11.14 -26.99
C GLN C 135 -13.69 -10.47 -25.86
N GLN C 136 -13.26 -10.65 -24.61
CA GLN C 136 -13.94 -9.99 -23.50
C GLN C 136 -13.86 -8.47 -23.65
N SER C 137 -12.69 -7.97 -24.04
CA SER C 137 -12.52 -6.55 -24.37
C SER C 137 -12.75 -6.38 -25.87
N SER C 138 -14.00 -6.12 -26.23
CA SER C 138 -14.39 -5.89 -27.61
C SER C 138 -15.64 -5.03 -27.61
N ASP C 139 -15.97 -4.47 -28.78
CA ASP C 139 -17.17 -3.63 -28.91
C ASP C 139 -18.39 -4.54 -28.95
N TRP C 140 -18.95 -4.79 -27.77
CA TRP C 140 -20.14 -5.62 -27.70
C TRP C 140 -21.38 -4.93 -28.25
N ALA C 141 -21.33 -3.61 -28.47
CA ALA C 141 -22.44 -2.87 -29.05
C ALA C 141 -22.44 -2.89 -30.58
N ALA C 142 -21.44 -3.52 -31.21
CA ALA C 142 -21.36 -3.52 -32.67
C ALA C 142 -22.62 -4.09 -33.30
N GLU C 143 -23.05 -3.48 -34.41
CA GLU C 143 -24.24 -3.96 -35.10
C GLU C 143 -24.09 -5.42 -35.51
N THR C 144 -22.91 -5.81 -35.98
CA THR C 144 -22.61 -7.19 -36.36
C THR C 144 -21.49 -7.69 -35.47
N LEU C 145 -21.80 -8.67 -34.65
CA LEU C 145 -20.77 -9.30 -33.82
C LEU C 145 -19.90 -10.20 -34.68
N SER C 146 -18.61 -10.23 -34.39
CA SER C 146 -17.72 -11.12 -35.11
C SER C 146 -17.96 -12.57 -34.69
N ARG C 147 -17.48 -13.49 -35.51
CA ARG C 147 -17.58 -14.90 -35.14
C ARG C 147 -16.81 -15.17 -33.83
N ALA C 148 -15.67 -14.51 -33.65
CA ALA C 148 -14.91 -14.67 -32.41
C ALA C 148 -15.74 -14.20 -31.21
N GLN C 149 -16.42 -13.06 -31.33
CA GLN C 149 -17.28 -12.58 -30.26
C GLN C 149 -18.42 -13.57 -29.98
N ILE C 150 -19.05 -14.05 -31.05
CA ILE C 150 -20.20 -14.94 -30.92
C ILE C 150 -19.79 -16.23 -30.21
N GLU C 151 -18.65 -16.80 -30.60
CA GLU C 151 -18.18 -18.00 -29.92
C GLU C 151 -17.82 -17.72 -28.47
N TYR C 152 -17.18 -16.59 -28.20
CA TYR C 152 -16.87 -16.23 -26.82
C TYR C 152 -18.14 -16.12 -25.99
N ALA C 153 -19.12 -15.37 -26.49
CA ALA C 153 -20.36 -15.17 -25.73
C ALA C 153 -21.07 -16.49 -25.46
N ALA C 154 -21.07 -17.39 -26.44
CA ALA C 154 -21.68 -18.70 -26.22
C ALA C 154 -20.89 -19.52 -25.20
N SER C 155 -19.56 -19.43 -25.23
CA SER C 155 -18.74 -20.22 -24.32
C SER C 155 -19.03 -19.89 -22.86
N ASP C 156 -19.56 -18.70 -22.58
CA ASP C 156 -19.89 -18.34 -21.20
C ASP C 156 -21.12 -19.07 -20.66
N VAL C 157 -22.00 -19.57 -21.53
CA VAL C 157 -23.18 -20.29 -21.06
C VAL C 157 -23.13 -21.78 -21.36
N LEU C 158 -22.24 -22.23 -22.25
CA LEU C 158 -22.28 -23.63 -22.69
C LEU C 158 -21.94 -24.64 -21.60
N TYR C 159 -21.28 -24.21 -20.52
CA TYR C 159 -20.78 -25.17 -19.54
C TYR C 159 -21.40 -25.03 -18.16
N LEU C 160 -22.30 -24.06 -17.96
CA LEU C 160 -22.73 -23.76 -16.60
C LEU C 160 -23.59 -24.87 -16.00
N HIS C 161 -24.35 -25.59 -16.82
CA HIS C 161 -25.11 -26.73 -16.29
C HIS C 161 -24.16 -27.78 -15.72
N ARG C 162 -23.09 -28.10 -16.47
CA ARG C 162 -22.16 -29.12 -16.00
C ARG C 162 -21.42 -28.65 -14.75
N LEU C 163 -21.03 -27.38 -14.72
CA LEU C 163 -20.41 -26.84 -13.51
C LEU C 163 -21.37 -26.91 -12.33
N LYS C 164 -22.63 -26.53 -12.56
CA LYS C 164 -23.61 -26.56 -11.47
C LYS C 164 -23.78 -27.97 -10.93
N ASP C 165 -23.76 -28.98 -11.81
CA ASP C 165 -23.86 -30.35 -11.33
C ASP C 165 -22.70 -30.69 -10.40
N ILE C 166 -21.48 -30.34 -10.80
CA ILE C 166 -20.30 -30.66 -9.99
C ILE C 166 -20.36 -29.89 -8.67
N PHE C 167 -20.69 -28.60 -8.73
CA PHE C 167 -20.74 -27.79 -7.51
C PHE C 167 -21.82 -28.28 -6.56
N GLU C 168 -22.98 -28.70 -7.08
CA GLU C 168 -23.99 -29.28 -6.19
C GLU C 168 -23.47 -30.54 -5.50
N GLU C 169 -22.69 -31.35 -6.21
CA GLU C 169 -22.07 -32.52 -5.59
C GLU C 169 -21.14 -32.11 -4.45
N ARG C 170 -20.30 -31.10 -4.70
CA ARG C 170 -19.36 -30.64 -3.67
C ARG C 170 -20.08 -29.99 -2.50
N LEU C 171 -21.10 -29.16 -2.77
CA LEU C 171 -21.84 -28.55 -1.67
C LEU C 171 -22.47 -29.63 -0.79
N LYS C 172 -22.95 -30.70 -1.40
CA LYS C 172 -23.50 -31.80 -0.62
C LYS C 172 -22.41 -32.53 0.16
N ARG C 173 -21.27 -32.78 -0.49
CA ARG C 173 -20.17 -33.49 0.17
C ARG C 173 -19.70 -32.73 1.41
N GLU C 174 -19.57 -31.42 1.30
CA GLU C 174 -19.10 -30.60 2.40
C GLU C 174 -20.23 -30.06 3.27
N GLU C 175 -21.48 -30.44 2.98
CA GLU C 175 -22.64 -30.10 3.82
C GLU C 175 -22.86 -28.59 3.89
N ARG C 176 -22.81 -27.95 2.72
CA ARG C 176 -22.95 -26.51 2.61
C ARG C 176 -24.12 -26.09 1.73
N GLU C 177 -25.06 -27.02 1.48
CA GLU C 177 -26.18 -26.71 0.60
C GLU C 177 -27.03 -25.57 1.15
N SER C 178 -27.28 -25.54 2.46
CA SER C 178 -28.14 -24.50 2.98
C SER C 178 -27.44 -23.14 3.01
N VAL C 179 -26.14 -23.14 3.28
CA VAL C 179 -25.36 -21.91 3.17
C VAL C 179 -25.43 -21.36 1.74
N ALA C 180 -25.20 -22.22 0.76
CA ALA C 180 -25.24 -21.80 -0.64
C ALA C 180 -26.62 -21.28 -1.03
N LYS C 181 -27.67 -22.00 -0.62
CA LYS C 181 -29.04 -21.57 -0.92
C LYS C 181 -29.31 -20.18 -0.37
N ALA C 182 -28.88 -19.93 0.87
CA ALA C 182 -29.09 -18.61 1.46
C ALA C 182 -28.33 -17.54 0.69
N CYS C 183 -27.12 -17.84 0.22
CA CYS C 183 -26.39 -16.85 -0.56
C CYS C 183 -27.09 -16.57 -1.87
N PHE C 184 -27.60 -17.60 -2.53
CA PHE C 184 -28.33 -17.39 -3.78
C PHE C 184 -29.60 -16.60 -3.54
N GLN C 185 -30.26 -16.80 -2.41
CA GLN C 185 -31.50 -16.07 -2.14
C GLN C 185 -31.23 -14.60 -1.89
N PHE C 186 -30.07 -14.26 -1.34
CA PHE C 186 -29.75 -12.85 -1.15
C PHE C 186 -29.17 -12.19 -2.40
N LEU C 187 -28.68 -12.98 -3.36
CA LEU C 187 -27.98 -12.41 -4.50
C LEU C 187 -28.80 -11.37 -5.26
N PRO C 188 -30.11 -11.54 -5.50
CA PRO C 188 -30.86 -10.45 -6.16
C PRO C 188 -30.81 -9.14 -5.38
N MET C 189 -30.86 -9.21 -4.05
CA MET C 189 -30.82 -7.99 -3.26
C MET C 189 -29.44 -7.37 -3.24
N ARG C 190 -28.40 -8.22 -3.28
CA ARG C 190 -27.05 -7.72 -3.46
C ARG C 190 -26.91 -6.98 -4.79
N ALA C 191 -27.52 -7.52 -5.86
CA ALA C 191 -27.51 -6.81 -7.13
C ALA C 191 -28.31 -5.51 -7.06
N ASN C 192 -29.46 -5.52 -6.37
CA ASN C 192 -30.22 -4.29 -6.19
CA ASN C 192 -30.23 -4.30 -6.17
C ASN C 192 -29.42 -3.25 -5.42
N LEU C 193 -28.73 -3.67 -4.36
CA LEU C 193 -27.88 -2.73 -3.61
C LEU C 193 -26.87 -2.06 -4.53
N ASP C 194 -26.28 -2.84 -5.45
CA ASP C 194 -25.36 -2.27 -6.43
C ASP C 194 -26.05 -1.21 -7.27
N LEU C 195 -27.24 -1.52 -7.79
CA LEU C 195 -27.96 -0.56 -8.62
C LEU C 195 -28.33 0.70 -7.83
N LEU C 196 -28.58 0.55 -6.53
CA LEU C 196 -29.02 1.69 -5.72
C LEU C 196 -27.87 2.56 -5.26
N GLY C 197 -26.62 2.09 -5.36
CA GLY C 197 -25.49 2.95 -5.07
C GLY C 197 -24.47 2.40 -4.11
N TRP C 198 -24.59 1.11 -3.74
CA TRP C 198 -23.69 0.47 -2.79
C TRP C 198 -22.77 -0.55 -3.46
N SER C 199 -22.50 -0.37 -4.77
CA SER C 199 -21.76 -1.39 -5.51
C SER C 199 -20.34 -1.57 -4.96
N GLU C 200 -19.78 -0.54 -4.30
CA GLU C 200 -18.44 -0.61 -3.75
C GLU C 200 -18.42 -0.95 -2.27
N ILE C 201 -19.57 -1.27 -1.68
CA ILE C 201 -19.71 -1.43 -0.23
C ILE C 201 -20.12 -2.87 0.06
N ASP C 202 -19.31 -3.56 0.87
CA ASP C 202 -19.73 -4.81 1.50
C ASP C 202 -20.66 -4.42 2.64
N ILE C 203 -21.98 -4.55 2.41
CA ILE C 203 -22.97 -4.06 3.38
C ILE C 203 -22.83 -4.75 4.75
N PHE C 204 -22.16 -5.90 4.81
CA PHE C 204 -22.03 -6.67 6.04
C PHE C 204 -20.72 -6.44 6.78
N ALA C 205 -19.79 -5.70 6.19
CA ALA C 205 -18.51 -5.42 6.83
C ALA C 205 -18.68 -4.50 8.03
N HIS C 206 -17.80 -4.66 9.03
CA HIS C 206 -17.81 -3.74 10.16
C HIS C 206 -17.43 -2.33 9.73
N SER C 207 -16.47 -2.22 8.81
CA SER C 207 -15.94 -0.93 8.39
C SER C 207 -15.10 -1.11 7.14
N GLU D 4 37.93 -16.96 -22.18
CA GLU D 4 38.88 -17.59 -21.27
CA GLU D 4 38.79 -17.68 -21.25
C GLU D 4 38.66 -17.11 -19.84
N ILE D 5 38.54 -18.03 -18.89
CA ILE D 5 38.34 -17.70 -17.48
C ILE D 5 39.42 -18.37 -16.66
N ARG D 6 40.12 -17.59 -15.84
CA ARG D 6 41.17 -18.10 -14.97
C ARG D 6 40.63 -18.16 -13.54
N VAL D 7 40.56 -19.36 -12.99
CA VAL D 7 40.05 -19.56 -11.64
C VAL D 7 41.22 -19.68 -10.68
N HIS D 8 41.16 -18.95 -9.56
CA HIS D 8 42.23 -18.92 -8.56
C HIS D 8 41.66 -19.20 -7.18
N GLN D 9 42.52 -19.70 -6.29
CA GLN D 9 42.17 -19.88 -4.89
C GLN D 9 42.82 -18.76 -4.08
N GLY D 10 42.00 -17.97 -3.40
CA GLY D 10 42.50 -16.96 -2.48
C GLY D 10 42.90 -15.60 -3.03
N ASP D 11 43.70 -15.56 -4.09
CA ASP D 11 44.23 -14.31 -4.61
C ASP D 11 44.71 -14.53 -6.04
N LEU D 12 44.89 -13.42 -6.76
CA LEU D 12 45.61 -13.47 -8.02
C LEU D 12 47.04 -13.94 -7.78
N PRO D 13 47.58 -14.79 -8.67
CA PRO D 13 48.99 -15.17 -8.50
C PRO D 13 49.95 -14.01 -8.67
N ASN D 14 49.60 -13.04 -9.51
CA ASN D 14 50.41 -11.85 -9.76
C ASN D 14 49.52 -10.84 -10.46
N LEU D 15 50.08 -9.67 -10.73
CA LEU D 15 49.34 -8.59 -11.38
C LEU D 15 49.75 -8.40 -12.84
N ASP D 16 50.37 -9.42 -13.46
CA ASP D 16 50.90 -9.27 -14.82
C ASP D 16 49.81 -8.93 -15.82
N ASN D 17 48.58 -9.35 -15.57
CA ASN D 17 47.47 -9.04 -16.47
C ASN D 17 46.79 -7.73 -16.16
N TYR D 18 47.25 -6.99 -15.14
CA TYR D 18 46.51 -5.83 -14.65
C TYR D 18 47.38 -4.57 -14.57
N ARG D 19 48.38 -4.46 -15.45
CA ARG D 19 49.07 -3.19 -15.66
C ARG D 19 48.24 -2.37 -16.64
N ILE D 20 47.12 -1.85 -16.13
CA ILE D 20 46.10 -1.19 -16.92
C ILE D 20 45.57 0.01 -16.14
N ASP D 21 44.82 0.88 -16.83
CA ASP D 21 44.27 2.09 -16.23
CA ASP D 21 44.31 2.07 -16.17
C ASP D 21 42.93 1.85 -15.55
N ALA D 22 42.23 0.76 -15.87
CA ALA D 22 40.94 0.49 -15.29
C ALA D 22 40.67 -1.01 -15.26
N VAL D 23 40.05 -1.48 -14.18
CA VAL D 23 39.82 -2.90 -13.96
C VAL D 23 38.35 -3.09 -13.57
N ALA D 24 37.70 -4.05 -14.21
CA ALA D 24 36.31 -4.39 -13.90
C ALA D 24 36.29 -5.34 -12.70
N VAL D 25 35.38 -5.08 -11.76
CA VAL D 25 35.34 -5.83 -10.50
C VAL D 25 33.90 -6.20 -10.20
N ASP D 26 33.72 -7.41 -9.67
CA ASP D 26 32.45 -7.83 -9.11
C ASP D 26 32.74 -8.83 -8.00
N THR D 27 31.72 -9.11 -7.19
CA THR D 27 31.85 -10.07 -6.10
C THR D 27 30.68 -11.02 -6.15
N GLU D 28 30.85 -12.20 -5.53
CA GLU D 28 29.73 -13.07 -5.16
C GLU D 28 29.88 -13.43 -3.69
N THR D 29 28.74 -13.54 -3.01
CA THR D 29 28.66 -13.70 -1.56
C THR D 29 27.55 -14.68 -1.24
N LEU D 30 27.37 -14.98 0.05
CA LEU D 30 26.23 -15.79 0.48
C LEU D 30 24.96 -14.98 0.65
N GLY D 31 24.97 -13.70 0.32
CA GLY D 31 23.79 -12.87 0.45
C GLY D 31 24.18 -11.42 0.59
N LEU D 32 23.17 -10.60 0.85
CA LEU D 32 23.33 -9.16 0.74
C LEU D 32 23.64 -8.47 2.05
N GLN D 33 23.93 -9.23 3.11
CA GLN D 33 24.19 -8.65 4.43
C GLN D 33 25.63 -8.93 4.83
N PRO D 34 26.54 -7.96 4.64
CA PRO D 34 27.97 -8.22 4.84
C PRO D 34 28.34 -8.71 6.24
N HIS D 35 27.59 -8.33 7.27
CA HIS D 35 27.95 -8.82 8.59
C HIS D 35 27.56 -10.28 8.80
N ARG D 36 26.67 -10.82 7.96
CA ARG D 36 26.30 -12.24 8.04
C ARG D 36 26.84 -13.07 6.89
N ASP D 37 26.90 -12.49 5.69
CA ASP D 37 27.06 -13.24 4.45
C ASP D 37 28.47 -13.00 3.91
N ARG D 38 29.29 -14.05 3.94
CA ARG D 38 30.71 -13.88 3.64
C ARG D 38 30.96 -13.66 2.16
N LEU D 39 32.07 -12.98 1.88
CA LEU D 39 32.59 -12.85 0.52
C LEU D 39 33.07 -14.22 0.04
N CYS D 40 32.56 -14.66 -1.10
CA CYS D 40 32.89 -15.97 -1.62
C CYS D 40 33.75 -15.91 -2.86
N VAL D 41 33.51 -14.91 -3.72
CA VAL D 41 34.18 -14.81 -5.02
C VAL D 41 34.45 -13.35 -5.30
N VAL D 42 35.62 -13.06 -5.87
CA VAL D 42 35.92 -11.78 -6.49
C VAL D 42 36.30 -12.05 -7.93
N GLN D 43 35.66 -11.32 -8.85
CA GLN D 43 35.92 -11.46 -10.28
C GLN D 43 36.57 -10.19 -10.81
N LEU D 44 37.51 -10.35 -11.75
CA LEU D 44 38.24 -9.24 -12.32
C LEU D 44 38.32 -9.42 -13.83
N SER D 45 38.35 -8.30 -14.55
CA SER D 45 38.66 -8.35 -15.97
C SER D 45 39.45 -7.11 -16.33
N SER D 46 40.42 -7.28 -17.21
CA SER D 46 41.21 -6.18 -17.75
C SER D 46 40.54 -5.52 -18.96
N GLY D 47 39.42 -6.06 -19.43
CA GLY D 47 38.76 -5.56 -20.62
C GLY D 47 39.08 -6.32 -21.89
N ASP D 48 40.03 -7.26 -21.85
CA ASP D 48 40.46 -7.97 -23.04
C ASP D 48 39.60 -9.20 -23.35
N GLY D 49 38.41 -9.31 -22.77
CA GLY D 49 37.57 -10.45 -23.05
C GLY D 49 37.85 -11.68 -22.24
N THR D 50 38.81 -11.63 -21.32
CA THR D 50 39.07 -12.72 -20.38
C THR D 50 38.79 -12.23 -18.96
N ALA D 51 38.66 -13.17 -18.03
CA ALA D 51 38.33 -12.83 -16.67
C ALA D 51 39.11 -13.70 -15.70
N ASP D 52 39.30 -13.17 -14.50
CA ASP D 52 39.86 -13.91 -13.38
C ASP D 52 38.76 -14.08 -12.33
N VAL D 53 38.58 -15.30 -11.86
CA VAL D 53 37.55 -15.64 -10.88
C VAL D 53 38.26 -16.19 -9.65
N ILE D 54 38.24 -15.44 -8.55
CA ILE D 54 39.03 -15.74 -7.34
C ILE D 54 38.10 -16.25 -6.25
N GLN D 55 38.24 -17.51 -5.87
CA GLN D 55 37.48 -18.04 -4.74
C GLN D 55 38.10 -17.60 -3.43
N ILE D 56 37.28 -16.98 -2.58
CA ILE D 56 37.69 -16.45 -1.28
C ILE D 56 37.25 -17.42 -0.21
N ALA D 57 38.18 -17.84 0.64
CA ALA D 57 37.88 -18.85 1.65
C ALA D 57 37.13 -18.24 2.83
N LYS D 58 36.33 -19.08 3.48
CA LYS D 58 35.70 -18.69 4.73
C LYS D 58 36.75 -18.21 5.71
N GLY D 59 36.56 -17.01 6.27
CA GLY D 59 37.48 -16.45 7.22
C GLY D 59 38.75 -15.87 6.62
N GLN D 60 38.88 -15.80 5.30
CA GLN D 60 40.07 -15.23 4.69
C GLN D 60 40.11 -13.71 4.91
N LYS D 61 41.23 -13.23 5.42
CA LYS D 61 41.34 -11.83 5.83
C LYS D 61 42.21 -11.00 4.90
N SER D 62 42.99 -11.62 4.00
CA SER D 62 43.84 -10.88 3.09
C SER D 62 43.86 -11.51 1.72
N ALA D 63 44.20 -10.68 0.73
CA ALA D 63 44.41 -11.04 -0.66
C ALA D 63 45.32 -9.97 -1.25
N PRO D 64 46.64 -10.03 -0.97
CA PRO D 64 47.49 -8.85 -1.23
C PRO D 64 47.50 -8.38 -2.67
N ASN D 65 47.51 -9.27 -3.67
CA ASN D 65 47.51 -8.81 -5.06
C ASN D 65 46.20 -8.13 -5.42
N LEU D 66 45.07 -8.69 -4.99
CA LEU D 66 43.79 -8.05 -5.26
C LEU D 66 43.69 -6.71 -4.53
N VAL D 67 44.13 -6.66 -3.27
CA VAL D 67 44.02 -5.43 -2.51
C VAL D 67 44.94 -4.37 -3.10
N ARG D 68 46.07 -4.79 -3.69
CA ARG D 68 46.96 -3.85 -4.36
CA ARG D 68 46.96 -3.84 -4.35
C ARG D 68 46.24 -3.14 -5.50
N LEU D 69 45.48 -3.88 -6.31
CA LEU D 69 44.67 -3.25 -7.34
C LEU D 69 43.61 -2.35 -6.73
N LEU D 70 42.94 -2.83 -5.67
CA LEU D 70 41.84 -2.06 -5.08
C LEU D 70 42.31 -0.74 -4.48
N SER D 71 43.56 -0.69 -4.00
CA SER D 71 44.14 0.49 -3.38
CA SER D 71 44.09 0.52 -3.39
C SER D 71 44.89 1.38 -4.36
N ASP D 72 45.10 0.93 -5.60
CA ASP D 72 45.94 1.65 -6.56
C ASP D 72 45.15 2.83 -7.13
N ARG D 73 45.54 4.06 -6.74
CA ARG D 73 44.81 5.24 -7.16
C ARG D 73 44.96 5.58 -8.64
N ASP D 74 45.90 4.96 -9.33
CA ASP D 74 46.03 5.15 -10.78
C ASP D 74 45.17 4.19 -11.58
N ILE D 75 44.44 3.29 -10.93
CA ILE D 75 43.59 2.31 -11.61
C ILE D 75 42.16 2.56 -11.18
N THR D 76 41.30 2.89 -12.15
CA THR D 76 39.86 3.03 -11.88
C THR D 76 39.22 1.66 -11.72
N LYS D 77 38.48 1.46 -10.64
CA LYS D 77 37.75 0.22 -10.44
C LYS D 77 36.35 0.40 -10.97
N ILE D 78 35.99 -0.37 -11.99
CA ILE D 78 34.68 -0.30 -12.60
C ILE D 78 33.79 -1.35 -11.95
N PHE D 79 32.63 -0.92 -11.47
CA PHE D 79 31.64 -1.84 -10.91
C PHE D 79 30.31 -1.63 -11.63
N HIS D 80 29.44 -2.63 -11.52
CA HIS D 80 28.02 -2.41 -11.68
C HIS D 80 27.39 -2.54 -10.30
N PHE D 81 26.82 -1.43 -9.82
CA PHE D 81 26.35 -1.31 -8.44
C PHE D 81 27.50 -1.55 -7.45
N GLY D 82 28.53 -0.70 -7.60
CA GLY D 82 29.67 -0.75 -6.71
C GLY D 82 29.32 -0.51 -5.27
N ARG D 83 28.19 0.13 -4.99
CA ARG D 83 27.76 0.37 -3.61
C ARG D 83 27.83 -0.91 -2.78
N PHE D 84 27.37 -2.03 -3.33
CA PHE D 84 27.48 -3.27 -2.58
C PHE D 84 28.89 -3.85 -2.61
N ASP D 85 29.50 -3.94 -3.80
CA ASP D 85 30.84 -4.55 -3.88
C ASP D 85 31.84 -3.83 -2.99
N LEU D 86 31.80 -2.50 -2.97
CA LEU D 86 32.71 -1.72 -2.15
C LEU D 86 32.54 -2.06 -0.68
N ALA D 87 31.29 -2.25 -0.24
CA ALA D 87 31.03 -2.55 1.16
C ALA D 87 31.63 -3.89 1.54
N ILE D 88 31.37 -4.94 0.74
CA ILE D 88 31.82 -6.26 1.15
C ILE D 88 33.35 -6.37 1.03
N LEU D 89 33.93 -5.74 0.01
CA LEU D 89 35.38 -5.76 -0.13
C LEU D 89 36.06 -5.06 1.03
N ALA D 90 35.58 -3.87 1.39
CA ALA D 90 36.14 -3.16 2.54
C ALA D 90 35.89 -3.93 3.84
N HIS D 91 34.69 -4.48 4.01
CA HIS D 91 34.43 -5.26 5.22
C HIS D 91 35.37 -6.46 5.33
N THR D 92 35.67 -7.11 4.19
CA THR D 92 36.42 -8.36 4.22
C THR D 92 37.92 -8.11 4.32
N PHE D 93 38.47 -7.24 3.48
CA PHE D 93 39.93 -7.06 3.43
C PHE D 93 40.40 -5.76 4.07
N GLY D 94 39.49 -4.91 4.53
CA GLY D 94 39.89 -3.72 5.26
C GLY D 94 40.32 -2.55 4.40
N VAL D 95 40.09 -2.58 3.11
CA VAL D 95 40.52 -1.51 2.22
C VAL D 95 39.32 -1.06 1.38
N MET D 96 39.06 0.25 1.41
CA MET D 96 37.96 0.83 0.64
C MET D 96 38.53 1.48 -0.61
N PRO D 97 38.27 0.95 -1.80
CA PRO D 97 38.70 1.66 -3.02
C PRO D 97 38.11 3.06 -3.09
N ASP D 98 38.86 3.98 -3.70
CA ASP D 98 38.41 5.37 -3.76
C ASP D 98 38.54 5.97 -5.17
N VAL D 99 38.77 5.15 -6.19
CA VAL D 99 38.77 5.60 -7.57
C VAL D 99 37.87 4.62 -8.30
N VAL D 100 36.61 4.99 -8.52
CA VAL D 100 35.63 4.02 -8.99
C VAL D 100 34.77 4.61 -10.11
N PHE D 101 34.21 3.71 -10.91
CA PHE D 101 33.17 4.03 -11.88
C PHE D 101 32.09 2.98 -11.73
N CYS D 102 30.83 3.42 -11.65
CA CYS D 102 29.71 2.51 -11.45
C CYS D 102 28.75 2.65 -12.62
N THR D 103 28.52 1.54 -13.32
CA THR D 103 27.63 1.56 -14.47
C THR D 103 26.17 1.69 -14.07
N LYS D 104 25.80 1.32 -12.83
CA LYS D 104 24.41 1.54 -12.40
C LYS D 104 24.13 3.02 -12.24
N ILE D 105 25.00 3.71 -11.50
CA ILE D 105 24.86 5.16 -11.36
C ILE D 105 24.93 5.84 -12.73
N ALA D 106 25.85 5.40 -13.58
CA ALA D 106 25.96 6.03 -14.89
C ALA D 106 24.70 5.81 -15.71
N SER D 107 24.12 4.61 -15.63
CA SER D 107 22.85 4.36 -16.31
C SER D 107 21.74 5.27 -15.80
N LYS D 108 21.65 5.44 -14.47
CA LYS D 108 20.60 6.31 -13.93
C LYS D 108 20.78 7.75 -14.35
N LEU D 109 22.01 8.15 -14.67
CA LEU D 109 22.29 9.50 -15.14
C LEU D 109 22.15 9.66 -16.65
N THR D 110 22.03 8.57 -17.41
CA THR D 110 22.00 8.71 -18.86
C THR D 110 20.82 8.00 -19.51
N ARG D 111 20.45 6.81 -19.01
CA ARG D 111 19.32 6.06 -19.56
C ARG D 111 18.05 6.55 -18.86
N THR D 112 17.74 7.82 -19.13
CA THR D 112 16.62 8.53 -18.53
C THR D 112 15.27 8.09 -19.10
N TYR D 113 15.29 7.24 -20.13
CA TYR D 113 14.08 6.80 -20.80
C TYR D 113 13.58 5.46 -20.26
N THR D 114 14.18 4.96 -19.18
CA THR D 114 13.80 3.67 -18.64
C THR D 114 14.05 3.65 -17.14
N ASP D 115 13.33 2.77 -16.44
CA ASP D 115 13.61 2.50 -15.04
C ASP D 115 14.33 1.17 -14.83
N ARG D 116 14.76 0.53 -15.91
CA ARG D 116 15.46 -0.76 -15.84
C ARG D 116 16.96 -0.50 -15.95
N HIS D 117 17.64 -0.51 -14.81
CA HIS D 117 19.05 -0.17 -14.73
C HIS D 117 19.90 -1.35 -14.28
N GLY D 118 19.39 -2.59 -14.46
CA GLY D 118 20.17 -3.76 -14.14
C GLY D 118 21.14 -4.12 -15.25
N LEU D 119 22.14 -4.93 -14.87
CA LEU D 119 23.24 -5.21 -15.79
C LEU D 119 22.75 -5.97 -17.02
N LYS D 120 21.87 -6.96 -16.84
CA LYS D 120 21.34 -7.71 -17.98
C LYS D 120 20.64 -6.78 -18.97
N GLU D 121 19.81 -5.87 -18.45
CA GLU D 121 19.09 -4.95 -19.34
CA GLU D 121 19.09 -4.97 -19.36
C GLU D 121 20.05 -4.02 -20.06
N ILE D 122 21.06 -3.54 -19.34
CA ILE D 122 22.03 -2.62 -19.93
C ILE D 122 22.85 -3.34 -21.00
N CYS D 123 23.33 -4.55 -20.71
CA CYS D 123 24.11 -5.29 -21.70
C CYS D 123 23.27 -5.61 -22.93
N GLY D 124 22.01 -5.99 -22.72
CA GLY D 124 21.16 -6.27 -23.86
C GLY D 124 20.97 -5.06 -24.74
N GLU D 125 20.75 -3.90 -24.14
CA GLU D 125 20.46 -2.68 -24.90
C GLU D 125 21.71 -2.10 -25.55
N LEU D 126 22.77 -1.90 -24.78
CA LEU D 126 23.94 -1.18 -25.33
C LEU D 126 24.86 -2.09 -26.14
N LEU D 127 24.91 -3.39 -25.83
CA LEU D 127 25.87 -4.29 -26.44
C LEU D 127 25.25 -5.46 -27.20
N ASN D 128 23.93 -5.64 -27.12
CA ASN D 128 23.28 -6.84 -27.63
CA ASN D 128 23.27 -6.84 -27.62
C ASN D 128 23.97 -8.09 -27.10
N VAL D 129 24.30 -8.07 -25.82
CA VAL D 129 24.89 -9.21 -25.12
C VAL D 129 23.83 -9.72 -24.15
N ASN D 130 23.61 -11.04 -24.16
CA ASN D 130 22.60 -11.66 -23.31
C ASN D 130 23.25 -12.20 -22.04
N ILE D 131 22.90 -11.61 -20.91
CA ILE D 131 23.33 -12.06 -19.59
C ILE D 131 22.25 -13.01 -19.06
N SER D 132 22.66 -14.20 -18.64
CA SER D 132 21.77 -15.14 -17.97
C SER D 132 21.91 -14.99 -16.46
N LYS D 133 20.79 -14.77 -15.76
CA LYS D 133 20.79 -14.60 -14.31
C LYS D 133 20.56 -15.90 -13.55
N GLN D 134 20.55 -17.04 -14.24
CA GLN D 134 20.11 -18.28 -13.61
C GLN D 134 20.98 -18.66 -12.41
N GLN D 135 22.29 -18.46 -12.50
CA GLN D 135 23.19 -18.87 -11.43
C GLN D 135 23.35 -17.83 -10.34
N GLN D 136 22.66 -16.69 -10.42
CA GLN D 136 22.73 -15.69 -9.35
C GLN D 136 22.36 -16.31 -8.01
N SER D 137 21.24 -17.05 -7.98
CA SER D 137 20.81 -17.79 -6.79
C SER D 137 21.44 -19.18 -6.82
N SER D 138 22.65 -19.27 -6.27
CA SER D 138 23.38 -20.53 -6.17
C SER D 138 24.31 -20.44 -4.97
N ASP D 139 24.90 -21.58 -4.59
CA ASP D 139 25.78 -21.66 -3.42
C ASP D 139 27.15 -21.12 -3.82
N TRP D 140 27.34 -19.81 -3.66
CA TRP D 140 28.62 -19.23 -4.04
C TRP D 140 29.75 -19.62 -3.10
N ALA D 141 29.44 -20.23 -1.95
CA ALA D 141 30.42 -20.71 -1.00
C ALA D 141 30.89 -22.12 -1.30
N ALA D 142 30.38 -22.74 -2.36
CA ALA D 142 30.74 -24.11 -2.68
C ALA D 142 32.26 -24.25 -2.84
N GLU D 143 32.80 -25.35 -2.34
CA GLU D 143 34.24 -25.59 -2.48
C GLU D 143 34.64 -25.62 -3.96
N THR D 144 33.84 -26.29 -4.80
CA THR D 144 34.05 -26.30 -6.25
C THR D 144 32.85 -25.63 -6.91
N LEU D 145 33.08 -24.48 -7.53
CA LEU D 145 32.04 -23.84 -8.33
C LEU D 145 31.77 -24.64 -9.60
N SER D 146 30.50 -24.67 -10.00
CA SER D 146 30.13 -25.30 -11.27
C SER D 146 30.60 -24.43 -12.44
N ARG D 147 30.69 -25.06 -13.62
CA ARG D 147 31.05 -24.31 -14.81
C ARG D 147 30.05 -23.18 -15.06
N ALA D 148 28.76 -23.44 -14.81
CA ALA D 148 27.74 -22.41 -15.01
C ALA D 148 27.93 -21.25 -14.04
N GLN D 149 28.31 -21.55 -12.81
CA GLN D 149 28.63 -20.49 -11.85
C GLN D 149 29.82 -19.68 -12.32
N ILE D 150 30.88 -20.36 -12.74
CA ILE D 150 32.10 -19.67 -13.15
C ILE D 150 31.80 -18.77 -14.35
N GLU D 151 31.06 -19.28 -15.33
CA GLU D 151 30.71 -18.46 -16.49
C GLU D 151 29.83 -17.29 -16.09
N TYR D 152 28.88 -17.49 -15.16
CA TYR D 152 28.07 -16.38 -14.69
C TYR D 152 28.94 -15.31 -14.05
N ALA D 153 29.79 -15.72 -13.11
CA ALA D 153 30.62 -14.76 -12.38
C ALA D 153 31.50 -13.96 -13.32
N ALA D 154 32.05 -14.63 -14.35
CA ALA D 154 32.88 -13.93 -15.33
C ALA D 154 32.05 -12.98 -16.19
N SER D 155 30.84 -13.38 -16.55
CA SER D 155 30.01 -12.51 -17.39
C SER D 155 29.74 -11.17 -16.72
N ASP D 156 29.78 -11.12 -15.39
CA ASP D 156 29.55 -9.87 -14.67
C ASP D 156 30.68 -8.85 -14.86
N VAL D 157 31.87 -9.27 -15.27
CA VAL D 157 32.98 -8.34 -15.45
C VAL D 157 33.45 -8.24 -16.88
N LEU D 158 33.05 -9.15 -17.76
CA LEU D 158 33.59 -9.18 -19.11
C LEU D 158 33.18 -7.98 -19.96
N TYR D 159 32.08 -7.29 -19.61
CA TYR D 159 31.56 -6.22 -20.46
C TYR D 159 31.61 -4.83 -19.84
N LEU D 160 32.15 -4.67 -18.62
CA LEU D 160 32.04 -3.39 -17.94
C LEU D 160 32.88 -2.31 -18.62
N HIS D 161 34.05 -2.67 -19.17
CA HIS D 161 34.85 -1.68 -19.88
C HIS D 161 34.06 -1.11 -21.06
N ARG D 162 33.39 -2.00 -21.81
CA ARG D 162 32.63 -1.55 -22.99
C ARG D 162 31.43 -0.73 -22.57
N LEU D 163 30.80 -1.08 -21.46
CA LEU D 163 29.71 -0.26 -20.96
C LEU D 163 30.21 1.11 -20.52
N LYS D 164 31.34 1.14 -19.78
CA LYS D 164 31.88 2.41 -19.30
C LYS D 164 32.19 3.35 -20.46
N ASP D 165 32.77 2.82 -21.54
CA ASP D 165 33.07 3.66 -22.69
CA ASP D 165 33.08 3.68 -22.68
C ASP D 165 31.81 4.31 -23.25
N ILE D 166 30.72 3.52 -23.37
CA ILE D 166 29.47 4.05 -23.88
C ILE D 166 28.88 5.08 -22.92
N PHE D 167 28.85 4.74 -21.62
CA PHE D 167 28.31 5.67 -20.64
C PHE D 167 29.11 6.97 -20.59
N GLU D 168 30.45 6.88 -20.71
CA GLU D 168 31.26 8.10 -20.77
C GLU D 168 30.87 8.97 -21.96
N GLU D 169 30.56 8.36 -23.11
CA GLU D 169 30.12 9.15 -24.25
C GLU D 169 28.79 9.82 -23.97
N ARG D 170 27.86 9.09 -23.33
CA ARG D 170 26.56 9.70 -23.04
C ARG D 170 26.68 10.77 -21.97
N LEU D 171 27.48 10.52 -20.93
CA LEU D 171 27.69 11.55 -19.92
C LEU D 171 28.25 12.83 -20.54
N LYS D 172 29.14 12.69 -21.52
CA LYS D 172 29.69 13.87 -22.18
C LYS D 172 28.63 14.54 -23.05
N ARG D 173 27.84 13.73 -23.77
CA ARG D 173 26.82 14.27 -24.66
C ARG D 173 25.82 15.12 -23.89
N GLU D 174 25.37 14.61 -22.74
CA GLU D 174 24.37 15.28 -21.93
C GLU D 174 24.98 16.21 -20.89
N GLU D 175 26.31 16.34 -20.86
CA GLU D 175 27.03 17.32 -20.02
C GLU D 175 26.80 17.04 -18.54
N ARG D 176 26.98 15.77 -18.18
CA ARG D 176 26.77 15.31 -16.81
C ARG D 176 28.03 14.66 -16.23
N GLU D 177 29.18 14.90 -16.86
CA GLU D 177 30.42 14.28 -16.39
C GLU D 177 30.74 14.68 -14.95
N SER D 178 30.54 15.95 -14.60
CA SER D 178 30.95 16.34 -13.25
C SER D 178 29.95 15.88 -12.22
N VAL D 179 28.67 15.79 -12.59
CA VAL D 179 27.69 15.15 -11.73
C VAL D 179 28.08 13.71 -11.46
N ALA D 180 28.42 12.97 -12.52
CA ALA D 180 28.79 11.58 -12.35
C ALA D 180 30.01 11.45 -11.45
N LYS D 181 31.05 12.25 -11.72
CA LYS D 181 32.27 12.19 -10.94
C LYS D 181 31.99 12.37 -9.45
N ALA D 182 31.14 13.36 -9.11
CA ALA D 182 30.82 13.58 -7.70
C ALA D 182 30.09 12.39 -7.08
N CYS D 183 29.18 11.75 -7.84
CA CYS D 183 28.50 10.55 -7.32
C CYS D 183 29.50 9.43 -7.08
N PHE D 184 30.40 9.21 -8.02
CA PHE D 184 31.45 8.20 -7.86
C PHE D 184 32.33 8.52 -6.67
N GLN D 185 32.61 9.80 -6.45
CA GLN D 185 33.46 10.22 -5.32
C GLN D 185 32.81 9.90 -3.99
N PHE D 186 31.49 10.04 -3.89
CA PHE D 186 30.78 9.75 -2.65
C PHE D 186 30.48 8.27 -2.47
N LEU D 187 30.54 7.46 -3.54
CA LEU D 187 30.11 6.07 -3.45
C LEU D 187 30.86 5.27 -2.39
N PRO D 188 32.18 5.42 -2.19
CA PRO D 188 32.80 4.71 -1.06
C PRO D 188 32.18 5.05 0.29
N MET D 189 31.87 6.32 0.52
CA MET D 189 31.26 6.70 1.80
C MET D 189 29.82 6.21 1.89
N ARG D 190 29.11 6.14 0.76
CA ARG D 190 27.79 5.52 0.78
C ARG D 190 27.90 4.05 1.20
N ALA D 191 28.90 3.34 0.68
CA ALA D 191 29.15 1.96 1.09
C ALA D 191 29.53 1.89 2.58
N ASN D 192 30.37 2.82 3.05
CA ASN D 192 30.71 2.85 4.47
CA ASN D 192 30.70 2.85 4.47
C ASN D 192 29.47 3.07 5.33
N LEU D 193 28.60 4.01 4.92
CA LEU D 193 27.35 4.24 5.65
C LEU D 193 26.55 2.95 5.77
N ASP D 194 26.51 2.16 4.69
CA ASP D 194 25.83 0.87 4.74
C ASP D 194 26.46 -0.04 5.80
N LEU D 195 27.79 -0.13 5.81
CA LEU D 195 28.45 -0.99 6.79
C LEU D 195 28.22 -0.53 8.22
N LEU D 196 28.10 0.78 8.44
CA LEU D 196 27.96 1.33 9.78
C LEU D 196 26.54 1.26 10.31
N GLY D 197 25.57 0.94 9.47
CA GLY D 197 24.22 0.71 9.94
C GLY D 197 23.14 1.52 9.27
N TRP D 198 23.47 2.24 8.19
CA TRP D 198 22.51 3.08 7.46
C TRP D 198 22.11 2.49 6.11
N SER D 199 22.25 1.16 5.94
CA SER D 199 22.01 0.59 4.60
C SER D 199 20.57 0.82 4.13
N GLU D 200 19.62 0.97 5.04
CA GLU D 200 18.23 1.18 4.65
C GLU D 200 17.83 2.65 4.58
N ILE D 201 18.78 3.57 4.74
CA ILE D 201 18.46 4.99 4.91
C ILE D 201 19.09 5.76 3.76
N ASP D 202 18.27 6.52 3.03
CA ASP D 202 18.78 7.54 2.12
C ASP D 202 19.18 8.72 3.00
N ILE D 203 20.49 8.86 3.24
CA ILE D 203 20.98 9.86 4.19
C ILE D 203 20.61 11.28 3.75
N PHE D 204 20.28 11.49 2.48
CA PHE D 204 19.96 12.83 1.98
C PHE D 204 18.46 13.14 1.94
N ALA D 205 17.61 12.16 2.25
CA ALA D 205 16.17 12.38 2.21
C ALA D 205 15.72 13.28 3.36
N HIS D 206 14.64 14.03 3.13
CA HIS D 206 14.05 14.83 4.20
C HIS D 206 13.48 13.95 5.30
N SER D 207 12.89 12.83 4.90
CA SER D 207 12.23 11.91 5.82
C SER D 207 11.90 10.63 5.05
N MET E 2 7.48 -44.05 -13.42
CA MET E 2 8.16 -45.27 -13.03
C MET E 2 8.42 -45.30 -11.52
N THR E 3 8.22 -44.15 -10.88
CA THR E 3 8.30 -44.09 -9.43
C THR E 3 7.24 -44.99 -8.81
N GLU E 4 7.65 -45.84 -7.86
CA GLU E 4 6.70 -46.71 -7.18
C GLU E 4 5.97 -45.92 -6.10
N ILE E 5 4.66 -45.82 -6.24
CA ILE E 5 3.81 -45.08 -5.32
C ILE E 5 2.72 -46.02 -4.84
N ARG E 6 2.69 -46.29 -3.54
CA ARG E 6 1.70 -47.18 -2.96
C ARG E 6 0.58 -46.32 -2.38
N VAL E 7 -0.64 -46.55 -2.84
CA VAL E 7 -1.80 -45.77 -2.42
C VAL E 7 -2.62 -46.57 -1.43
N HIS E 8 -2.95 -45.96 -0.30
CA HIS E 8 -3.66 -46.63 0.79
C HIS E 8 -4.93 -45.87 1.15
N GLN E 9 -5.89 -46.60 1.70
CA GLN E 9 -7.10 -46.01 2.26
C GLN E 9 -6.97 -46.01 3.78
N GLY E 10 -7.00 -44.82 4.36
CA GLY E 10 -7.10 -44.68 5.82
C GLY E 10 -5.80 -44.71 6.61
N ASP E 11 -4.94 -45.69 6.34
CA ASP E 11 -3.72 -45.88 7.12
C ASP E 11 -2.77 -46.74 6.30
N LEU E 12 -1.48 -46.65 6.65
CA LEU E 12 -0.54 -47.69 6.25
C LEU E 12 -1.03 -49.06 6.75
N PRO E 13 -0.86 -50.12 5.96
CA PRO E 13 -1.17 -51.47 6.48
C PRO E 13 -0.23 -51.92 7.58
N ASN E 14 1.01 -51.46 7.56
CA ASN E 14 2.02 -51.83 8.55
C ASN E 14 3.18 -50.86 8.41
N LEU E 15 4.20 -51.04 9.25
CA LEU E 15 5.34 -50.13 9.25
C LEU E 15 6.58 -50.77 8.62
N ASP E 16 6.39 -51.79 7.77
CA ASP E 16 7.54 -52.54 7.25
C ASP E 16 8.50 -51.65 6.48
N ASN E 17 7.98 -50.67 5.75
CA ASN E 17 8.82 -49.79 4.97
C ASN E 17 9.34 -48.61 5.77
N TYR E 18 9.07 -48.57 7.07
CA TYR E 18 9.37 -47.39 7.88
C TYR E 18 10.11 -47.77 9.15
N ARG E 19 10.98 -48.78 9.08
CA ARG E 19 11.91 -49.07 10.17
C ARG E 19 13.21 -48.29 9.92
N ILE E 20 13.10 -46.98 10.06
CA ILE E 20 14.12 -46.02 9.64
C ILE E 20 14.22 -44.91 10.68
N ASP E 21 15.28 -44.10 10.57
CA ASP E 21 15.56 -43.02 11.51
CA ASP E 21 15.47 -43.06 11.56
C ASP E 21 14.86 -41.71 11.16
N ALA E 22 14.34 -41.57 9.93
CA ALA E 22 13.75 -40.31 9.49
C ALA E 22 12.76 -40.60 8.37
N VAL E 23 11.60 -39.94 8.42
CA VAL E 23 10.55 -40.15 7.42
C VAL E 23 10.14 -38.80 6.85
N ALA E 24 10.03 -38.73 5.52
CA ALA E 24 9.52 -37.55 4.83
C ALA E 24 8.00 -37.56 4.88
N VAL E 25 7.40 -36.42 5.26
CA VAL E 25 5.97 -36.30 5.49
C VAL E 25 5.43 -35.06 4.78
N ASP E 26 4.26 -35.21 4.14
CA ASP E 26 3.51 -34.07 3.63
C ASP E 26 2.03 -34.41 3.77
N THR E 27 1.18 -33.40 3.61
CA THR E 27 -0.27 -33.54 3.63
C THR E 27 -0.87 -32.85 2.42
N GLU E 28 -2.08 -33.29 2.06
CA GLU E 28 -2.95 -32.51 1.18
C GLU E 28 -4.30 -32.35 1.86
N THR E 29 -4.92 -31.20 1.64
CA THR E 29 -6.17 -30.83 2.30
C THR E 29 -7.09 -30.15 1.31
N LEU E 30 -8.28 -29.80 1.79
CA LEU E 30 -9.20 -28.98 1.01
C LEU E 30 -8.90 -27.49 1.11
N GLY E 31 -7.84 -27.11 1.80
CA GLY E 31 -7.47 -25.71 1.91
C GLY E 31 -6.60 -25.50 3.14
N LEU E 32 -6.30 -24.23 3.40
CA LEU E 32 -5.28 -23.86 4.37
C LEU E 32 -5.84 -23.53 5.75
N GLN E 33 -7.12 -23.76 6.01
CA GLN E 33 -7.73 -23.46 7.30
C GLN E 33 -8.15 -24.75 7.98
N PRO E 34 -7.38 -25.24 8.95
CA PRO E 34 -7.62 -26.59 9.48
C PRO E 34 -8.99 -26.79 10.11
N HIS E 35 -9.60 -25.74 10.66
CA HIS E 35 -10.91 -25.92 11.27
C HIS E 35 -12.03 -26.06 10.23
N ARG E 36 -11.79 -25.63 9.00
CA ARG E 36 -12.76 -25.76 7.91
C ARG E 36 -12.39 -26.84 6.90
N ASP E 37 -11.09 -26.98 6.60
CA ASP E 37 -10.60 -27.73 5.45
C ASP E 37 -9.97 -29.04 5.94
N ARG E 38 -10.63 -30.16 5.64
CA ARG E 38 -10.21 -31.42 6.23
C ARG E 38 -8.91 -31.93 5.64
N LEU E 39 -8.21 -32.74 6.43
CA LEU E 39 -7.08 -33.50 5.91
C LEU E 39 -7.57 -34.56 4.95
N CYS E 40 -6.99 -34.59 3.74
CA CYS E 40 -7.40 -35.49 2.68
C CYS E 40 -6.39 -36.58 2.36
N VAL E 41 -5.10 -36.25 2.42
CA VAL E 41 -4.00 -37.13 2.03
C VAL E 41 -2.85 -36.93 3.01
N VAL E 42 -2.20 -38.02 3.39
CA VAL E 42 -0.89 -37.97 4.04
C VAL E 42 0.08 -38.76 3.16
N GLN E 43 1.20 -38.13 2.83
CA GLN E 43 2.25 -38.75 2.00
C GLN E 43 3.49 -39.05 2.84
N LEU E 44 4.09 -40.20 2.60
CA LEU E 44 5.28 -40.62 3.32
C LEU E 44 6.31 -41.12 2.33
N SER E 45 7.58 -40.90 2.66
CA SER E 45 8.64 -41.57 1.95
C SER E 45 9.75 -41.92 2.93
N SER E 46 10.31 -43.12 2.75
CA SER E 46 11.49 -43.53 3.51
C SER E 46 12.77 -42.95 2.93
N GLY E 47 12.69 -42.27 1.79
CA GLY E 47 13.88 -41.81 1.11
C GLY E 47 14.46 -42.80 0.12
N ASP E 48 13.79 -43.92 -0.12
CA ASP E 48 14.31 -44.94 -1.03
C ASP E 48 13.79 -44.77 -2.46
N GLY E 49 13.26 -43.59 -2.79
CA GLY E 49 12.70 -43.38 -4.11
C GLY E 49 11.27 -43.85 -4.30
N THR E 50 10.65 -44.42 -3.27
CA THR E 50 9.24 -44.81 -3.30
C THR E 50 8.47 -43.94 -2.32
N ALA E 51 7.15 -43.94 -2.46
CA ALA E 51 6.31 -43.14 -1.56
C ALA E 51 5.03 -43.88 -1.25
N ASP E 52 4.45 -43.55 -0.10
CA ASP E 52 3.14 -44.01 0.30
C ASP E 52 2.18 -42.82 0.34
N VAL E 53 1.04 -42.97 -0.31
CA VAL E 53 0.02 -41.92 -0.39
C VAL E 53 -1.23 -42.46 0.28
N ILE E 54 -1.59 -41.88 1.43
CA ILE E 54 -2.65 -42.39 2.28
C ILE E 54 -3.83 -41.44 2.17
N GLN E 55 -4.95 -41.93 1.63
CA GLN E 55 -6.16 -41.13 1.56
C GLN E 55 -6.86 -41.14 2.91
N ILE E 56 -7.11 -39.96 3.47
CA ILE E 56 -7.81 -39.83 4.73
C ILE E 56 -9.28 -39.54 4.43
N ALA E 57 -10.17 -40.26 5.11
CA ALA E 57 -11.58 -40.09 4.85
C ALA E 57 -12.15 -38.92 5.64
N LYS E 58 -13.25 -38.37 5.15
CA LYS E 58 -13.96 -37.34 5.88
C LYS E 58 -14.41 -37.89 7.23
N GLY E 59 -14.13 -37.15 8.29
CA GLY E 59 -14.48 -37.59 9.63
C GLY E 59 -13.56 -38.62 10.23
N GLN E 60 -12.49 -39.00 9.54
CA GLN E 60 -11.54 -39.95 10.10
C GLN E 60 -10.76 -39.29 11.23
N LYS E 61 -10.67 -39.97 12.37
CA LYS E 61 -9.99 -39.42 13.52
C LYS E 61 -8.77 -40.22 13.95
N SER E 62 -8.53 -41.39 13.37
CA SER E 62 -7.44 -42.26 13.80
C SER E 62 -6.75 -42.88 12.59
N ALA E 63 -5.45 -43.11 12.74
CA ALA E 63 -4.68 -43.88 11.76
C ALA E 63 -3.49 -44.45 12.52
N PRO E 64 -3.69 -45.54 13.25
CA PRO E 64 -2.71 -45.93 14.28
C PRO E 64 -1.31 -46.17 13.76
N ASN E 65 -1.14 -46.69 12.55
CA ASN E 65 0.23 -46.98 12.09
C ASN E 65 0.93 -45.69 11.71
N LEU E 66 0.26 -44.84 10.93
CA LEU E 66 0.79 -43.50 10.66
C LEU E 66 1.06 -42.75 11.94
N VAL E 67 0.13 -42.77 12.89
CA VAL E 67 0.28 -41.96 14.08
C VAL E 67 1.43 -42.48 14.96
N ARG E 68 1.69 -43.78 14.94
CA ARG E 68 2.87 -44.30 15.62
C ARG E 68 4.15 -43.66 15.07
N LEU E 69 4.30 -43.63 13.75
CA LEU E 69 5.45 -42.93 13.15
C LEU E 69 5.51 -41.49 13.62
N LEU E 70 4.37 -40.80 13.61
CA LEU E 70 4.36 -39.39 13.96
C LEU E 70 4.72 -39.17 15.42
N SER E 71 4.47 -40.15 16.29
CA SER E 71 4.76 -40.04 17.72
CA SER E 71 4.78 -40.02 17.70
C SER E 71 6.10 -40.65 18.11
N ASP E 72 6.73 -41.43 17.24
CA ASP E 72 7.93 -42.17 17.60
C ASP E 72 9.10 -41.19 17.73
N ARG E 73 9.57 -40.97 18.96
CA ARG E 73 10.61 -39.97 19.15
C ARG E 73 11.96 -40.40 18.57
N ASP E 74 12.13 -41.68 18.22
CA ASP E 74 13.36 -42.09 17.54
C ASP E 74 13.33 -41.82 16.05
N ILE E 75 12.25 -41.28 15.50
CA ILE E 75 12.15 -41.05 14.06
C ILE E 75 11.95 -39.56 13.82
N THR E 76 12.90 -38.94 13.12
CA THR E 76 12.75 -37.54 12.74
C THR E 76 11.76 -37.44 11.60
N LYS E 77 10.73 -36.62 11.76
CA LYS E 77 9.79 -36.34 10.69
C LYS E 77 10.30 -35.13 9.90
N ILE E 78 10.55 -35.32 8.62
CA ILE E 78 11.04 -34.26 7.73
C ILE E 78 9.85 -33.68 6.98
N PHE E 79 9.68 -32.37 7.05
CA PHE E 79 8.63 -31.67 6.31
C PHE E 79 9.25 -30.58 5.47
N HIS E 80 8.49 -30.13 4.46
CA HIS E 80 8.71 -28.82 3.88
C HIS E 80 7.55 -27.93 4.30
N PHE E 81 7.86 -26.86 5.04
CA PHE E 81 6.88 -26.04 5.75
C PHE E 81 6.05 -26.90 6.70
N GLY E 82 6.75 -27.51 7.66
CA GLY E 82 6.10 -28.35 8.65
C GLY E 82 5.12 -27.60 9.52
N ARG E 83 5.23 -26.27 9.58
CA ARG E 83 4.29 -25.48 10.37
C ARG E 83 2.85 -25.82 10.01
N PHE E 84 2.56 -25.96 8.73
CA PHE E 84 1.20 -26.30 8.36
C PHE E 84 0.90 -27.78 8.58
N ASP E 85 1.77 -28.69 8.10
CA ASP E 85 1.47 -30.11 8.22
C ASP E 85 1.28 -30.52 9.67
N LEU E 86 2.14 -30.01 10.55
CA LEU E 86 2.01 -30.29 11.97
C LEU E 86 0.64 -29.85 12.49
N ALA E 87 0.18 -28.67 12.08
CA ALA E 87 -1.12 -28.20 12.56
C ALA E 87 -2.25 -29.13 12.10
N ILE E 88 -2.30 -29.47 10.81
CA ILE E 88 -3.45 -30.25 10.36
C ILE E 88 -3.39 -31.68 10.88
N LEU E 89 -2.18 -32.24 11.02
CA LEU E 89 -2.03 -33.58 11.57
C LEU E 89 -2.46 -33.63 13.04
N ALA E 90 -2.04 -32.63 13.84
CA ALA E 90 -2.43 -32.60 15.25
C ALA E 90 -3.92 -32.35 15.40
N HIS E 91 -4.49 -31.50 14.55
CA HIS E 91 -5.92 -31.23 14.61
C HIS E 91 -6.73 -32.48 14.27
N THR E 92 -6.26 -33.25 13.28
CA THR E 92 -7.02 -34.39 12.81
C THR E 92 -6.88 -35.60 13.72
N PHE E 93 -5.64 -35.96 14.10
CA PHE E 93 -5.38 -37.18 14.83
C PHE E 93 -5.11 -36.97 16.31
N GLY E 94 -4.97 -35.72 16.74
CA GLY E 94 -4.78 -35.43 18.15
C GLY E 94 -3.39 -35.67 18.68
N VAL E 95 -2.40 -35.80 17.80
CA VAL E 95 -1.01 -36.04 18.18
C VAL E 95 -0.15 -35.00 17.47
N MET E 96 0.71 -34.34 18.23
CA MET E 96 1.61 -33.36 17.66
C MET E 96 3.01 -33.95 17.58
N PRO E 97 3.54 -34.24 16.39
CA PRO E 97 4.93 -34.70 16.30
C PRO E 97 5.88 -33.70 16.93
N ASP E 98 6.93 -34.19 17.59
CA ASP E 98 7.83 -33.30 18.33
C ASP E 98 9.30 -33.53 18.01
N VAL E 99 9.63 -34.39 17.05
CA VAL E 99 11.00 -34.51 16.54
C VAL E 99 10.91 -34.24 15.04
N VAL E 100 11.36 -33.05 14.61
CA VAL E 100 11.05 -32.59 13.26
C VAL E 100 12.26 -31.90 12.64
N PHE E 101 12.25 -31.89 11.32
CA PHE E 101 13.17 -31.09 10.50
C PHE E 101 12.34 -30.47 9.40
N CYS E 102 12.51 -29.16 9.18
CA CYS E 102 11.75 -28.44 8.17
C CYS E 102 12.70 -27.87 7.14
N THR E 103 12.51 -28.25 5.87
CA THR E 103 13.40 -27.74 4.83
C THR E 103 13.13 -26.29 4.51
N LYS E 104 11.95 -25.77 4.83
CA LYS E 104 11.73 -24.35 4.59
C LYS E 104 12.51 -23.51 5.59
N ILE E 105 12.43 -23.89 6.86
CA ILE E 105 13.25 -23.19 7.87
C ILE E 105 14.73 -23.36 7.54
N ALA E 106 15.14 -24.59 7.20
CA ALA E 106 16.54 -24.83 6.86
C ALA E 106 16.99 -23.96 5.71
N SER E 107 16.14 -23.84 4.69
CA SER E 107 16.45 -22.98 3.55
C SER E 107 16.61 -21.52 3.98
N LYS E 108 15.68 -21.03 4.80
CA LYS E 108 15.76 -19.65 5.26
C LYS E 108 17.02 -19.39 6.08
N LEU E 109 17.57 -20.42 6.73
CA LEU E 109 18.79 -20.25 7.51
C LEU E 109 20.07 -20.47 6.71
N THR E 110 19.97 -20.91 5.44
CA THR E 110 21.16 -21.26 4.65
C THR E 110 21.18 -20.63 3.27
N ARG E 111 20.05 -20.61 2.57
CA ARG E 111 19.99 -19.98 1.25
C ARG E 111 19.72 -18.50 1.46
N THR E 112 20.71 -17.84 2.05
CA THR E 112 20.60 -16.44 2.43
C THR E 112 20.68 -15.50 1.23
N TYR E 113 20.93 -16.03 0.04
CA TYR E 113 21.07 -15.25 -1.18
C TYR E 113 19.79 -15.14 -1.98
N THR E 114 18.65 -15.54 -1.41
CA THR E 114 17.39 -15.53 -2.15
C THR E 114 16.24 -15.42 -1.16
N ASP E 115 15.09 -14.96 -1.68
CA ASP E 115 13.86 -14.99 -0.91
C ASP E 115 12.91 -16.07 -1.41
N ARG E 116 13.37 -16.92 -2.32
CA ARG E 116 12.56 -17.98 -2.91
C ARG E 116 12.87 -19.27 -2.18
N HIS E 117 12.00 -19.62 -1.22
CA HIS E 117 12.19 -20.77 -0.33
C HIS E 117 11.11 -21.82 -0.52
N GLY E 118 10.53 -21.89 -1.73
CA GLY E 118 9.56 -22.92 -2.02
C GLY E 118 10.22 -24.23 -2.38
N LEU E 119 9.48 -25.32 -2.19
CA LEU E 119 10.02 -26.64 -2.49
C LEU E 119 10.47 -26.74 -3.93
N LYS E 120 9.65 -26.23 -4.87
CA LYS E 120 10.01 -26.31 -6.27
C LYS E 120 11.34 -25.61 -6.55
N GLU E 121 11.50 -24.40 -6.01
CA GLU E 121 12.74 -23.67 -6.22
CA GLU E 121 12.75 -23.67 -6.22
C GLU E 121 13.91 -24.40 -5.56
N ILE E 122 13.70 -24.97 -4.38
CA ILE E 122 14.78 -25.67 -3.67
C ILE E 122 15.19 -26.93 -4.43
N CYS E 123 14.21 -27.73 -4.86
CA CYS E 123 14.54 -28.95 -5.62
C CYS E 123 15.30 -28.61 -6.90
N GLY E 124 14.90 -27.54 -7.59
CA GLY E 124 15.60 -27.17 -8.81
C GLY E 124 17.05 -26.83 -8.53
N GLU E 125 17.29 -26.04 -7.49
CA GLU E 125 18.63 -25.52 -7.23
C GLU E 125 19.54 -26.58 -6.61
N LEU E 126 19.04 -27.30 -5.59
CA LEU E 126 19.90 -28.23 -4.86
C LEU E 126 20.09 -29.55 -5.61
N LEU E 127 19.05 -30.03 -6.30
CA LEU E 127 19.05 -31.35 -6.89
C LEU E 127 18.86 -31.39 -8.40
N ASN E 128 18.56 -30.26 -9.03
CA ASN E 128 18.21 -30.24 -10.45
C ASN E 128 17.03 -31.16 -10.73
N VAL E 129 16.04 -31.12 -9.85
CA VAL E 129 14.80 -31.86 -9.98
C VAL E 129 13.69 -30.86 -10.22
N ASN E 130 12.87 -31.11 -11.23
CA ASN E 130 11.75 -30.23 -11.53
C ASN E 130 10.48 -30.74 -10.84
N ILE E 131 9.89 -29.90 -9.99
CA ILE E 131 8.61 -30.17 -9.37
C ILE E 131 7.55 -29.41 -10.15
N SER E 132 6.52 -30.11 -10.62
CA SER E 132 5.36 -29.46 -11.23
C SER E 132 4.34 -29.12 -10.16
N LYS E 133 3.81 -27.89 -10.19
CA LYS E 133 2.83 -27.44 -9.21
C LYS E 133 1.40 -27.52 -9.73
N GLN E 134 1.19 -28.10 -10.91
CA GLN E 134 -0.11 -28.01 -11.57
C GLN E 134 -1.24 -28.58 -10.71
N GLN E 135 -0.98 -29.66 -9.97
CA GLN E 135 -2.05 -30.33 -9.23
C GLN E 135 -2.25 -29.81 -7.81
N GLN E 136 -1.44 -28.85 -7.35
CA GLN E 136 -1.63 -28.28 -6.01
C GLN E 136 -3.07 -27.82 -5.80
N SER E 137 -3.63 -27.08 -6.75
CA SER E 137 -5.01 -26.63 -6.68
CA SER E 137 -5.01 -26.62 -6.69
C SER E 137 -5.89 -27.65 -7.40
N SER E 138 -6.24 -28.70 -6.67
CA SER E 138 -7.12 -29.74 -7.18
C SER E 138 -7.98 -30.23 -6.03
N ASP E 139 -8.97 -31.06 -6.36
CA ASP E 139 -9.86 -31.61 -5.34
C ASP E 139 -9.19 -32.80 -4.67
N TRP E 140 -8.47 -32.52 -3.58
CA TRP E 140 -7.77 -33.58 -2.86
C TRP E 140 -8.72 -34.49 -2.08
N ALA E 141 -9.99 -34.12 -1.96
CA ALA E 141 -11.00 -34.93 -1.28
C ALA E 141 -11.64 -35.97 -2.19
N ALA E 142 -11.27 -36.00 -3.47
CA ALA E 142 -11.89 -36.93 -4.42
C ALA E 142 -11.71 -38.38 -3.95
N GLU E 143 -12.76 -39.18 -4.17
CA GLU E 143 -12.70 -40.59 -3.80
C GLU E 143 -11.53 -41.30 -4.49
N THR E 144 -11.34 -41.01 -5.77
CA THR E 144 -10.22 -41.56 -6.53
C THR E 144 -9.37 -40.40 -7.01
N LEU E 145 -8.10 -40.39 -6.60
CA LEU E 145 -7.15 -39.40 -7.07
C LEU E 145 -6.67 -39.80 -8.47
N SER E 146 -6.42 -38.79 -9.30
CA SER E 146 -5.83 -39.04 -10.60
C SER E 146 -4.35 -39.39 -10.46
N ARG E 147 -3.79 -40.01 -11.50
CA ARG E 147 -2.36 -40.29 -11.50
C ARG E 147 -1.56 -39.01 -11.34
N ALA E 148 -1.98 -37.93 -12.00
CA ALA E 148 -1.29 -36.65 -11.84
C ALA E 148 -1.28 -36.20 -10.38
N GLN E 149 -2.41 -36.34 -9.68
CA GLN E 149 -2.44 -35.96 -8.26
C GLN E 149 -1.52 -36.84 -7.44
N ILE E 150 -1.55 -38.14 -7.72
CA ILE E 150 -0.75 -39.10 -6.94
C ILE E 150 0.73 -38.85 -7.15
N GLU E 151 1.14 -38.57 -8.38
CA GLU E 151 2.54 -38.26 -8.65
C GLU E 151 2.92 -36.93 -8.01
N TYR E 152 2.02 -35.95 -8.01
CA TYR E 152 2.33 -34.70 -7.34
C TYR E 152 2.53 -34.92 -5.85
N ALA E 153 1.59 -35.64 -5.23
CA ALA E 153 1.68 -35.88 -3.79
C ALA E 153 2.97 -36.61 -3.43
N ALA E 154 3.35 -37.60 -4.23
CA ALA E 154 4.60 -38.33 -3.99
C ALA E 154 5.82 -37.43 -4.19
N SER E 155 5.80 -36.56 -5.20
CA SER E 155 6.95 -35.72 -5.46
C SER E 155 7.25 -34.82 -4.28
N ASP E 156 6.24 -34.51 -3.46
CA ASP E 156 6.44 -33.68 -2.30
C ASP E 156 7.30 -34.35 -1.22
N VAL E 157 7.37 -35.68 -1.20
CA VAL E 157 8.12 -36.39 -0.17
C VAL E 157 9.34 -37.12 -0.70
N LEU E 158 9.44 -37.34 -2.02
CA LEU E 158 10.51 -38.17 -2.55
C LEU E 158 11.90 -37.57 -2.35
N TYR E 159 12.01 -36.25 -2.17
CA TYR E 159 13.33 -35.63 -2.16
C TYR E 159 13.70 -34.99 -0.82
N LEU E 160 12.87 -35.13 0.22
CA LEU E 160 13.12 -34.41 1.46
C LEU E 160 14.33 -34.95 2.21
N HIS E 161 14.60 -36.27 2.11
CA HIS E 161 15.81 -36.81 2.76
C HIS E 161 17.07 -36.20 2.15
N ARG E 162 17.13 -36.15 0.81
CA ARG E 162 18.29 -35.59 0.12
C ARG E 162 18.45 -34.10 0.42
N LEU E 163 17.34 -33.37 0.48
CA LEU E 163 17.40 -31.96 0.85
C LEU E 163 17.94 -31.80 2.25
N LYS E 164 17.45 -32.62 3.19
CA LYS E 164 17.87 -32.52 4.57
C LYS E 164 19.37 -32.74 4.70
N ASP E 165 19.90 -33.72 3.97
CA ASP E 165 21.34 -33.98 4.01
C ASP E 165 22.13 -32.76 3.57
N ILE E 166 21.68 -32.11 2.50
CA ILE E 166 22.40 -30.94 2.00
C ILE E 166 22.28 -29.79 2.98
N PHE E 167 21.07 -29.55 3.49
CA PHE E 167 20.87 -28.45 4.44
C PHE E 167 21.66 -28.68 5.71
N GLU E 168 21.77 -29.93 6.17
CA GLU E 168 22.59 -30.21 7.34
C GLU E 168 24.06 -29.86 7.09
N GLU E 169 24.57 -30.18 5.89
CA GLU E 169 25.93 -29.77 5.53
C GLU E 169 26.07 -28.25 5.57
N ARG E 170 25.08 -27.54 5.04
CA ARG E 170 25.16 -26.08 5.03
C ARG E 170 25.03 -25.51 6.43
N LEU E 171 24.14 -26.07 7.26
CA LEU E 171 24.01 -25.58 8.63
C LEU E 171 25.31 -25.78 9.41
N LYS E 172 26.00 -26.90 9.16
CA LYS E 172 27.28 -27.10 9.83
C LYS E 172 28.34 -26.13 9.29
N ARG E 173 28.38 -25.93 7.97
CA ARG E 173 29.38 -25.04 7.37
C ARG E 173 29.22 -23.61 7.89
N GLU E 174 28.00 -23.11 8.00
CA GLU E 174 27.77 -21.76 8.46
C GLU E 174 27.54 -21.69 9.98
N GLU E 175 27.71 -22.81 10.68
CA GLU E 175 27.72 -22.85 12.14
C GLU E 175 26.37 -22.43 12.71
N ARG E 176 25.31 -22.95 12.12
CA ARG E 176 23.95 -22.57 12.54
C ARG E 176 23.15 -23.77 13.00
N GLU E 177 23.81 -24.86 13.41
CA GLU E 177 23.08 -26.07 13.77
C GLU E 177 22.23 -25.85 15.01
N SER E 178 22.75 -25.14 16.00
CA SER E 178 21.96 -24.98 17.22
C SER E 178 20.81 -24.01 17.00
N VAL E 179 21.00 -23.01 16.13
CA VAL E 179 19.90 -22.13 15.75
C VAL E 179 18.77 -22.92 15.11
N ALA E 180 19.10 -23.74 14.10
CA ALA E 180 18.10 -24.55 13.43
C ALA E 180 17.42 -25.50 14.42
N LYS E 181 18.21 -26.16 15.27
CA LYS E 181 17.64 -27.09 16.24
C LYS E 181 16.59 -26.41 17.11
N ALA E 182 16.89 -25.19 17.61
CA ALA E 182 15.92 -24.47 18.42
C ALA E 182 14.67 -24.12 17.60
N CYS E 183 14.84 -23.77 16.32
CA CYS E 183 13.67 -23.47 15.50
C CYS E 183 12.80 -24.69 15.33
N PHE E 184 13.42 -25.84 15.06
CA PHE E 184 12.66 -27.07 14.93
C PHE E 184 11.95 -27.44 16.23
N GLN E 185 12.59 -27.18 17.37
CA GLN E 185 12.00 -27.51 18.66
CA GLN E 185 11.98 -27.53 18.64
C GLN E 185 10.76 -26.67 18.95
N PHE E 186 10.76 -25.41 18.52
CA PHE E 186 9.59 -24.57 18.72
C PHE E 186 8.51 -24.79 17.66
N LEU E 187 8.87 -25.36 16.50
CA LEU E 187 7.91 -25.47 15.41
C LEU E 187 6.58 -26.14 15.80
N PRO E 188 6.55 -27.23 16.59
CA PRO E 188 5.23 -27.76 17.00
C PRO E 188 4.39 -26.76 17.79
N MET E 189 5.04 -25.97 18.65
CA MET E 189 4.29 -24.96 19.39
C MET E 189 3.83 -23.83 18.47
N ARG E 190 4.63 -23.48 17.46
CA ARG E 190 4.17 -22.54 16.45
C ARG E 190 2.92 -23.06 15.75
N ALA E 191 2.91 -24.37 15.42
CA ALA E 191 1.72 -24.99 14.83
C ALA E 191 0.55 -24.97 15.81
N ASN E 192 0.82 -25.28 17.07
CA ASN E 192 -0.22 -25.23 18.09
CA ASN E 192 -0.22 -25.23 18.09
C ASN E 192 -0.81 -23.84 18.21
N LEU E 193 0.05 -22.81 18.22
CA LEU E 193 -0.41 -21.42 18.27
C LEU E 193 -1.35 -21.12 17.11
N ASP E 194 -1.01 -21.62 15.91
CA ASP E 194 -1.91 -21.46 14.77
C ASP E 194 -3.26 -22.08 15.05
N LEU E 195 -3.27 -23.32 15.57
CA LEU E 195 -4.52 -24.00 15.85
C LEU E 195 -5.34 -23.25 16.89
N LEU E 196 -4.68 -22.61 17.85
CA LEU E 196 -5.38 -21.96 18.94
C LEU E 196 -5.93 -20.59 18.59
N GLY E 197 -5.52 -20.00 17.46
CA GLY E 197 -6.10 -18.74 17.01
C GLY E 197 -5.09 -17.67 16.65
N TRP E 198 -3.80 -17.99 16.69
CA TRP E 198 -2.74 -17.02 16.42
C TRP E 198 -2.08 -17.23 15.05
N SER E 199 -2.82 -17.81 14.09
CA SER E 199 -2.20 -18.16 12.81
C SER E 199 -1.72 -16.93 12.04
N GLU E 200 -2.35 -15.78 12.27
CA GLU E 200 -1.99 -14.55 11.57
C GLU E 200 -1.04 -13.68 12.36
N ILE E 201 -0.51 -14.18 13.48
CA ILE E 201 0.27 -13.36 14.40
C ILE E 201 1.67 -13.95 14.51
N ASP E 202 2.67 -13.12 14.24
CA ASP E 202 4.04 -13.41 14.65
C ASP E 202 4.13 -13.13 16.14
N ILE E 203 4.12 -14.19 16.96
CA ILE E 203 4.05 -13.99 18.40
C ILE E 203 5.29 -13.26 18.92
N PHE E 204 6.40 -13.27 18.17
CA PHE E 204 7.64 -12.64 18.61
C PHE E 204 7.82 -11.20 18.14
N ALA E 205 6.89 -10.67 17.36
CA ALA E 205 6.99 -9.32 16.84
C ALA E 205 6.67 -8.29 17.92
N HIS E 206 7.29 -7.11 17.80
CA HIS E 206 6.93 -6.00 18.68
C HIS E 206 5.50 -5.56 18.44
N SER E 207 5.11 -5.43 17.18
CA SER E 207 3.77 -5.01 16.80
C SER E 207 3.42 -5.51 15.42
N SER F 1 6.55 0.38 -44.82
CA SER F 1 7.99 0.12 -44.79
C SER F 1 8.79 1.38 -45.12
N MET F 2 10.11 1.22 -45.28
CA MET F 2 10.98 2.34 -45.62
C MET F 2 10.62 3.02 -46.93
N THR F 3 9.95 2.30 -47.86
CA THR F 3 9.52 2.95 -49.10
C THR F 3 8.59 4.13 -48.84
N GLU F 4 7.99 4.21 -47.65
CA GLU F 4 7.05 5.26 -47.32
C GLU F 4 7.43 5.95 -46.00
N ILE F 5 8.72 5.98 -45.68
CA ILE F 5 9.22 6.77 -44.55
C ILE F 5 10.29 7.72 -45.07
N ARG F 6 10.08 9.01 -44.81
CA ARG F 6 11.04 10.05 -45.17
C ARG F 6 11.69 10.57 -43.90
N VAL F 7 13.01 10.60 -43.85
CA VAL F 7 13.75 11.01 -42.68
C VAL F 7 14.39 12.38 -42.95
N HIS F 8 14.24 13.31 -42.00
CA HIS F 8 14.70 14.68 -42.16
C HIS F 8 15.54 15.08 -40.96
N GLN F 9 16.44 16.03 -41.19
CA GLN F 9 17.21 16.65 -40.11
C GLN F 9 16.61 18.02 -39.83
N GLY F 10 16.15 18.23 -38.61
CA GLY F 10 15.74 19.55 -38.16
C GLY F 10 14.30 19.95 -38.42
N ASP F 11 13.83 19.79 -39.66
CA ASP F 11 12.50 20.26 -40.05
C ASP F 11 12.07 19.54 -41.32
N LEU F 12 10.78 19.55 -41.60
CA LEU F 12 10.29 19.26 -42.94
C LEU F 12 10.92 20.22 -43.95
N PRO F 13 11.27 19.75 -45.14
CA PRO F 13 11.70 20.69 -46.19
C PRO F 13 10.59 21.62 -46.65
N ASN F 14 9.35 21.16 -46.64
CA ASN F 14 8.19 21.96 -47.07
C ASN F 14 6.94 21.27 -46.54
N LEU F 15 5.78 21.85 -46.84
CA LEU F 15 4.51 21.29 -46.39
C LEU F 15 3.72 20.64 -47.53
N ASP F 16 4.41 20.24 -48.62
CA ASP F 16 3.71 19.72 -49.79
C ASP F 16 2.85 18.51 -49.45
N ASN F 17 3.26 17.71 -48.48
CA ASN F 17 2.53 16.51 -48.08
C ASN F 17 1.56 16.77 -46.95
N TYR F 18 1.40 18.02 -46.51
CA TYR F 18 0.56 18.33 -45.36
C TYR F 18 -0.46 19.43 -45.67
N ARG F 19 -0.90 19.51 -46.93
CA ARG F 19 -2.04 20.36 -47.27
C ARG F 19 -3.32 19.55 -47.00
N ILE F 20 -3.60 19.36 -45.71
CA ILE F 20 -4.64 18.45 -45.24
C ILE F 20 -5.31 19.07 -44.02
N ASP F 21 -6.45 18.48 -43.62
CA ASP F 21 -7.25 18.96 -42.50
CA ASP F 21 -7.19 19.02 -42.49
C ASP F 21 -6.84 18.37 -41.15
N ALA F 22 -6.06 17.29 -41.15
CA ALA F 22 -5.65 16.66 -39.89
C ALA F 22 -4.32 15.95 -40.08
N VAL F 23 -3.44 16.05 -39.09
CA VAL F 23 -2.12 15.44 -39.18
C VAL F 23 -1.86 14.65 -37.90
N ALA F 24 -1.33 13.43 -38.07
CA ALA F 24 -0.94 12.58 -36.96
C ALA F 24 0.46 12.95 -36.49
N VAL F 25 0.63 13.16 -35.18
CA VAL F 25 1.87 13.66 -34.59
C VAL F 25 2.29 12.77 -33.44
N ASP F 26 3.59 12.48 -33.35
CA ASP F 26 4.18 11.86 -32.17
C ASP F 26 5.59 12.42 -31.98
N THR F 27 6.17 12.15 -30.82
CA THR F 27 7.52 12.58 -30.48
C THR F 27 8.32 11.40 -29.93
N GLU F 28 9.65 11.50 -30.04
CA GLU F 28 10.54 10.66 -29.23
C GLU F 28 11.51 11.58 -28.52
N THR F 29 11.85 11.23 -27.27
CA THR F 29 12.65 12.06 -26.38
C THR F 29 13.65 11.18 -25.63
N LEU F 30 14.49 11.82 -24.80
CA LEU F 30 15.38 11.10 -23.90
C LEU F 30 14.68 10.71 -22.60
N GLY F 31 13.39 10.93 -22.48
CA GLY F 31 12.70 10.59 -21.25
C GLY F 31 11.44 11.43 -21.11
N LEU F 32 10.79 11.25 -19.96
CA LEU F 32 9.45 11.79 -19.76
C LEU F 32 9.43 13.10 -18.98
N GLN F 33 10.58 13.72 -18.74
CA GLN F 33 10.64 14.96 -17.98
C GLN F 33 11.13 16.08 -18.91
N PRO F 34 10.22 16.91 -19.41
CA PRO F 34 10.62 17.82 -20.51
C PRO F 34 11.72 18.79 -20.14
N HIS F 35 11.82 19.21 -18.87
CA HIS F 35 12.86 20.14 -18.50
C HIS F 35 14.25 19.51 -18.46
N ARG F 36 14.33 18.18 -18.41
CA ARG F 36 15.62 17.46 -18.41
C ARG F 36 15.89 16.72 -19.71
N ASP F 37 14.85 16.14 -20.33
CA ASP F 37 14.99 15.18 -21.43
C ASP F 37 14.57 15.86 -22.73
N ARG F 38 15.53 16.04 -23.63
CA ARG F 38 15.26 16.83 -24.81
C ARG F 38 14.38 16.09 -25.82
N LEU F 39 13.66 16.87 -26.62
CA LEU F 39 13.01 16.35 -27.82
C LEU F 39 14.07 15.89 -28.81
N CYS F 40 13.93 14.65 -29.29
CA CYS F 40 14.86 14.03 -30.23
C CYS F 40 14.28 13.79 -31.60
N VAL F 41 13.01 13.40 -31.69
CA VAL F 41 12.36 13.09 -32.96
C VAL F 41 10.93 13.60 -32.91
N VAL F 42 10.45 14.10 -34.05
CA VAL F 42 9.04 14.39 -34.25
C VAL F 42 8.61 13.60 -35.48
N GLN F 43 7.49 12.88 -35.35
CA GLN F 43 6.97 12.07 -36.44
C GLN F 43 5.62 12.62 -36.89
N LEU F 44 5.38 12.58 -38.20
CA LEU F 44 4.16 13.10 -38.79
C LEU F 44 3.61 12.08 -39.79
N SER F 45 2.29 12.03 -39.90
CA SER F 45 1.68 11.33 -41.02
C SER F 45 0.44 12.08 -41.48
N SER F 46 0.23 12.09 -42.80
CA SER F 46 -0.97 12.65 -43.40
C SER F 46 -2.14 11.69 -43.40
N GLY F 47 -1.93 10.44 -43.00
CA GLY F 47 -2.96 9.44 -43.11
C GLY F 47 -2.92 8.65 -44.40
N ASP F 48 -1.97 8.93 -45.28
CA ASP F 48 -1.87 8.24 -46.55
C ASP F 48 -0.94 7.02 -46.49
N GLY F 49 -0.51 6.61 -45.30
CA GLY F 49 0.37 5.48 -45.17
C GLY F 49 1.85 5.82 -45.16
N THR F 50 2.20 7.08 -45.37
CA THR F 50 3.59 7.52 -45.32
C THR F 50 3.81 8.29 -44.03
N ALA F 51 5.07 8.39 -43.62
CA ALA F 51 5.42 9.15 -42.44
C ALA F 51 6.67 9.96 -42.70
N ASP F 52 6.76 11.09 -42.00
CA ASP F 52 7.97 11.91 -41.95
C ASP F 52 8.54 11.81 -40.55
N VAL F 53 9.82 11.47 -40.47
CA VAL F 53 10.52 11.28 -39.21
C VAL F 53 11.59 12.35 -39.17
N ILE F 54 11.45 13.32 -38.25
CA ILE F 54 12.29 14.52 -38.20
C ILE F 54 13.18 14.43 -36.97
N GLN F 55 14.49 14.34 -37.20
CA GLN F 55 15.43 14.34 -36.08
C GLN F 55 15.66 15.77 -35.60
N ILE F 56 15.48 15.97 -34.30
CA ILE F 56 15.64 17.26 -33.66
C ILE F 56 17.01 17.30 -32.98
N ALA F 57 17.79 18.34 -33.26
CA ALA F 57 19.13 18.42 -32.70
C ALA F 57 19.09 18.93 -31.26
N LYS F 58 20.13 18.59 -30.49
CA LYS F 58 20.28 19.17 -29.17
C LYS F 58 20.41 20.69 -29.29
N GLY F 59 19.64 21.41 -28.47
CA GLY F 59 19.65 22.86 -28.51
C GLY F 59 18.79 23.49 -29.57
N GLN F 60 18.17 22.70 -30.44
CA GLN F 60 17.35 23.26 -31.51
C GLN F 60 16.11 23.92 -30.92
N LYS F 61 15.84 25.16 -31.32
CA LYS F 61 14.70 25.89 -30.80
C LYS F 61 13.63 26.18 -31.84
N SER F 62 13.90 25.90 -33.12
CA SER F 62 13.00 26.30 -34.20
C SER F 62 12.88 25.20 -35.24
N ALA F 63 11.72 25.17 -35.88
CA ALA F 63 11.46 24.29 -37.01
C ALA F 63 10.25 24.87 -37.72
N PRO F 64 10.44 25.91 -38.53
CA PRO F 64 9.28 26.72 -38.96
C PRO F 64 8.23 25.95 -39.73
N ASN F 65 8.59 24.92 -40.51
CA ASN F 65 7.55 24.27 -41.29
C ASN F 65 6.71 23.36 -40.39
N LEU F 66 7.37 22.54 -39.57
CA LEU F 66 6.66 21.77 -38.55
C LEU F 66 5.84 22.68 -37.65
N VAL F 67 6.42 23.80 -37.20
CA VAL F 67 5.71 24.65 -36.25
C VAL F 67 4.53 25.34 -36.89
N ARG F 68 4.62 25.66 -38.19
CA ARG F 68 3.44 26.15 -38.89
C ARG F 68 2.29 25.15 -38.83
N LEU F 69 2.57 23.87 -39.11
CA LEU F 69 1.54 22.84 -38.96
C LEU F 69 0.98 22.83 -37.55
N LEU F 70 1.86 22.87 -36.55
CA LEU F 70 1.41 22.84 -35.16
C LEU F 70 0.57 24.06 -34.81
N SER F 71 0.81 25.20 -35.47
CA SER F 71 0.10 26.45 -35.20
C SER F 71 -1.14 26.63 -36.06
N ASP F 72 -1.29 25.87 -37.14
CA ASP F 72 -2.36 26.10 -38.10
C ASP F 72 -3.67 25.61 -37.51
N ARG F 73 -4.57 26.54 -37.17
CA ARG F 73 -5.82 26.16 -36.53
C ARG F 73 -6.77 25.43 -37.47
N ASP F 74 -6.50 25.41 -38.77
CA ASP F 74 -7.33 24.66 -39.70
C ASP F 74 -6.91 23.20 -39.82
N ILE F 75 -5.85 22.80 -39.14
CA ILE F 75 -5.36 21.43 -39.17
C ILE F 75 -5.49 20.87 -37.76
N THR F 76 -6.28 19.81 -37.61
CA THR F 76 -6.35 19.12 -36.32
C THR F 76 -5.10 18.27 -36.13
N LYS F 77 -4.42 18.42 -34.99
CA LYS F 77 -3.29 17.56 -34.66
C LYS F 77 -3.80 16.34 -33.88
N ILE F 78 -3.56 15.15 -34.40
CA ILE F 78 -3.97 13.91 -33.77
C ILE F 78 -2.78 13.32 -33.03
N PHE F 79 -2.97 13.03 -31.74
CA PHE F 79 -1.95 12.37 -30.94
C PHE F 79 -2.54 11.13 -30.26
N HIS F 80 -1.67 10.22 -29.86
CA HIS F 80 -2.00 9.29 -28.79
C HIS F 80 -1.30 9.75 -27.53
N PHE F 81 -2.08 10.08 -26.50
CA PHE F 81 -1.59 10.74 -25.28
C PHE F 81 -0.88 12.05 -25.65
N GLY F 82 -1.64 12.94 -26.27
CA GLY F 82 -1.13 14.26 -26.61
C GLY F 82 -0.72 15.08 -25.42
N ARG F 83 -1.19 14.72 -24.21
CA ARG F 83 -0.78 15.43 -23.01
C ARG F 83 0.74 15.55 -22.94
N PHE F 84 1.45 14.48 -23.27
CA PHE F 84 2.90 14.55 -23.21
C PHE F 84 3.46 15.27 -24.43
N ASP F 85 3.04 14.88 -25.63
CA ASP F 85 3.62 15.45 -26.85
C ASP F 85 3.42 16.95 -26.89
N LEU F 86 2.23 17.43 -26.47
CA LEU F 86 1.98 18.87 -26.43
C LEU F 86 2.96 19.57 -25.51
N ALA F 87 3.30 18.95 -24.37
CA ALA F 87 4.22 19.58 -23.43
C ALA F 87 5.62 19.69 -24.04
N ILE F 88 6.17 18.59 -24.57
CA ILE F 88 7.54 18.65 -25.06
C ILE F 88 7.64 19.55 -26.30
N LEU F 89 6.62 19.53 -27.16
CA LEU F 89 6.62 20.40 -28.33
C LEU F 89 6.54 21.88 -27.95
N ALA F 90 5.61 22.22 -27.04
CA ALA F 90 5.54 23.60 -26.57
C ALA F 90 6.80 24.02 -25.84
N HIS F 91 7.36 23.13 -25.03
CA HIS F 91 8.59 23.46 -24.31
C HIS F 91 9.75 23.70 -25.27
N THR F 92 9.83 22.91 -26.35
CA THR F 92 10.99 23.00 -27.25
C THR F 92 10.84 24.16 -28.22
N PHE F 93 9.67 24.34 -28.82
CA PHE F 93 9.49 25.30 -29.89
C PHE F 93 8.74 26.55 -29.49
N GLY F 94 8.22 26.60 -28.26
CA GLY F 94 7.54 27.77 -27.75
C GLY F 94 6.15 27.98 -28.30
N VAL F 95 5.54 26.96 -28.89
CA VAL F 95 4.20 27.06 -29.45
C VAL F 95 3.38 25.89 -28.94
N MET F 96 2.19 26.18 -28.42
CA MET F 96 1.30 25.15 -27.92
C MET F 96 0.18 24.91 -28.92
N PRO F 97 0.15 23.80 -29.63
CA PRO F 97 -0.98 23.52 -30.52
C PRO F 97 -2.30 23.58 -29.75
N ASP F 98 -3.35 24.07 -30.41
CA ASP F 98 -4.62 24.26 -29.73
C ASP F 98 -5.81 23.66 -30.45
N VAL F 99 -5.61 22.93 -31.54
CA VAL F 99 -6.68 22.18 -32.20
C VAL F 99 -6.20 20.74 -32.24
N VAL F 100 -6.74 19.89 -31.36
CA VAL F 100 -6.16 18.57 -31.13
C VAL F 100 -7.24 17.51 -30.99
N PHE F 101 -6.84 16.27 -31.23
CA PHE F 101 -7.62 15.07 -30.97
C PHE F 101 -6.66 14.07 -30.35
N CYS F 102 -7.05 13.43 -29.24
CA CYS F 102 -6.21 12.47 -28.55
C CYS F 102 -6.91 11.12 -28.51
N THR F 103 -6.24 10.09 -29.04
CA THR F 103 -6.84 8.76 -29.08
C THR F 103 -6.87 8.11 -27.69
N LYS F 104 -6.01 8.54 -26.77
CA LYS F 104 -6.08 7.98 -25.42
C LYS F 104 -7.32 8.48 -24.69
N ILE F 105 -7.55 9.79 -24.73
CA ILE F 105 -8.78 10.34 -24.14
C ILE F 105 -9.99 9.75 -24.85
N ALA F 106 -9.94 9.64 -26.17
CA ALA F 106 -11.07 9.08 -26.91
C ALA F 106 -11.33 7.63 -26.47
N SER F 107 -10.26 6.85 -26.27
CA SER F 107 -10.40 5.48 -25.80
C SER F 107 -11.06 5.43 -24.42
N LYS F 108 -10.61 6.29 -23.51
CA LYS F 108 -11.17 6.29 -22.16
C LYS F 108 -12.65 6.67 -22.16
N LEU F 109 -13.10 7.42 -23.16
CA LEU F 109 -14.49 7.84 -23.28
C LEU F 109 -15.36 6.85 -24.05
N THR F 110 -14.76 5.84 -24.68
CA THR F 110 -15.52 4.92 -25.52
C THR F 110 -15.25 3.45 -25.21
N ARG F 111 -14.00 3.09 -24.93
CA ARG F 111 -13.71 1.70 -24.58
C ARG F 111 -13.88 1.54 -23.07
N THR F 112 -15.14 1.67 -22.66
CA THR F 112 -15.53 1.62 -21.25
C THR F 112 -15.49 0.22 -20.67
N TYR F 113 -15.17 -0.80 -21.48
CA TYR F 113 -15.14 -2.18 -21.07
C TYR F 113 -13.73 -2.69 -20.76
N THR F 114 -12.76 -1.78 -20.67
CA THR F 114 -11.38 -2.17 -20.43
C THR F 114 -10.65 -1.02 -19.76
N ASP F 115 -9.55 -1.36 -19.09
CA ASP F 115 -8.66 -0.35 -18.54
C ASP F 115 -7.36 -0.25 -19.32
N ARG F 116 -7.27 -0.91 -20.47
CA ARG F 116 -6.06 -0.90 -21.28
C ARG F 116 -6.30 0.06 -22.45
N HIS F 117 -5.70 1.25 -22.35
CA HIS F 117 -5.90 2.32 -23.30
C HIS F 117 -4.60 2.70 -24.01
N GLY F 118 -3.62 1.79 -24.03
CA GLY F 118 -2.40 2.05 -24.76
C GLY F 118 -2.60 1.86 -26.25
N LEU F 119 -1.68 2.47 -27.02
CA LEU F 119 -1.80 2.44 -28.47
C LEU F 119 -1.74 1.03 -29.02
N LYS F 120 -0.84 0.20 -28.49
CA LYS F 120 -0.73 -1.16 -28.99
C LYS F 120 -2.05 -1.91 -28.83
N GLU F 121 -2.64 -1.82 -27.64
CA GLU F 121 -3.91 -2.49 -27.38
CA GLU F 121 -3.91 -2.50 -27.39
C GLU F 121 -5.02 -1.93 -28.27
N ILE F 122 -5.03 -0.63 -28.49
CA ILE F 122 -6.09 -0.02 -29.31
C ILE F 122 -5.95 -0.43 -30.76
N CYS F 123 -4.72 -0.40 -31.30
CA CYS F 123 -4.52 -0.79 -32.68
C CYS F 123 -4.84 -2.26 -32.89
N GLY F 124 -4.55 -3.09 -31.89
CA GLY F 124 -4.91 -4.50 -31.99
C GLY F 124 -6.41 -4.69 -32.04
N GLU F 125 -7.12 -4.04 -31.13
CA GLU F 125 -8.56 -4.26 -31.02
C GLU F 125 -9.31 -3.63 -32.19
N LEU F 126 -8.97 -2.38 -32.53
CA LEU F 126 -9.78 -1.65 -33.51
C LEU F 126 -9.38 -1.94 -34.95
N LEU F 127 -8.12 -2.22 -35.21
CA LEU F 127 -7.62 -2.34 -36.58
C LEU F 127 -6.98 -3.68 -36.90
N ASN F 128 -6.85 -4.59 -35.92
CA ASN F 128 -6.11 -5.83 -36.13
CA ASN F 128 -6.10 -5.83 -36.10
C ASN F 128 -4.69 -5.56 -36.59
N VAL F 129 -4.11 -4.45 -36.14
CA VAL F 129 -2.75 -4.03 -36.51
C VAL F 129 -1.82 -4.30 -35.33
N ASN F 130 -0.67 -4.87 -35.62
CA ASN F 130 0.30 -5.24 -34.59
C ASN F 130 1.34 -4.15 -34.46
N ILE F 131 1.51 -3.65 -33.23
CA ILE F 131 2.49 -2.62 -32.91
C ILE F 131 3.50 -3.24 -31.97
N SER F 132 4.79 -3.12 -32.31
CA SER F 132 5.85 -3.58 -31.43
C SER F 132 6.40 -2.41 -30.64
N LYS F 133 6.50 -2.58 -29.31
CA LYS F 133 7.00 -1.54 -28.42
C LYS F 133 8.50 -1.68 -28.14
N GLN F 134 9.19 -2.58 -28.86
CA GLN F 134 10.56 -2.93 -28.53
C GLN F 134 11.51 -1.73 -28.57
N GLN F 135 11.38 -0.86 -29.57
CA GLN F 135 12.32 0.25 -29.68
C GLN F 135 11.96 1.44 -28.80
N GLN F 136 10.88 1.37 -28.00
CA GLN F 136 10.48 2.50 -27.18
C GLN F 136 11.59 2.90 -26.20
N SER F 137 12.25 1.91 -25.58
CA SER F 137 13.37 2.15 -24.67
C SER F 137 14.68 2.03 -25.44
N SER F 138 15.03 3.10 -26.16
CA SER F 138 16.25 3.17 -26.95
C SER F 138 16.81 4.58 -26.88
N ASP F 139 18.03 4.76 -27.38
CA ASP F 139 18.67 6.08 -27.38
C ASP F 139 18.16 6.87 -28.58
N TRP F 140 17.09 7.64 -28.36
CA TRP F 140 16.49 8.44 -29.41
C TRP F 140 17.34 9.65 -29.79
N ALA F 141 18.38 9.94 -29.02
CA ALA F 141 19.25 11.08 -29.27
C ALA F 141 20.42 10.73 -30.19
N ALA F 142 20.51 9.48 -30.62
CA ALA F 142 21.62 9.04 -31.46
C ALA F 142 21.69 9.86 -32.75
N GLU F 143 22.92 10.17 -33.18
CA GLU F 143 23.08 10.89 -34.43
C GLU F 143 22.38 10.18 -35.58
N THR F 144 22.52 8.85 -35.66
CA THR F 144 21.90 8.03 -36.69
C THR F 144 20.94 7.04 -36.06
N LEU F 145 19.65 7.16 -36.37
CA LEU F 145 18.67 6.21 -35.87
C LEU F 145 18.77 4.90 -36.64
N SER F 146 18.55 3.79 -35.92
CA SER F 146 18.53 2.51 -36.62
C SER F 146 17.27 2.38 -37.47
N ARG F 147 17.28 1.42 -38.39
CA ARG F 147 16.09 1.18 -39.20
C ARG F 147 14.92 0.77 -38.31
N ALA F 148 15.20 -0.04 -37.29
CA ALA F 148 14.14 -0.43 -36.36
C ALA F 148 13.59 0.77 -35.61
N GLN F 149 14.47 1.72 -35.24
CA GLN F 149 13.97 2.93 -34.60
C GLN F 149 13.09 3.73 -35.56
N ILE F 150 13.53 3.90 -36.80
CA ILE F 150 12.78 4.69 -37.76
C ILE F 150 11.41 4.06 -38.03
N GLU F 151 11.36 2.74 -38.21
CA GLU F 151 10.08 2.09 -38.48
C GLU F 151 9.18 2.12 -37.26
N TYR F 152 9.75 1.98 -36.05
CA TYR F 152 8.94 2.12 -34.85
C TYR F 152 8.36 3.53 -34.73
N ALA F 153 9.22 4.54 -34.89
CA ALA F 153 8.75 5.92 -34.80
C ALA F 153 7.63 6.20 -35.80
N ALA F 154 7.78 5.67 -37.02
CA ALA F 154 6.77 5.91 -38.05
C ALA F 154 5.48 5.18 -37.75
N SER F 155 5.55 3.99 -37.16
CA SER F 155 4.33 3.22 -36.89
C SER F 155 3.43 3.90 -35.87
N ASP F 156 3.97 4.77 -35.02
CA ASP F 156 3.18 5.46 -34.02
C ASP F 156 2.24 6.51 -34.61
N VAL F 157 2.46 6.93 -35.85
CA VAL F 157 1.58 7.91 -36.48
C VAL F 157 0.80 7.35 -37.66
N LEU F 158 1.16 6.17 -38.16
CA LEU F 158 0.52 5.66 -39.37
C LEU F 158 -0.95 5.31 -39.19
N TYR F 159 -1.42 5.11 -37.95
CA TYR F 159 -2.76 4.60 -37.74
C TYR F 159 -3.69 5.56 -37.04
N LEU F 160 -3.23 6.76 -36.70
CA LEU F 160 -4.03 7.62 -35.83
C LEU F 160 -5.23 8.22 -36.55
N HIS F 161 -5.13 8.46 -37.87
CA HIS F 161 -6.30 8.90 -38.63
C HIS F 161 -7.40 7.85 -38.57
N ARG F 162 -7.05 6.58 -38.81
CA ARG F 162 -8.05 5.52 -38.80
C ARG F 162 -8.64 5.34 -37.40
N LEU F 163 -7.80 5.40 -36.37
CA LEU F 163 -8.31 5.35 -35.00
C LEU F 163 -9.24 6.52 -34.73
N LYS F 164 -8.87 7.72 -35.20
CA LYS F 164 -9.72 8.89 -34.96
C LYS F 164 -11.09 8.72 -35.62
N ASP F 165 -11.12 8.17 -36.83
CA ASP F 165 -12.40 7.97 -37.50
C ASP F 165 -13.29 7.03 -36.70
N ILE F 166 -12.72 5.92 -36.22
CA ILE F 166 -13.50 4.95 -35.46
C ILE F 166 -13.97 5.54 -34.13
N PHE F 167 -13.07 6.24 -33.43
CA PHE F 167 -13.46 6.85 -32.15
C PHE F 167 -14.54 7.90 -32.34
N GLU F 168 -14.48 8.65 -33.45
CA GLU F 168 -15.54 9.63 -33.72
C GLU F 168 -16.88 8.93 -33.93
N GLU F 169 -16.87 7.78 -34.58
CA GLU F 169 -18.10 6.97 -34.70
C GLU F 169 -18.63 6.56 -33.33
N ARG F 170 -17.73 6.10 -32.45
CA ARG F 170 -18.16 5.65 -31.13
C ARG F 170 -18.66 6.82 -30.29
N LEU F 171 -17.97 7.96 -30.36
CA LEU F 171 -18.40 9.13 -29.58
C LEU F 171 -19.79 9.59 -30.03
N LYS F 172 -20.03 9.56 -31.35
CA LYS F 172 -21.38 9.86 -31.85
C LYS F 172 -22.39 8.81 -31.37
N ARG F 173 -22.02 7.53 -31.41
CA ARG F 173 -22.94 6.46 -31.03
C ARG F 173 -23.38 6.60 -29.58
N GLU F 174 -22.43 6.86 -28.68
CA GLU F 174 -22.71 6.97 -27.26
C GLU F 174 -23.00 8.41 -26.82
N GLU F 175 -23.11 9.33 -27.78
CA GLU F 175 -23.56 10.71 -27.52
C GLU F 175 -22.61 11.43 -26.57
N ARG F 176 -21.31 11.31 -26.84
CA ARG F 176 -20.29 11.90 -26.00
C ARG F 176 -19.41 12.88 -26.77
N GLU F 177 -19.89 13.39 -27.91
CA GLU F 177 -19.05 14.25 -28.75
C GLU F 177 -18.67 15.54 -28.04
N SER F 178 -19.63 16.16 -27.33
CA SER F 178 -19.31 17.43 -26.70
C SER F 178 -18.42 17.23 -25.47
N VAL F 179 -18.59 16.10 -24.77
CA VAL F 179 -17.66 15.75 -23.70
C VAL F 179 -16.25 15.66 -24.24
N ALA F 180 -16.05 14.90 -25.31
CA ALA F 180 -14.72 14.73 -25.88
C ALA F 180 -14.14 16.07 -26.35
N LYS F 181 -14.97 16.90 -26.99
CA LYS F 181 -14.47 18.18 -27.50
C LYS F 181 -13.98 19.06 -26.36
N ALA F 182 -14.69 19.06 -25.23
CA ALA F 182 -14.25 19.85 -24.08
C ALA F 182 -12.93 19.32 -23.51
N CYS F 183 -12.78 17.99 -23.46
CA CYS F 183 -11.52 17.43 -22.99
C CYS F 183 -10.38 17.83 -23.92
N PHE F 184 -10.61 17.73 -25.24
CA PHE F 184 -9.60 18.14 -26.20
C PHE F 184 -9.28 19.63 -26.09
N GLN F 185 -10.29 20.44 -25.82
CA GLN F 185 -10.07 21.88 -25.67
CA GLN F 185 -10.04 21.88 -25.70
C GLN F 185 -9.20 22.19 -24.47
N PHE F 186 -9.36 21.42 -23.39
CA PHE F 186 -8.55 21.66 -22.19
C PHE F 186 -7.17 21.00 -22.28
N LEU F 187 -7.01 19.98 -23.12
CA LEU F 187 -5.75 19.22 -23.11
C LEU F 187 -4.51 20.10 -23.27
N PRO F 188 -4.46 21.13 -24.12
CA PRO F 188 -3.25 21.98 -24.15
C PRO F 188 -2.95 22.66 -22.83
N MET F 189 -3.97 23.08 -22.09
CA MET F 189 -3.74 23.67 -20.77
C MET F 189 -3.33 22.62 -19.76
N ARG F 190 -3.85 21.38 -19.87
CA ARG F 190 -3.35 20.30 -19.04
C ARG F 190 -1.86 20.10 -19.28
N ALA F 191 -1.43 20.16 -20.54
CA ALA F 191 -0.01 20.08 -20.87
C ALA F 191 0.76 21.26 -20.27
N ASN F 192 0.22 22.48 -20.41
CA ASN F 192 0.88 23.64 -19.82
CA ASN F 192 0.87 23.65 -19.82
C ASN F 192 1.03 23.48 -18.32
N LEU F 193 -0.03 23.01 -17.63
CA LEU F 193 0.04 22.77 -16.20
C LEU F 193 1.20 21.85 -15.86
N ASP F 194 1.42 20.82 -16.68
CA ASP F 194 2.54 19.92 -16.47
C ASP F 194 3.86 20.67 -16.56
N LEU F 195 4.03 21.46 -17.62
CA LEU F 195 5.27 22.23 -17.78
C LEU F 195 5.47 23.22 -16.65
N LEU F 196 4.39 23.79 -16.12
CA LEU F 196 4.52 24.80 -15.07
C LEU F 196 4.79 24.21 -13.69
N GLY F 197 4.61 22.90 -13.52
CA GLY F 197 4.97 22.29 -12.25
C GLY F 197 3.87 21.48 -11.59
N TRP F 198 2.73 21.30 -12.27
CA TRP F 198 1.63 20.52 -11.72
C TRP F 198 1.51 19.16 -12.37
N SER F 199 2.64 18.60 -12.86
CA SER F 199 2.53 17.36 -13.63
C SER F 199 2.09 16.17 -12.78
N GLU F 200 2.29 16.21 -11.46
CA GLU F 200 1.84 15.13 -10.59
C GLU F 200 0.49 15.42 -9.94
N ILE F 201 -0.20 16.47 -10.34
CA ILE F 201 -1.40 16.93 -9.65
C ILE F 201 -2.57 16.82 -10.62
N ASP F 202 -3.61 16.11 -10.21
CA ASP F 202 -4.91 16.21 -10.87
C ASP F 202 -5.55 17.49 -10.34
N ILE F 203 -5.54 18.54 -11.16
CA ILE F 203 -6.00 19.84 -10.68
C ILE F 203 -7.47 19.82 -10.28
N PHE F 204 -8.24 18.84 -10.77
CA PHE F 204 -9.67 18.75 -10.49
C PHE F 204 -10.01 17.86 -9.30
N ALA F 205 -9.03 17.20 -8.70
CA ALA F 205 -9.28 16.31 -7.58
C ALA F 205 -9.63 17.12 -6.33
N HIS F 206 -10.46 16.53 -5.47
CA HIS F 206 -10.69 17.12 -4.15
C HIS F 206 -9.39 17.18 -3.36
N SER F 207 -8.62 16.11 -3.41
CA SER F 207 -7.36 16.01 -2.68
C SER F 207 -6.54 14.85 -3.23
N THR G 3 13.45 39.96 20.90
CA THR G 3 14.32 39.31 19.92
C THR G 3 14.57 40.24 18.73
N GLU G 4 15.83 40.62 18.53
CA GLU G 4 16.18 41.58 17.49
C GLU G 4 16.21 40.89 16.14
N ILE G 5 15.27 41.27 15.27
CA ILE G 5 15.20 40.75 13.91
C ILE G 5 15.26 41.94 12.98
N ARG G 6 16.31 42.00 12.17
CA ARG G 6 16.49 43.06 11.20
C ARG G 6 15.93 42.59 9.86
N VAL G 7 15.04 43.39 9.28
CA VAL G 7 14.35 43.04 8.04
C VAL G 7 14.89 43.93 6.93
N HIS G 8 15.30 43.30 5.83
CA HIS G 8 15.89 44.03 4.71
C HIS G 8 15.15 43.73 3.41
N GLN G 9 15.25 44.67 2.47
CA GLN G 9 14.75 44.46 1.12
C GLN G 9 15.93 44.14 0.22
N GLY G 10 15.89 42.97 -0.40
CA GLY G 10 16.86 42.63 -1.43
C GLY G 10 18.17 42.02 -1.00
N ASP G 11 18.84 42.63 -0.02
CA ASP G 11 20.18 42.21 0.36
C ASP G 11 20.49 42.77 1.75
N LEU G 12 21.49 42.19 2.40
CA LEU G 12 22.09 42.83 3.55
C LEU G 12 22.60 44.21 3.14
N PRO G 13 22.52 45.22 4.00
CA PRO G 13 23.15 46.51 3.68
C PRO G 13 24.66 46.42 3.66
N ASN G 14 25.24 45.55 4.47
CA ASN G 14 26.67 45.37 4.58
C ASN G 14 26.91 44.06 5.34
N LEU G 15 28.18 43.69 5.48
CA LEU G 15 28.56 42.45 6.15
C LEU G 15 29.07 42.67 7.57
N ASP G 16 28.68 43.78 8.20
CA ASP G 16 29.24 44.13 9.50
C ASP G 16 28.92 43.09 10.56
N ASN G 17 27.73 42.49 10.49
CA ASN G 17 27.34 41.48 11.47
C ASN G 17 27.82 40.09 11.11
N TYR G 18 28.55 39.93 10.00
CA TYR G 18 28.87 38.60 9.49
C TYR G 18 30.36 38.45 9.20
N ARG G 19 31.21 39.06 10.02
CA ARG G 19 32.64 38.76 10.02
C ARG G 19 32.88 37.60 10.98
N ILE G 20 32.43 36.41 10.54
CA ILE G 20 32.35 35.23 11.40
C ILE G 20 32.78 34.01 10.59
N ASP G 21 33.05 32.92 11.31
CA ASP G 21 33.48 31.66 10.70
CA ASP G 21 33.47 31.71 10.61
C ASP G 21 32.32 30.79 10.24
N ALA G 22 31.10 31.06 10.70
CA ALA G 22 29.96 30.23 10.36
C ALA G 22 28.69 31.07 10.42
N VAL G 23 27.81 30.88 9.45
CA VAL G 23 26.57 31.64 9.40
C VAL G 23 25.41 30.66 9.21
N ALA G 24 24.34 30.90 9.96
CA ALA G 24 23.12 30.11 9.86
C ALA G 24 22.26 30.68 8.74
N VAL G 25 21.76 29.80 7.87
CA VAL G 25 21.04 30.21 6.67
C VAL G 25 19.76 29.41 6.56
N ASP G 26 18.66 30.08 6.22
CA ASP G 26 17.43 29.41 5.80
C ASP G 26 16.81 30.21 4.66
N THR G 27 15.82 29.61 3.99
CA THR G 27 15.06 30.29 2.94
C THR G 27 13.57 30.07 3.17
N GLU G 28 12.76 31.00 2.62
CA GLU G 28 11.32 30.78 2.48
C GLU G 28 10.95 31.05 1.04
N THR G 29 10.02 30.24 0.51
CA THR G 29 9.66 30.24 -0.89
C THR G 29 8.15 30.07 -1.02
N LEU G 30 7.66 30.12 -2.25
CA LEU G 30 6.24 29.82 -2.48
C LEU G 30 5.96 28.32 -2.57
N GLY G 31 6.96 27.47 -2.36
CA GLY G 31 6.75 26.04 -2.44
C GLY G 31 8.06 25.31 -2.68
N LEU G 32 7.94 23.99 -2.83
CA LEU G 32 9.11 23.13 -2.84
C LEU G 32 9.65 22.85 -4.25
N GLN G 33 9.17 23.56 -5.27
CA GLN G 33 9.62 23.31 -6.63
C GLN G 33 10.35 24.54 -7.17
N PRO G 34 11.69 24.56 -7.12
CA PRO G 34 12.42 25.80 -7.44
C PRO G 34 12.15 26.34 -8.84
N HIS G 35 11.81 25.48 -9.78
CA HIS G 35 11.51 25.97 -11.12
C HIS G 35 10.16 26.66 -11.20
N ARG G 36 9.29 26.46 -10.21
CA ARG G 36 8.01 27.16 -10.21
C ARG G 36 7.89 28.18 -9.08
N ASP G 37 8.45 27.86 -7.92
CA ASP G 37 8.17 28.54 -6.66
C ASP G 37 9.36 29.42 -6.31
N ARG G 38 9.16 30.74 -6.37
CA ARG G 38 10.29 31.65 -6.31
C ARG G 38 10.83 31.75 -4.89
N LEU G 39 12.11 32.11 -4.80
CA LEU G 39 12.71 32.47 -3.53
C LEU G 39 12.11 33.79 -3.05
N CYS G 40 11.59 33.79 -1.82
CA CYS G 40 10.93 34.96 -1.26
C CYS G 40 11.68 35.61 -0.12
N VAL G 41 12.35 34.81 0.72
CA VAL G 41 13.01 35.28 1.93
C VAL G 41 14.29 34.47 2.10
N VAL G 42 15.36 35.16 2.50
CA VAL G 42 16.57 34.52 2.99
C VAL G 42 16.80 35.01 4.41
N GLN G 43 17.00 34.07 5.34
CA GLN G 43 17.27 34.38 6.74
C GLN G 43 18.70 34.04 7.09
N LEU G 44 19.30 34.86 7.95
CA LEU G 44 20.69 34.70 8.36
C LEU G 44 20.80 34.99 9.84
N SER G 45 21.70 34.28 10.50
CA SER G 45 22.03 34.61 11.87
C SER G 45 23.51 34.33 12.09
N SER G 46 24.16 35.22 12.82
CA SER G 46 25.54 35.01 13.25
C SER G 46 25.62 34.13 14.49
N GLY G 47 24.49 33.72 15.05
CA GLY G 47 24.47 32.97 16.30
C GLY G 47 24.50 33.81 17.55
N ASP G 48 24.32 35.13 17.46
CA ASP G 48 24.33 35.99 18.62
C ASP G 48 22.95 36.25 19.20
N GLY G 49 21.93 35.49 18.79
CA GLY G 49 20.59 35.73 19.26
C GLY G 49 19.80 36.74 18.46
N THR G 50 20.36 37.26 17.38
CA THR G 50 19.65 38.15 16.46
C THR G 50 19.60 37.50 15.09
N ALA G 51 18.77 38.05 14.21
CA ALA G 51 18.65 37.51 12.87
C ALA G 51 18.38 38.62 11.87
N ASP G 52 18.77 38.34 10.63
CA ASP G 52 18.48 39.19 9.49
C ASP G 52 17.51 38.44 8.58
N VAL G 53 16.43 39.10 8.21
CA VAL G 53 15.40 38.54 7.34
C VAL G 53 15.41 39.36 6.06
N ILE G 54 15.81 38.75 4.95
CA ILE G 54 15.96 39.45 3.68
C ILE G 54 14.81 39.05 2.76
N GLN G 55 13.96 40.02 2.40
CA GLN G 55 12.91 39.76 1.42
C GLN G 55 13.49 39.86 0.01
N ILE G 56 13.29 38.81 -0.77
CA ILE G 56 13.76 38.73 -2.15
C ILE G 56 12.60 39.06 -3.08
N ALA G 57 12.81 40.02 -3.99
CA ALA G 57 11.75 40.43 -4.88
C ALA G 57 11.56 39.41 -6.00
N LYS G 58 10.34 39.39 -6.55
CA LYS G 58 10.09 38.60 -7.75
C LYS G 58 11.01 39.08 -8.87
N GLY G 59 11.66 38.14 -9.55
CA GLY G 59 12.59 38.49 -10.60
C GLY G 59 13.95 38.96 -10.15
N GLN G 60 14.24 38.95 -8.86
CA GLN G 60 15.52 39.43 -8.37
C GLN G 60 16.63 38.45 -8.71
N LYS G 61 17.68 38.94 -9.38
CA LYS G 61 18.72 38.08 -9.91
C LYS G 61 20.02 38.13 -9.10
N SER G 62 20.20 39.12 -8.24
CA SER G 62 21.47 39.26 -7.55
C SER G 62 21.25 39.77 -6.13
N ALA G 63 22.22 39.46 -5.27
CA ALA G 63 22.20 39.89 -3.87
C ALA G 63 23.63 39.89 -3.39
N PRO G 64 24.41 40.91 -3.76
CA PRO G 64 25.87 40.80 -3.66
C PRO G 64 26.41 40.49 -2.27
N ASN G 65 25.83 41.09 -1.23
CA ASN G 65 26.37 40.86 0.11
C ASN G 65 26.08 39.43 0.57
N LEU G 66 24.81 39.00 0.44
CA LEU G 66 24.46 37.62 0.76
C LEU G 66 25.29 36.63 -0.05
N VAL G 67 25.43 36.88 -1.35
CA VAL G 67 26.19 35.97 -2.20
C VAL G 67 27.67 35.95 -1.80
N ARG G 68 28.20 37.08 -1.33
CA ARG G 68 29.56 37.07 -0.80
C ARG G 68 29.70 36.06 0.34
N LEU G 69 28.75 36.03 1.26
CA LEU G 69 28.81 35.03 2.32
C LEU G 69 28.70 33.62 1.74
N LEU G 70 27.73 33.40 0.85
CA LEU G 70 27.51 32.08 0.28
C LEU G 70 28.74 31.55 -0.45
N SER G 71 29.56 32.44 -1.04
CA SER G 71 30.75 32.04 -1.78
CA SER G 71 30.74 31.99 -1.77
C SER G 71 32.01 31.98 -0.93
N ASP G 72 31.98 32.52 0.29
CA ASP G 72 33.18 32.64 1.11
C ASP G 72 33.56 31.26 1.66
N ARG G 73 34.63 30.66 1.12
CA ARG G 73 35.05 29.33 1.53
C ARG G 73 35.56 29.28 2.96
N ASP G 74 35.80 30.42 3.60
CA ASP G 74 36.20 30.47 5.00
C ASP G 74 35.02 30.55 5.95
N ILE G 75 33.78 30.54 5.43
CA ILE G 75 32.60 30.63 6.27
C ILE G 75 31.78 29.37 6.02
N THR G 76 31.54 28.61 7.08
CA THR G 76 30.64 27.47 6.97
C THR G 76 29.21 27.97 6.96
N LYS G 77 28.45 27.57 5.93
CA LYS G 77 27.02 27.85 5.89
C LYS G 77 26.29 26.71 6.60
N ILE G 78 25.58 27.04 7.67
CA ILE G 78 24.82 26.06 8.46
C ILE G 78 23.38 26.12 8.01
N PHE G 79 22.84 24.97 7.61
CA PHE G 79 21.44 24.84 7.26
C PHE G 79 20.80 23.76 8.10
N HIS G 80 19.47 23.80 8.19
CA HIS G 80 18.69 22.62 8.50
C HIS G 80 17.99 22.16 7.21
N PHE G 81 18.35 20.98 6.73
CA PHE G 81 17.96 20.48 5.40
C PHE G 81 18.46 21.43 4.30
N GLY G 82 19.78 21.56 4.23
CA GLY G 82 20.40 22.40 3.22
C GLY G 82 20.18 21.91 1.81
N ARG G 83 19.82 20.63 1.63
CA ARG G 83 19.54 20.12 0.29
C ARG G 83 18.59 21.06 -0.44
N PHE G 84 17.55 21.53 0.23
CA PHE G 84 16.62 22.40 -0.45
C PHE G 84 17.16 23.81 -0.57
N ASP G 85 17.64 24.38 0.54
CA ASP G 85 18.13 25.75 0.51
C ASP G 85 19.24 25.93 -0.52
N LEU G 86 20.16 24.97 -0.60
CA LEU G 86 21.25 25.07 -1.57
C LEU G 86 20.71 25.11 -3.00
N ALA G 87 19.68 24.32 -3.28
CA ALA G 87 19.10 24.28 -4.62
C ALA G 87 18.45 25.62 -4.97
N ILE G 88 17.61 26.16 -4.08
CA ILE G 88 16.90 27.38 -4.45
C ILE G 88 17.85 28.56 -4.49
N LEU G 89 18.86 28.60 -3.62
CA LEU G 89 19.82 29.71 -3.67
C LEU G 89 20.64 29.66 -4.95
N ALA G 90 21.16 28.48 -5.30
CA ALA G 90 21.92 28.35 -6.54
C ALA G 90 21.05 28.65 -7.74
N HIS G 91 19.80 28.19 -7.72
CA HIS G 91 18.90 28.46 -8.85
C HIS G 91 18.65 29.95 -9.01
N THR G 92 18.55 30.68 -7.89
CA THR G 92 18.15 32.08 -7.94
C THR G 92 19.33 33.01 -8.22
N PHE G 93 20.45 32.83 -7.51
CA PHE G 93 21.58 33.74 -7.64
C PHE G 93 22.78 33.15 -8.39
N GLY G 94 22.72 31.89 -8.80
CA GLY G 94 23.77 31.30 -9.62
C GLY G 94 25.02 30.86 -8.89
N VAL G 95 25.01 30.86 -7.56
CA VAL G 95 26.17 30.49 -6.76
C VAL G 95 25.80 29.32 -5.86
N MET G 96 26.58 28.26 -5.90
CA MET G 96 26.34 27.10 -5.04
C MET G 96 27.34 27.10 -3.89
N PRO G 97 26.91 27.32 -2.65
CA PRO G 97 27.86 27.19 -1.52
C PRO G 97 28.47 25.80 -1.50
N ASP G 98 29.76 25.72 -1.15
CA ASP G 98 30.41 24.42 -1.04
C ASP G 98 31.09 24.18 0.30
N VAL G 99 30.85 25.02 1.30
CA VAL G 99 31.30 24.78 2.67
C VAL G 99 30.05 24.82 3.52
N VAL G 100 29.55 23.65 3.93
CA VAL G 100 28.23 23.56 4.55
C VAL G 100 28.23 22.61 5.72
N PHE G 101 27.31 22.86 6.66
CA PHE G 101 26.91 21.94 7.72
C PHE G 101 25.39 21.87 7.67
N CYS G 102 24.83 20.65 7.71
CA CYS G 102 23.39 20.47 7.70
C CYS G 102 22.96 19.75 8.98
N THR G 103 22.09 20.38 9.76
CA THR G 103 21.65 19.77 11.00
C THR G 103 20.72 18.59 10.79
N LYS G 104 20.04 18.50 9.64
CA LYS G 104 19.21 17.31 9.43
C LYS G 104 20.08 16.09 9.17
N ILE G 105 21.11 16.24 8.32
CA ILE G 105 22.04 15.14 8.11
C ILE G 105 22.73 14.79 9.42
N ALA G 106 23.16 15.79 10.19
CA ALA G 106 23.81 15.53 11.47
C ALA G 106 22.88 14.79 12.42
N SER G 107 21.60 15.17 12.45
CA SER G 107 20.63 14.46 13.29
C SER G 107 20.51 13.01 12.87
N LYS G 108 20.41 12.76 11.57
CA LYS G 108 20.27 11.39 11.10
C LYS G 108 21.48 10.54 11.43
N LEU G 109 22.65 11.16 11.56
CA LEU G 109 23.87 10.43 11.88
C LEU G 109 24.12 10.28 13.38
N THR G 110 23.36 10.95 14.23
CA THR G 110 23.61 10.95 15.68
C THR G 110 22.37 10.60 16.50
N ARG G 111 21.20 11.10 16.13
CA ARG G 111 19.99 10.79 16.88
C ARG G 111 19.39 9.52 16.29
N THR G 112 20.12 8.43 16.51
CA THR G 112 19.81 7.12 15.94
C THR G 112 18.65 6.43 16.67
N TYR G 113 18.17 7.03 17.74
CA TYR G 113 17.07 6.48 18.53
C TYR G 113 15.71 6.96 18.07
N THR G 114 15.64 7.74 16.99
CA THR G 114 14.38 8.33 16.58
C THR G 114 14.36 8.45 15.06
N ASP G 115 13.15 8.52 14.51
CA ASP G 115 12.98 8.87 13.11
C ASP G 115 12.45 10.30 12.95
N ARG G 116 12.41 11.08 14.01
CA ARG G 116 11.91 12.46 13.95
C ARG G 116 13.08 13.42 13.89
N HIS G 117 13.40 13.89 12.69
CA HIS G 117 14.58 14.71 12.45
C HIS G 117 14.21 16.11 11.96
N GLY G 118 12.99 16.58 12.30
CA GLY G 118 12.60 17.93 11.98
C GLY G 118 13.23 18.94 12.92
N LEU G 119 13.28 20.20 12.48
CA LEU G 119 13.93 21.21 13.30
C LEU G 119 13.18 21.44 14.60
N LYS G 120 11.85 21.43 14.57
CA LYS G 120 11.09 21.60 15.80
C LYS G 120 11.42 20.50 16.80
N GLU G 121 11.48 19.25 16.35
CA GLU G 121 11.79 18.14 17.24
CA GLU G 121 11.79 18.14 17.25
C GLU G 121 13.20 18.28 17.80
N ILE G 122 14.16 18.61 16.94
CA ILE G 122 15.56 18.73 17.35
C ILE G 122 15.72 19.86 18.37
N CYS G 123 15.09 21.01 18.11
CA CYS G 123 15.21 22.14 19.03
C CYS G 123 14.59 21.82 20.38
N GLY G 124 13.45 21.13 20.39
CA GLY G 124 12.84 20.75 21.66
C GLY G 124 13.74 19.83 22.45
N GLU G 125 14.29 18.82 21.79
CA GLU G 125 15.07 17.81 22.51
C GLU G 125 16.42 18.34 22.93
N LEU G 126 17.15 18.99 22.02
CA LEU G 126 18.52 19.36 22.35
C LEU G 126 18.60 20.66 23.13
N LEU G 127 17.62 21.55 22.97
CA LEU G 127 17.74 22.89 23.55
C LEU G 127 16.56 23.30 24.42
N ASN G 128 15.53 22.46 24.54
CA ASN G 128 14.31 22.82 25.26
CA ASN G 128 14.31 22.82 25.26
C ASN G 128 13.74 24.14 24.74
N VAL G 129 13.83 24.32 23.42
CA VAL G 129 13.29 25.49 22.74
C VAL G 129 12.11 25.03 21.89
N ASN G 130 11.00 25.77 21.95
CA ASN G 130 9.79 25.42 21.22
C ASN G 130 9.68 26.29 19.97
N ILE G 131 9.80 25.65 18.81
CA ILE G 131 9.56 26.29 17.52
C ILE G 131 8.10 26.10 17.15
N SER G 132 7.42 27.18 16.79
CA SER G 132 6.05 27.10 16.28
C SER G 132 6.09 26.98 14.76
N LYS G 133 5.35 26.02 14.22
CA LYS G 133 5.30 25.81 12.78
C LYS G 133 4.08 26.46 12.11
N GLN G 134 3.31 27.24 12.88
CA GLN G 134 2.04 27.76 12.36
C GLN G 134 2.23 28.59 11.10
N GLN G 135 3.28 29.40 11.03
CA GLN G 135 3.46 30.29 9.89
C GLN G 135 4.13 29.63 8.70
N GLN G 136 4.48 28.34 8.78
CA GLN G 136 5.13 27.68 7.65
C GLN G 136 4.28 27.77 6.40
N SER G 137 3.00 27.44 6.53
CA SER G 137 2.03 27.59 5.44
C SER G 137 1.50 29.01 5.50
N SER G 138 2.19 29.92 4.82
CA SER G 138 1.74 31.30 4.71
C SER G 138 2.27 31.87 3.41
N ASP G 139 1.79 33.07 3.06
CA ASP G 139 2.22 33.70 1.81
C ASP G 139 3.56 34.36 2.02
N TRP G 140 4.63 33.63 1.70
CA TRP G 140 5.97 34.17 1.89
C TRP G 140 6.33 35.20 0.84
N ALA G 141 5.51 35.35 -0.19
CA ALA G 141 5.70 36.38 -1.20
C ALA G 141 5.02 37.69 -0.86
N ALA G 142 4.39 37.80 0.31
CA ALA G 142 3.66 39.01 0.67
C ALA G 142 4.59 40.21 0.64
N GLU G 143 4.06 41.36 0.22
CA GLU G 143 4.88 42.57 0.17
C GLU G 143 5.36 42.93 1.57
N THR G 144 4.46 42.88 2.54
CA THR G 144 4.81 43.06 3.95
C THR G 144 4.57 41.75 4.68
N LEU G 145 5.64 41.18 5.23
CA LEU G 145 5.50 40.01 6.07
C LEU G 145 4.86 40.38 7.40
N SER G 146 4.09 39.46 7.96
CA SER G 146 3.52 39.69 9.28
C SER G 146 4.59 39.52 10.35
N ARG G 147 4.32 40.08 11.54
CA ARG G 147 5.23 39.89 12.66
C ARG G 147 5.40 38.42 12.98
N ALA G 148 4.31 37.64 12.97
CA ALA G 148 4.42 36.20 13.19
C ALA G 148 5.29 35.53 12.13
N GLN G 149 5.15 35.97 10.88
CA GLN G 149 5.99 35.42 9.81
C GLN G 149 7.45 35.72 10.04
N ILE G 150 7.76 36.97 10.42
CA ILE G 150 9.14 37.38 10.63
C ILE G 150 9.76 36.61 11.80
N GLU G 151 8.99 36.45 12.89
CA GLU G 151 9.47 35.67 14.02
C GLU G 151 9.69 34.20 13.64
N TYR G 152 8.78 33.63 12.86
CA TYR G 152 8.98 32.25 12.41
C TYR G 152 10.24 32.16 11.56
N ALA G 153 10.39 33.05 10.59
CA ALA G 153 11.56 33.01 9.71
C ALA G 153 12.86 33.11 10.53
N ALA G 154 12.88 33.99 11.54
CA ALA G 154 14.07 34.15 12.37
C ALA G 154 14.32 32.91 13.22
N SER G 155 13.26 32.29 13.74
CA SER G 155 13.43 31.12 14.61
C SER G 155 14.11 29.98 13.86
N ASP G 156 13.95 29.94 12.53
CA ASP G 156 14.62 28.92 11.73
C ASP G 156 16.14 29.03 11.78
N VAL G 157 16.70 30.22 12.02
CA VAL G 157 18.15 30.40 12.04
C VAL G 157 18.70 30.71 13.42
N LEU G 158 17.87 31.11 14.39
CA LEU G 158 18.39 31.58 15.67
C LEU G 158 19.17 30.52 16.43
N TYR G 159 18.95 29.23 16.14
CA TYR G 159 19.48 28.16 16.98
C TYR G 159 20.44 27.21 16.26
N LEU G 160 20.75 27.45 15.00
CA LEU G 160 21.54 26.47 14.24
C LEU G 160 22.99 26.38 14.73
N HIS G 161 23.57 27.49 15.19
CA HIS G 161 24.92 27.43 15.74
C HIS G 161 24.95 26.54 16.98
N ARG G 162 23.99 26.72 17.88
CA ARG G 162 23.94 25.90 19.09
C ARG G 162 23.71 24.44 18.74
N LEU G 163 22.82 24.17 17.78
CA LEU G 163 22.61 22.81 17.34
C LEU G 163 23.89 22.23 16.74
N LYS G 164 24.54 22.99 15.85
CA LYS G 164 25.77 22.52 15.24
C LYS G 164 26.80 22.11 16.29
N ASP G 165 26.95 22.92 17.34
CA ASP G 165 27.94 22.59 18.37
C ASP G 165 27.62 21.26 19.06
N ILE G 166 26.34 21.02 19.35
CA ILE G 166 25.97 19.76 20.02
C ILE G 166 26.17 18.58 19.07
N PHE G 167 25.74 18.72 17.82
CA PHE G 167 25.91 17.64 16.86
C PHE G 167 27.38 17.32 16.62
N GLU G 168 28.23 18.36 16.56
CA GLU G 168 29.67 18.11 16.42
C GLU G 168 30.22 17.30 17.59
N GLU G 169 29.72 17.56 18.79
CA GLU G 169 30.13 16.77 19.94
C GLU G 169 29.68 15.32 19.80
N ARG G 170 28.46 15.12 19.30
CA ARG G 170 27.95 13.75 19.15
C ARG G 170 28.65 13.03 18.00
N LEU G 171 28.93 13.75 16.90
CA LEU G 171 29.69 13.16 15.80
C LEU G 171 31.08 12.72 16.26
N LYS G 172 31.73 13.54 17.10
CA LYS G 172 33.01 13.15 17.67
C LYS G 172 32.86 11.94 18.60
N ARG G 173 31.88 11.98 19.49
CA ARG G 173 31.69 10.90 20.46
C ARG G 173 31.45 9.55 19.78
N GLU G 174 30.63 9.52 18.73
CA GLU G 174 30.33 8.28 18.03
C GLU G 174 31.27 8.03 16.85
N GLU G 175 32.29 8.88 16.68
CA GLU G 175 33.35 8.67 15.69
C GLU G 175 32.80 8.66 14.27
N ARG G 176 31.96 9.64 13.96
CA ARG G 176 31.33 9.74 12.65
C ARG G 176 31.66 11.04 11.94
N GLU G 177 32.73 11.72 12.35
CA GLU G 177 33.04 13.03 11.79
C GLU G 177 33.35 12.95 10.31
N SER G 178 34.16 11.98 9.89
CA SER G 178 34.52 11.93 8.48
C SER G 178 33.33 11.51 7.63
N VAL G 179 32.42 10.70 8.19
CA VAL G 179 31.20 10.34 7.49
C VAL G 179 30.35 11.59 7.25
N ALA G 180 30.12 12.37 8.30
CA ALA G 180 29.35 13.60 8.15
C ALA G 180 30.01 14.53 7.15
N LYS G 181 31.34 14.66 7.22
CA LYS G 181 32.03 15.58 6.31
C LYS G 181 31.83 15.20 4.86
N ALA G 182 31.91 13.90 4.54
CA ALA G 182 31.65 13.44 3.18
C ALA G 182 30.22 13.74 2.75
N CYS G 183 29.26 13.53 3.65
CA CYS G 183 27.87 13.85 3.33
C CYS G 183 27.71 15.34 3.03
N PHE G 184 28.29 16.20 3.87
CA PHE G 184 28.22 17.64 3.64
C PHE G 184 28.90 18.03 2.33
N GLN G 185 29.97 17.33 1.95
CA GLN G 185 30.67 17.67 0.73
C GLN G 185 29.87 17.27 -0.51
N PHE G 186 29.09 16.20 -0.44
CA PHE G 186 28.27 15.82 -1.58
C PHE G 186 26.97 16.62 -1.63
N LEU G 187 26.60 17.29 -0.54
CA LEU G 187 25.28 17.93 -0.49
C LEU G 187 25.06 18.93 -1.62
N PRO G 188 26.00 19.82 -1.98
CA PRO G 188 25.76 20.70 -3.14
C PRO G 188 25.46 19.96 -4.42
N MET G 189 26.13 18.83 -4.66
CA MET G 189 25.82 18.03 -5.84
C MET G 189 24.47 17.33 -5.69
N ARG G 190 24.09 16.94 -4.48
CA ARG G 190 22.73 16.42 -4.29
C ARG G 190 21.70 17.48 -4.65
N ALA G 191 21.94 18.74 -4.27
CA ALA G 191 21.05 19.83 -4.64
C ALA G 191 21.06 20.07 -6.14
N ASN G 192 22.25 20.02 -6.76
CA ASN G 192 22.35 20.13 -8.21
C ASN G 192 21.55 19.04 -8.89
N LEU G 193 21.71 17.79 -8.43
CA LEU G 193 20.94 16.69 -8.99
C LEU G 193 19.45 17.00 -8.96
N ASP G 194 18.97 17.58 -7.85
CA ASP G 194 17.58 17.98 -7.76
C ASP G 194 17.23 18.98 -8.86
N LEU G 195 18.06 20.01 -9.04
CA LEU G 195 17.72 21.04 -10.02
C LEU G 195 17.73 20.49 -11.43
N LEU G 196 18.61 19.51 -11.70
CA LEU G 196 18.74 18.93 -13.02
C LEU G 196 17.62 17.96 -13.37
N GLY G 197 16.82 17.54 -12.40
CA GLY G 197 15.71 16.64 -12.68
C GLY G 197 15.73 15.30 -11.96
N TRP G 198 16.59 15.12 -10.96
CA TRP G 198 16.60 13.87 -10.20
C TRP G 198 16.07 14.05 -8.78
N SER G 199 15.24 15.06 -8.54
CA SER G 199 14.82 15.34 -7.16
C SER G 199 14.04 14.18 -6.55
N GLU G 200 13.38 13.34 -7.35
CA GLU G 200 12.61 12.21 -6.82
C GLU G 200 13.42 10.92 -6.80
N ILE G 201 14.71 10.96 -7.09
CA ILE G 201 15.51 9.76 -7.30
C ILE G 201 16.66 9.76 -6.29
N ASP G 202 16.71 8.70 -5.47
CA ASP G 202 17.93 8.36 -4.72
C ASP G 202 18.94 7.80 -5.71
N ILE G 203 19.92 8.63 -6.10
CA ILE G 203 20.86 8.22 -7.12
C ILE G 203 21.65 7.00 -6.70
N PHE G 204 21.75 6.73 -5.39
CA PHE G 204 22.56 5.61 -4.92
C PHE G 204 21.76 4.33 -4.72
N ALA G 205 20.44 4.34 -4.93
CA ALA G 205 19.64 3.16 -4.68
C ALA G 205 19.84 2.13 -5.79
N HIS G 206 19.66 0.85 -5.42
CA HIS G 206 19.71 -0.20 -6.44
C HIS G 206 18.56 -0.04 -7.42
N SER G 207 17.36 0.24 -6.92
CA SER G 207 16.19 0.44 -7.76
C SER G 207 15.11 1.14 -6.94
N THR H 3 -29.00 5.27 36.75
CA THR H 3 -29.28 4.32 35.69
C THR H 3 -29.23 2.87 36.21
N GLU H 4 -30.38 2.21 36.19
CA GLU H 4 -30.50 0.90 36.81
C GLU H 4 -29.88 -0.17 35.91
N ILE H 5 -28.86 -0.85 36.42
CA ILE H 5 -28.22 -1.95 35.74
C ILE H 5 -28.31 -3.15 36.68
N ARG H 6 -28.98 -4.21 36.24
CA ARG H 6 -29.11 -5.43 37.01
C ARG H 6 -28.07 -6.42 36.50
N VAL H 7 -27.19 -6.88 37.40
CA VAL H 7 -26.14 -7.81 37.05
C VAL H 7 -26.54 -9.21 37.50
N HIS H 8 -26.46 -10.17 36.60
CA HIS H 8 -26.84 -11.55 36.90
C HIS H 8 -25.68 -12.50 36.62
N GLN H 9 -25.71 -13.64 37.31
CA GLN H 9 -24.78 -14.73 37.05
C GLN H 9 -25.46 -15.78 36.19
N GLY H 10 -24.93 -16.00 35.01
CA GLY H 10 -25.40 -17.12 34.19
C GLY H 10 -26.59 -16.91 33.26
N ASP H 11 -27.66 -16.31 33.75
CA ASP H 11 -28.90 -16.20 32.99
C ASP H 11 -29.79 -15.16 33.67
N LEU H 12 -30.78 -14.68 32.94
CA LEU H 12 -31.84 -13.90 33.58
C LEU H 12 -32.56 -14.77 34.61
N PRO H 13 -33.00 -14.20 35.73
CA PRO H 13 -33.76 -14.99 36.70
C PRO H 13 -35.16 -15.33 36.18
N ASN H 14 -35.71 -14.52 35.30
CA ASN H 14 -37.03 -14.72 34.71
C ASN H 14 -37.15 -13.72 33.57
N LEU H 15 -38.26 -13.80 32.85
CA LEU H 15 -38.48 -12.92 31.71
C LEU H 15 -39.46 -11.80 32.02
N ASP H 16 -39.58 -11.41 33.30
CA ASP H 16 -40.60 -10.44 33.69
C ASP H 16 -40.40 -9.08 33.04
N ASN H 17 -39.16 -8.69 32.79
CA ASN H 17 -38.90 -7.40 32.16
C ASN H 17 -38.86 -7.48 30.64
N TYR H 18 -39.10 -8.65 30.05
CA TYR H 18 -38.92 -8.83 28.61
C TYR H 18 -40.17 -9.41 27.93
N ARG H 19 -41.35 -9.03 28.41
CA ARG H 19 -42.61 -9.34 27.72
C ARG H 19 -42.88 -8.23 26.71
N ILE H 20 -42.00 -8.15 25.71
CA ILE H 20 -41.92 -7.03 24.79
C ILE H 20 -41.75 -7.58 23.37
N ASP H 21 -41.87 -6.68 22.39
CA ASP H 21 -41.78 -7.06 20.97
CA ASP H 21 -41.76 -7.12 21.00
C ASP H 21 -40.38 -6.94 20.41
N ALA H 22 -39.47 -6.24 21.10
CA ALA H 22 -38.11 -6.07 20.61
C ALA H 22 -37.18 -5.94 21.80
N VAL H 23 -36.02 -6.59 21.73
CA VAL H 23 -35.05 -6.56 22.82
C VAL H 23 -33.68 -6.18 22.26
N ALA H 24 -33.01 -5.29 22.98
CA ALA H 24 -31.67 -4.84 22.61
C ALA H 24 -30.65 -5.80 23.20
N VAL H 25 -29.71 -6.25 22.37
CA VAL H 25 -28.76 -7.30 22.74
C VAL H 25 -27.36 -6.86 22.37
N ASP H 26 -26.40 -7.14 23.26
CA ASP H 26 -24.98 -7.03 22.94
C ASP H 26 -24.26 -8.14 23.68
N THR H 27 -22.99 -8.36 23.33
CA THR H 27 -22.14 -9.33 24.01
C THR H 27 -20.79 -8.69 24.33
N GLU H 28 -20.11 -9.23 25.35
CA GLU H 28 -18.68 -8.98 25.54
C GLU H 28 -17.96 -10.31 25.61
N THR H 29 -16.73 -10.32 25.09
CA THR H 29 -15.95 -11.53 24.92
C THR H 29 -14.49 -11.23 25.27
N LEU H 30 -13.66 -12.26 25.24
CA LEU H 30 -12.22 -12.11 25.33
C LEU H 30 -11.57 -11.73 23.99
N GLY H 31 -12.35 -11.51 22.95
CA GLY H 31 -11.81 -11.08 21.69
C GLY H 31 -12.73 -11.47 20.54
N LEU H 32 -12.24 -11.26 19.32
CA LEU H 32 -13.09 -11.35 18.15
C LEU H 32 -13.06 -12.71 17.46
N GLN H 33 -12.40 -13.71 18.05
CA GLN H 33 -12.34 -15.03 17.43
C GLN H 33 -13.16 -16.03 18.23
N PRO H 34 -14.42 -16.29 17.85
CA PRO H 34 -15.30 -17.10 18.71
C PRO H 34 -14.76 -18.48 19.03
N HIS H 35 -13.95 -19.06 18.17
CA HIS H 35 -13.38 -20.36 18.50
C HIS H 35 -12.27 -20.27 19.53
N ARG H 36 -11.74 -19.08 19.79
CA ARG H 36 -10.73 -18.94 20.84
C ARG H 36 -11.23 -18.14 22.04
N ASP H 37 -12.02 -17.11 21.79
CA ASP H 37 -12.35 -16.09 22.77
C ASP H 37 -13.79 -16.32 23.26
N ARG H 38 -13.94 -16.73 24.52
CA ARG H 38 -15.23 -17.18 25.01
C ARG H 38 -16.17 -16.01 25.21
N LEU H 39 -17.47 -16.33 25.22
CA LEU H 39 -18.50 -15.38 25.59
C LEU H 39 -18.44 -15.14 27.10
N CYS H 40 -18.36 -13.87 27.49
CA CYS H 40 -18.17 -13.46 28.87
C CYS H 40 -19.37 -12.76 29.46
N VAL H 41 -20.04 -11.93 28.68
CA VAL H 41 -21.16 -11.11 29.13
C VAL H 41 -22.18 -11.08 28.01
N VAL H 42 -23.46 -11.10 28.39
CA VAL H 42 -24.56 -10.82 27.47
C VAL H 42 -25.36 -9.68 28.09
N GLN H 43 -25.59 -8.63 27.32
CA GLN H 43 -26.33 -7.47 27.80
C GLN H 43 -27.70 -7.39 27.12
N LEU H 44 -28.70 -6.98 27.90
CA LEU H 44 -30.06 -6.87 27.40
C LEU H 44 -30.68 -5.58 27.92
N SER H 45 -31.53 -4.97 27.10
CA SER H 45 -32.37 -3.87 27.54
C SER H 45 -33.73 -3.97 26.84
N SER H 46 -34.78 -3.68 27.61
CA SER H 46 -36.12 -3.58 27.05
C SER H 46 -36.38 -2.22 26.42
N GLY H 47 -35.41 -1.30 26.49
CA GLY H 47 -35.61 0.06 26.04
C GLY H 47 -36.16 1.02 27.08
N ASP H 48 -36.43 0.55 28.30
CA ASP H 48 -37.00 1.40 29.34
C ASP H 48 -35.94 2.18 30.12
N GLY H 49 -34.73 2.27 29.59
CA GLY H 49 -33.69 3.01 30.29
C GLY H 49 -32.97 2.21 31.36
N THR H 50 -33.23 0.91 31.47
CA THR H 50 -32.50 0.03 32.37
C THR H 50 -31.92 -1.11 31.54
N ALA H 51 -30.99 -1.83 32.14
CA ALA H 51 -30.31 -2.90 31.42
C ALA H 51 -30.04 -4.07 32.35
N ASP H 52 -29.88 -5.24 31.73
CA ASP H 52 -29.47 -6.46 32.41
C ASP H 52 -28.11 -6.87 31.87
N VAL H 53 -27.17 -7.12 32.77
CA VAL H 53 -25.82 -7.53 32.40
C VAL H 53 -25.64 -8.95 32.92
N ILE H 54 -25.48 -9.91 32.02
CA ILE H 54 -25.41 -11.33 32.38
C ILE H 54 -23.97 -11.80 32.20
N GLN H 55 -23.31 -12.14 33.30
CA GLN H 55 -21.99 -12.75 33.23
C GLN H 55 -22.13 -14.22 32.88
N ILE H 56 -21.42 -14.65 31.83
CA ILE H 56 -21.45 -16.02 31.33
C ILE H 56 -20.17 -16.71 31.79
N ALA H 57 -20.31 -17.88 32.39
CA ALA H 57 -19.15 -18.54 32.97
C ALA H 57 -18.35 -19.25 31.89
N LYS H 58 -17.08 -19.51 32.19
CA LYS H 58 -16.26 -20.34 31.31
C LYS H 58 -16.87 -21.73 31.23
N GLY H 59 -17.02 -22.24 30.01
CA GLY H 59 -17.62 -23.54 29.82
C GLY H 59 -19.14 -23.59 29.94
N GLN H 60 -19.79 -22.46 30.18
CA GLN H 60 -21.24 -22.46 30.28
C GLN H 60 -21.88 -22.75 28.92
N LYS H 61 -22.76 -23.74 28.87
CA LYS H 61 -23.37 -24.16 27.61
C LYS H 61 -24.85 -23.83 27.51
N SER H 62 -25.46 -23.35 28.60
CA SER H 62 -26.91 -23.19 28.67
C SER H 62 -27.24 -21.85 29.32
N ALA H 63 -28.27 -21.20 28.78
CA ALA H 63 -28.84 -20.00 29.40
C ALA H 63 -30.31 -19.93 29.01
N PRO H 64 -31.16 -20.71 29.69
CA PRO H 64 -32.51 -20.96 29.14
C PRO H 64 -33.38 -19.72 28.97
N ASN H 65 -33.35 -18.77 29.90
CA ASN H 65 -34.22 -17.60 29.73
C ASN H 65 -33.74 -16.71 28.60
N LEU H 66 -32.42 -16.43 28.57
CA LEU H 66 -31.83 -15.70 27.46
C LEU H 66 -32.13 -16.38 26.12
N VAL H 67 -31.93 -17.70 26.06
CA VAL H 67 -32.12 -18.42 24.82
C VAL H 67 -33.58 -18.43 24.41
N ARG H 68 -34.49 -18.42 25.38
CA ARG H 68 -35.91 -18.26 25.06
C ARG H 68 -36.14 -16.97 24.29
N LEU H 69 -35.56 -15.86 24.76
CA LEU H 69 -35.69 -14.61 24.02
C LEU H 69 -35.07 -14.71 22.64
N LEU H 70 -33.88 -15.31 22.55
CA LEU H 70 -33.15 -15.35 21.29
C LEU H 70 -33.89 -16.18 20.24
N SER H 71 -34.65 -17.20 20.69
CA SER H 71 -35.43 -18.08 19.82
CA SER H 71 -35.40 -18.03 19.75
C SER H 71 -36.83 -17.57 19.53
N ASP H 72 -37.29 -16.55 20.26
CA ASP H 72 -38.69 -16.13 20.19
C ASP H 72 -38.93 -15.33 18.92
N ARG H 73 -39.64 -15.94 17.95
CA ARG H 73 -39.86 -15.31 16.66
CA ARG H 73 -39.84 -15.29 16.66
C ARG H 73 -40.79 -14.10 16.74
N ASP H 74 -41.46 -13.89 17.87
CA ASP H 74 -42.28 -12.72 18.08
C ASP H 74 -41.48 -11.54 18.61
N ILE H 75 -40.20 -11.72 18.93
CA ILE H 75 -39.37 -10.68 19.51
C ILE H 75 -38.23 -10.38 18.53
N THR H 76 -38.14 -9.13 18.11
CA THR H 76 -37.01 -8.72 17.28
C THR H 76 -35.81 -8.46 18.19
N LYS H 77 -34.68 -9.08 17.85
CA LYS H 77 -33.44 -8.85 18.57
C LYS H 77 -32.71 -7.70 17.88
N ILE H 78 -32.50 -6.60 18.61
CA ILE H 78 -31.80 -5.44 18.09
C ILE H 78 -30.33 -5.53 18.48
N PHE H 79 -29.44 -5.42 17.49
CA PHE H 79 -28.00 -5.40 17.70
C PHE H 79 -27.40 -4.15 17.08
N HIS H 80 -26.20 -3.80 17.54
CA HIS H 80 -25.27 -2.97 16.76
C HIS H 80 -24.12 -3.88 16.34
N PHE H 81 -24.02 -4.12 15.03
CA PHE H 81 -23.13 -5.13 14.47
C PHE H 81 -23.50 -6.53 14.97
N GLY H 82 -24.75 -6.91 14.66
CA GLY H 82 -25.23 -8.23 15.00
C GLY H 82 -24.44 -9.35 14.36
N ARG H 83 -23.71 -9.07 13.28
CA ARG H 83 -22.92 -10.10 12.64
C ARG H 83 -22.04 -10.82 13.64
N PHE H 84 -21.40 -10.07 14.52
CA PHE H 84 -20.55 -10.72 15.51
C PHE H 84 -21.37 -11.35 16.62
N ASP H 85 -22.29 -10.58 17.22
CA ASP H 85 -23.05 -11.10 18.36
C ASP H 85 -23.80 -12.37 17.99
N LEU H 86 -24.40 -12.41 16.80
CA LEU H 86 -25.08 -13.63 16.36
C LEU H 86 -24.14 -14.82 16.32
N ALA H 87 -22.91 -14.62 15.86
CA ALA H 87 -21.96 -15.73 15.79
C ALA H 87 -21.60 -16.25 17.16
N ILE H 88 -21.20 -15.37 18.09
CA ILE H 88 -20.75 -15.90 19.37
C ILE H 88 -21.92 -16.50 20.16
N LEU H 89 -23.11 -15.93 20.03
CA LEU H 89 -24.27 -16.50 20.71
C LEU H 89 -24.61 -17.88 20.15
N ALA H 90 -24.67 -18.00 18.82
CA ALA H 90 -24.96 -19.31 18.23
C ALA H 90 -23.86 -20.29 18.56
N HIS H 91 -22.60 -19.84 18.51
CA HIS H 91 -21.48 -20.73 18.84
C HIS H 91 -21.58 -21.22 20.28
N THR H 92 -22.01 -20.35 21.20
CA THR H 92 -21.99 -20.69 22.63
C THR H 92 -23.20 -21.47 23.09
N PHE H 93 -24.41 -21.06 22.68
CA PHE H 93 -25.64 -21.69 23.15
C PHE H 93 -26.33 -22.54 22.08
N GLY H 94 -25.86 -22.53 20.84
CA GLY H 94 -26.41 -23.42 19.82
C GLY H 94 -27.68 -22.93 19.16
N VAL H 95 -28.10 -21.70 19.40
CA VAL H 95 -29.31 -21.13 18.84
C VAL H 95 -28.95 -19.88 18.04
N MET H 96 -29.33 -19.86 16.77
CA MET H 96 -29.12 -18.69 15.90
C MET H 96 -30.41 -17.88 15.85
N PRO H 97 -30.46 -16.67 16.42
CA PRO H 97 -31.64 -15.83 16.24
C PRO H 97 -31.90 -15.54 14.77
N ASP H 98 -33.17 -15.51 14.38
CA ASP H 98 -33.52 -15.25 12.99
C ASP H 98 -34.55 -14.13 12.81
N VAL H 99 -34.79 -13.32 13.83
CA VAL H 99 -35.58 -12.11 13.71
C VAL H 99 -34.73 -10.99 14.31
N VAL H 100 -34.07 -10.20 13.46
CA VAL H 100 -33.03 -9.29 13.91
C VAL H 100 -33.17 -7.92 13.26
N PHE H 101 -32.64 -6.91 13.94
CA PHE H 101 -32.41 -5.58 13.40
C PHE H 101 -30.99 -5.20 13.80
N CYS H 102 -30.22 -4.65 12.86
CA CYS H 102 -28.83 -4.25 13.13
C CYS H 102 -28.68 -2.76 12.83
N THR H 103 -28.31 -1.98 13.86
CA THR H 103 -28.16 -0.55 13.65
C THR H 103 -26.92 -0.20 12.82
N LYS H 104 -25.93 -1.10 12.76
CA LYS H 104 -24.80 -0.81 11.87
C LYS H 104 -25.23 -0.91 10.42
N ILE H 105 -25.92 -2.00 10.06
CA ILE H 105 -26.43 -2.12 8.69
C ILE H 105 -27.38 -0.97 8.39
N ALA H 106 -28.29 -0.66 9.32
CA ALA H 106 -29.23 0.45 9.09
C ALA H 106 -28.50 1.77 8.86
N SER H 107 -27.44 2.01 9.64
CA SER H 107 -26.64 3.23 9.45
C SER H 107 -26.00 3.27 8.07
N LYS H 108 -25.45 2.14 7.61
CA LYS H 108 -24.82 2.11 6.30
C LYS H 108 -25.84 2.34 5.18
N LEU H 109 -27.11 2.02 5.44
CA LEU H 109 -28.16 2.22 4.45
C LEU H 109 -28.80 3.60 4.51
N THR H 110 -28.52 4.40 5.54
CA THR H 110 -29.20 5.68 5.73
C THR H 110 -28.25 6.85 5.94
N ARG H 111 -27.19 6.66 6.74
CA ARG H 111 -26.23 7.73 6.98
C ARG H 111 -25.19 7.69 5.85
N THR H 112 -25.68 8.01 4.65
CA THR H 112 -24.89 7.90 3.43
C THR H 112 -23.88 9.03 3.28
N TYR H 113 -23.87 9.99 4.20
CA TYR H 113 -23.00 11.15 4.18
C TYR H 113 -21.75 10.98 5.02
N THR H 114 -21.48 9.76 5.49
CA THR H 114 -20.35 9.53 6.38
C THR H 114 -19.89 8.09 6.21
N ASP H 115 -18.65 7.83 6.60
CA ASP H 115 -18.17 6.47 6.72
C ASP H 115 -18.02 6.04 8.17
N ARG H 116 -18.51 6.84 9.11
CA ARG H 116 -18.38 6.55 10.53
C ARG H 116 -19.69 5.94 11.04
N HIS H 117 -19.71 4.61 11.13
CA HIS H 117 -20.89 3.86 11.51
C HIS H 117 -20.72 3.15 12.84
N GLY H 118 -19.77 3.57 13.67
CA GLY H 118 -19.67 3.02 15.01
C GLY H 118 -20.80 3.48 15.91
N LEU H 119 -21.07 2.69 16.95
CA LEU H 119 -22.15 3.01 17.88
C LEU H 119 -21.93 4.36 18.54
N LYS H 120 -20.70 4.66 18.93
CA LYS H 120 -20.41 5.95 19.56
C LYS H 120 -20.78 7.10 18.64
N GLU H 121 -20.32 7.04 17.38
CA GLU H 121 -20.61 8.12 16.43
C GLU H 121 -22.12 8.25 16.20
N ILE H 122 -22.80 7.12 16.07
CA ILE H 122 -24.24 7.12 15.82
C ILE H 122 -24.99 7.70 17.02
N CYS H 123 -24.61 7.29 18.23
CA CYS H 123 -25.31 7.81 19.42
C CYS H 123 -25.11 9.31 19.55
N GLY H 124 -23.90 9.78 19.28
CA GLY H 124 -23.64 11.22 19.38
C GLY H 124 -24.43 12.01 18.36
N GLU H 125 -24.52 11.50 17.13
CA GLU H 125 -25.20 12.24 16.09
C GLU H 125 -26.71 12.18 16.26
N LEU H 126 -27.27 10.98 16.42
CA LEU H 126 -28.73 10.86 16.40
C LEU H 126 -29.36 11.19 17.74
N LEU H 127 -28.63 10.99 18.85
CA LEU H 127 -29.22 11.13 20.17
C LEU H 127 -28.53 12.15 21.05
N ASN H 128 -27.39 12.70 20.61
CA ASN H 128 -26.60 13.60 21.45
C ASN H 128 -26.19 12.92 22.76
N VAL H 129 -26.03 11.59 22.70
CA VAL H 129 -25.58 10.78 23.84
C VAL H 129 -24.12 10.42 23.61
N ASN H 130 -23.30 10.56 24.66
CA ASN H 130 -21.86 10.32 24.55
C ASN H 130 -21.53 8.96 25.15
N ILE H 131 -21.07 8.06 24.30
CA ILE H 131 -20.64 6.72 24.70
C ILE H 131 -19.13 6.77 24.92
N SER H 132 -18.67 6.32 26.08
CA SER H 132 -17.24 6.17 26.34
C SER H 132 -16.77 4.78 25.93
N LYS H 133 -15.67 4.72 25.18
CA LYS H 133 -15.13 3.44 24.72
C LYS H 133 -14.02 2.91 25.63
N GLN H 134 -13.81 3.55 26.78
CA GLN H 134 -12.62 3.28 27.59
C GLN H 134 -12.56 1.83 28.04
N GLN H 135 -13.69 1.25 28.43
CA GLN H 135 -13.70 -0.10 28.98
C GLN H 135 -13.79 -1.20 27.93
N GLN H 136 -13.85 -0.85 26.64
CA GLN H 136 -13.91 -1.88 25.61
C GLN H 136 -12.70 -2.81 25.69
N SER H 137 -11.51 -2.24 25.85
CA SER H 137 -10.29 -3.03 26.08
C SER H 137 -10.14 -3.22 27.59
N SER H 138 -10.80 -4.25 28.09
CA SER H 138 -10.72 -4.64 29.49
C SER H 138 -10.93 -6.15 29.57
N ASP H 139 -10.68 -6.70 30.76
CA ASP H 139 -10.82 -8.14 30.98
C ASP H 139 -12.29 -8.45 31.23
N TRP H 140 -13.01 -8.75 30.15
CA TRP H 140 -14.43 -9.07 30.28
C TRP H 140 -14.68 -10.42 30.94
N ALA H 141 -13.64 -11.23 31.11
CA ALA H 141 -13.72 -12.52 31.79
C ALA H 141 -13.57 -12.40 33.30
N ALA H 142 -13.36 -11.19 33.83
CA ALA H 142 -13.14 -11.04 35.27
C ALA H 142 -14.31 -11.61 36.06
N GLU H 143 -14.00 -12.23 37.19
CA GLU H 143 -15.06 -12.75 38.05
C GLU H 143 -15.98 -11.63 38.52
N THR H 144 -15.41 -10.49 38.88
CA THR H 144 -16.19 -9.31 39.26
C THR H 144 -15.86 -8.21 38.27
N LEU H 145 -16.85 -7.82 37.48
CA LEU H 145 -16.69 -6.67 36.60
C LEU H 145 -16.67 -5.40 37.41
N SER H 146 -15.88 -4.42 36.97
CA SER H 146 -15.86 -3.14 37.65
C SER H 146 -17.15 -2.38 37.34
N ARG H 147 -17.40 -1.32 38.12
CA ARG H 147 -18.55 -0.47 37.83
C ARG H 147 -18.44 0.15 36.45
N ALA H 148 -17.25 0.63 36.09
CA ALA H 148 -17.06 1.23 34.76
C ALA H 148 -17.30 0.20 33.66
N GLN H 149 -16.92 -1.05 33.88
CA GLN H 149 -17.20 -2.11 32.92
C GLN H 149 -18.70 -2.32 32.78
N ILE H 150 -19.39 -2.39 33.91
CA ILE H 150 -20.83 -2.65 33.90
C ILE H 150 -21.58 -1.50 33.24
N GLU H 151 -21.16 -0.26 33.50
CA GLU H 151 -21.78 0.89 32.83
C GLU H 151 -21.48 0.89 31.33
N TYR H 152 -20.26 0.55 30.95
CA TYR H 152 -19.95 0.45 29.53
C TYR H 152 -20.85 -0.59 28.86
N ALA H 153 -20.93 -1.79 29.45
CA ALA H 153 -21.71 -2.85 28.82
C ALA H 153 -23.19 -2.48 28.73
N ALA H 154 -23.72 -1.81 29.76
CA ALA H 154 -25.10 -1.33 29.71
C ALA H 154 -25.28 -0.30 28.62
N SER H 155 -24.33 0.63 28.48
CA SER H 155 -24.47 1.70 27.49
C SER H 155 -24.61 1.13 26.07
N ASP H 156 -24.06 -0.06 25.83
CA ASP H 156 -24.17 -0.68 24.52
C ASP H 156 -25.60 -1.10 24.15
N VAL H 157 -26.49 -1.32 25.11
CA VAL H 157 -27.87 -1.72 24.84
C VAL H 157 -28.90 -0.68 25.25
N LEU H 158 -28.53 0.35 26.03
CA LEU H 158 -29.49 1.31 26.55
C LEU H 158 -30.15 2.16 25.47
N TYR H 159 -29.56 2.27 24.28
CA TYR H 159 -30.07 3.21 23.29
C TYR H 159 -30.50 2.57 21.97
N LEU H 160 -30.43 1.23 21.85
CA LEU H 160 -30.66 0.62 20.54
C LEU H 160 -32.12 0.75 20.08
N HIS H 161 -33.07 0.68 21.01
CA HIS H 161 -34.47 0.93 20.65
C HIS H 161 -34.64 2.32 20.05
N ARG H 162 -34.09 3.33 20.70
CA ARG H 162 -34.23 4.70 20.20
C ARG H 162 -33.57 4.86 18.83
N LEU H 163 -32.42 4.21 18.64
CA LEU H 163 -31.76 4.24 17.34
C LEU H 163 -32.58 3.50 16.30
N LYS H 164 -33.13 2.34 16.66
CA LYS H 164 -33.95 1.58 15.72
C LYS H 164 -35.13 2.42 15.23
N ASP H 165 -35.80 3.14 16.13
CA ASP H 165 -36.93 3.97 15.71
C ASP H 165 -36.50 5.03 14.68
N ILE H 166 -35.37 5.70 14.92
CA ILE H 166 -34.90 6.73 13.99
C ILE H 166 -34.52 6.10 12.65
N PHE H 167 -33.77 5.00 12.69
CA PHE H 167 -33.35 4.36 11.44
C PHE H 167 -34.55 3.83 10.66
N GLU H 168 -35.57 3.30 11.36
CA GLU H 168 -36.78 2.88 10.67
C GLU H 168 -37.47 4.06 9.98
N GLU H 169 -37.46 5.23 10.62
CA GLU H 169 -37.97 6.43 9.96
C GLU H 169 -37.15 6.78 8.72
N ARG H 170 -35.81 6.69 8.82
CA ARG H 170 -34.97 7.03 7.68
C ARG H 170 -35.13 6.02 6.56
N LEU H 171 -35.20 4.72 6.90
CA LEU H 171 -35.38 3.69 5.88
C LEU H 171 -36.71 3.89 5.13
N LYS H 172 -37.75 4.28 5.86
CA LYS H 172 -39.01 4.62 5.20
C LYS H 172 -38.85 5.85 4.32
N ARG H 173 -38.25 6.92 4.87
CA ARG H 173 -38.11 8.17 4.13
C ARG H 173 -37.39 7.96 2.80
N GLU H 174 -36.30 7.19 2.81
CA GLU H 174 -35.49 6.93 1.62
C GLU H 174 -35.94 5.67 0.87
N GLU H 175 -37.05 5.06 1.30
CA GLU H 175 -37.67 3.94 0.58
C GLU H 175 -36.73 2.74 0.46
N ARG H 176 -36.12 2.37 1.58
CA ARG H 176 -35.14 1.28 1.63
C ARG H 176 -35.53 0.20 2.63
N GLU H 177 -36.81 0.09 2.98
CA GLU H 177 -37.21 -0.88 3.99
C GLU H 177 -37.02 -2.31 3.49
N SER H 178 -37.40 -2.59 2.25
CA SER H 178 -37.23 -3.96 1.75
C SER H 178 -35.76 -4.33 1.67
N VAL H 179 -34.91 -3.39 1.24
CA VAL H 179 -33.47 -3.63 1.20
C VAL H 179 -32.95 -4.00 2.59
N ALA H 180 -33.28 -3.19 3.59
CA ALA H 180 -32.81 -3.46 4.94
C ALA H 180 -33.33 -4.79 5.44
N LYS H 181 -34.61 -5.07 5.20
CA LYS H 181 -35.19 -6.34 5.64
C LYS H 181 -34.43 -7.54 5.08
N ALA H 182 -34.06 -7.49 3.79
CA ALA H 182 -33.31 -8.59 3.19
C ALA H 182 -31.91 -8.72 3.80
N CYS H 183 -31.23 -7.59 4.04
CA CYS H 183 -29.94 -7.64 4.73
C CYS H 183 -30.08 -8.28 6.11
N PHE H 184 -31.11 -7.88 6.88
CA PHE H 184 -31.30 -8.47 8.20
C PHE H 184 -31.63 -9.95 8.10
N GLN H 185 -32.32 -10.37 7.04
CA GLN H 185 -32.68 -11.78 6.96
C GLN H 185 -31.49 -12.65 6.56
N PHE H 186 -30.50 -12.09 5.85
CA PHE H 186 -29.30 -12.85 5.56
C PHE H 186 -28.28 -12.80 6.69
N LEU H 187 -28.41 -11.84 7.62
CA LEU H 187 -27.39 -11.67 8.66
C LEU H 187 -27.08 -12.93 9.45
N PRO H 188 -28.05 -13.76 9.90
CA PRO H 188 -27.68 -15.02 10.56
C PRO H 188 -26.82 -15.93 9.69
N MET H 189 -27.12 -16.04 8.40
CA MET H 189 -26.25 -16.83 7.53
C MET H 189 -24.88 -16.18 7.36
N ARG H 190 -24.82 -14.85 7.28
CA ARG H 190 -23.52 -14.19 7.27
C ARG H 190 -22.71 -14.54 8.53
N ALA H 191 -23.37 -14.56 9.70
CA ALA H 191 -22.71 -14.98 10.94
C ALA H 191 -22.28 -16.44 10.88
N ASN H 192 -23.17 -17.31 10.37
CA ASN H 192 -22.84 -18.71 10.18
CA ASN H 192 -22.82 -18.71 10.20
C ASN H 192 -21.62 -18.86 9.27
N LEU H 193 -21.59 -18.10 8.16
CA LEU H 193 -20.44 -18.14 7.26
C LEU H 193 -19.15 -17.83 8.03
N ASP H 194 -19.20 -16.85 8.92
CA ASP H 194 -18.03 -16.54 9.72
C ASP H 194 -17.62 -17.72 10.58
N LEU H 195 -18.58 -18.37 11.24
CA LEU H 195 -18.25 -19.50 12.11
C LEU H 195 -17.67 -20.67 11.32
N LEU H 196 -18.13 -20.86 10.08
CA LEU H 196 -17.69 -21.98 9.27
C LEU H 196 -16.32 -21.75 8.64
N GLY H 197 -15.81 -20.52 8.66
CA GLY H 197 -14.47 -20.27 8.15
C GLY H 197 -14.37 -19.21 7.07
N TRP H 198 -15.43 -18.45 6.81
CA TRP H 198 -15.40 -17.40 5.79
C TRP H 198 -15.41 -16.00 6.40
N SER H 199 -14.92 -15.83 7.64
CA SER H 199 -15.04 -14.53 8.29
C SER H 199 -14.24 -13.43 7.58
N GLU H 200 -13.19 -13.80 6.84
CA GLU H 200 -12.40 -12.80 6.12
C GLU H 200 -12.84 -12.62 4.67
N ILE H 201 -13.96 -13.23 4.26
CA ILE H 201 -14.36 -13.29 2.86
C ILE H 201 -15.72 -12.62 2.70
N ASP H 202 -15.78 -11.62 1.83
CA ASP H 202 -17.04 -11.13 1.28
C ASP H 202 -17.49 -12.16 0.25
N ILE H 203 -18.46 -13.01 0.63
CA ILE H 203 -18.88 -14.10 -0.25
C ILE H 203 -19.44 -13.57 -1.57
N PHE H 204 -19.88 -12.32 -1.61
CA PHE H 204 -20.47 -11.75 -2.82
C PHE H 204 -19.49 -10.99 -3.70
N ALA H 205 -18.23 -10.86 -3.28
CA ALA H 205 -17.30 -10.08 -4.09
C ALA H 205 -16.86 -10.87 -5.32
N HIS H 206 -16.56 -10.14 -6.39
CA HIS H 206 -15.97 -10.79 -7.57
C HIS H 206 -14.64 -11.45 -7.21
N SER H 207 -13.83 -10.78 -6.41
CA SER H 207 -12.53 -11.30 -5.98
C SER H 207 -12.00 -10.43 -4.87
P1 A3P I . 11.72 0.96 26.55
O1P A3P I . 11.46 2.40 26.14
O2P A3P I . 12.98 0.87 27.39
O3P A3P I . 10.55 0.38 27.31
P2 A3P I . 6.68 -1.11 23.96
O4P A3P I . 6.55 -0.31 22.70
O5P A3P I . 6.10 -2.49 23.72
O6P A3P I . 6.02 -0.44 25.14
O5' A3P I . 8.27 -1.25 24.43
C5' A3P I . 9.22 -1.89 23.64
C4' A3P I . 10.61 -1.60 24.29
O4' A3P I . 11.53 -2.15 23.55
C3' A3P I . 10.95 -0.10 24.27
O3' A3P I . 11.95 0.10 25.16
C2' A3P I . 11.51 0.09 22.85
O2' A3P I . 12.38 1.31 22.83
C1' A3P I . 12.24 -0.97 22.68
N9 A3P I . 12.28 -1.54 21.36
C8 A3P I . 13.23 -2.39 20.96
N7 A3P I . 12.96 -2.78 19.71
C5 A3P I . 11.83 -2.17 19.34
C6 A3P I . 11.14 -2.23 18.15
N6 A3P I . 11.54 -3.02 17.02
N1 A3P I . 10.02 -1.54 18.00
C2 A3P I . 9.57 -0.76 19.01
N3 A3P I . 10.25 -0.71 20.18
C4 A3P I . 11.38 -1.42 20.35
P1 A3P J . -19.30 21.52 2.33
O1P A3P J . -20.72 21.95 2.01
O2P A3P J . -18.39 22.71 2.24
O3P A3P J . -19.24 20.89 3.71
P2 A3P J . -13.35 20.89 1.45
O4P A3P J . -12.38 21.14 0.31
O5P A3P J . -13.10 19.51 1.98
O6P A3P J . -13.20 21.93 2.53
O5' A3P J . -14.91 21.00 0.92
C5' A3P J . -15.41 20.06 0.01
C4' A3P J . -16.93 20.31 -0.09
O4' A3P J . -17.42 19.60 -1.06
C3' A3P J . -17.64 19.80 1.18
O3' A3P J . -18.89 20.34 1.23
C2' A3P J . -17.76 18.30 0.88
O2' A3P J . -18.87 17.72 1.70
C1' A3P J . -18.08 18.27 -0.40
N9 A3P J . -17.54 17.19 -1.19
C8 A3P J . -18.08 16.80 -2.35
N7 A3P J . -17.33 15.82 -2.85
C5 A3P J . -16.32 15.59 -2.01
C6 A3P J . -15.28 14.70 -2.05
N6 A3P J . -15.06 13.75 -3.12
N1 A3P J . -14.39 14.67 -1.08
C2 A3P J . -14.49 15.51 -0.05
N3 A3P J . -15.51 16.41 0.00
C4 A3P J . -16.43 16.45 -0.98
P1 A3P K . -18.14 -12.63 -18.90
O1P A3P K . -19.38 -12.54 -19.77
O2P A3P K . -16.92 -12.27 -19.72
O3P A3P K . -18.04 -14.03 -18.32
P2 A3P K . -14.92 -14.12 -13.95
O4P A3P K . -13.80 -13.12 -13.90
O5P A3P K . -14.52 -15.34 -14.73
O6P A3P K . -15.39 -14.51 -12.58
O5' A3P K . -16.20 -13.46 -14.76
C5' A3P K . -16.75 -12.24 -14.36
C4' A3P K . -17.87 -11.96 -15.41
O4' A3P K . -18.66 -10.99 -15.02
C3' A3P K . -17.28 -11.45 -16.72
O3' A3P K . -18.23 -11.53 -17.67
C2' A3P K . -17.03 -9.96 -16.37
O2' A3P K . -16.92 -9.20 -17.65
C1' A3P K . -18.09 -9.63 -15.67
N9 A3P K . -17.91 -8.75 -14.53
C8 A3P K . -18.92 -8.05 -13.98
N7 A3P K . -18.45 -7.37 -12.93
C5 A3P K . -17.14 -7.67 -12.80
C6 A3P K . -16.20 -7.23 -11.88
N6 A3P K . -16.47 -6.31 -10.80
N1 A3P K . -14.96 -7.66 -11.96
C2 A3P K . -14.61 -8.52 -12.95
N3 A3P K . -15.53 -8.94 -13.84
C4 A3P K . -16.81 -8.52 -13.77
P1 A3P L . 25.76 -9.62 -9.47
O1P A3P L . 25.86 -8.77 -10.72
O2P A3P L . 24.83 -10.80 -9.65
O3P A3P L . 27.14 -10.13 -9.09
P2 A3P L . 21.58 -5.53 -10.98
O4P A3P L . 21.62 -4.03 -10.97
O5P A3P L . 20.27 -6.03 -10.43
O6P A3P L . 21.78 -6.04 -12.39
O5' A3P L . 22.84 -6.11 -10.09
C5' A3P L . 22.99 -5.82 -8.73
C4' A3P L . 24.24 -6.63 -8.32
O4' A3P L . 24.61 -6.39 -7.09
C3' A3P L . 23.95 -8.13 -8.31
O3' A3P L . 25.15 -8.74 -8.23
C2' A3P L . 23.23 -8.29 -6.95
O2' A3P L . 23.25 -9.73 -6.55
C1' A3P L . 23.92 -7.52 -6.15
N9 A3P L . 23.18 -6.71 -5.20
C8 A3P L . 23.77 -6.11 -4.16
N7 A3P L . 22.85 -5.42 -3.48
C5 A3P L . 21.67 -5.57 -4.12
C6 A3P L . 20.43 -5.06 -3.83
N6 A3P L . 20.14 -4.21 -2.70
N1 A3P L . 19.39 -5.36 -4.59
C2 A3P L . 19.57 -6.16 -5.67
N3 A3P L . 20.80 -6.65 -5.96
C4 A3P L . 21.86 -6.36 -5.18
P1 A3P M . 2.40 -28.80 -0.87
O1P A3P M . 1.79 -28.47 -2.21
O2P A3P M . 3.90 -28.85 -0.97
O3P A3P M . 1.86 -30.13 -0.36
P2 A3P M . 6.10 -24.08 -0.67
O4P A3P M . 5.18 -23.02 -1.23
O5P A3P M . 6.88 -24.80 -1.73
O6P A3P M . 7.02 -23.40 0.30
O5' A3P M . 5.21 -25.23 0.11
C5' A3P M . 4.17 -24.83 0.94
C4' A3P M . 3.36 -26.10 1.24
O4' A3P M . 2.63 -25.93 2.31
C3' A3P M . 2.35 -26.36 0.10
O3' A3P M . 1.92 -27.64 0.20
C2' A3P M . 1.22 -25.40 0.49
O2' A3P M . -0.04 -25.84 -0.21
C1' A3P M . 1.13 -25.56 1.80
N9 A3P M . 0.83 -24.40 2.60
C8 A3P M . 0.34 -24.47 3.84
N7 A3P M . 0.19 -23.25 4.33
C5 A3P M . 0.61 -22.39 3.37
C6 A3P M . 0.67 -21.01 3.36
N6 A3P M . 0.27 -20.15 4.46
N1 A3P M . 1.12 -20.38 2.29
C2 A3P M . 1.52 -21.09 1.20
N3 A3P M . 1.47 -22.46 1.22
C4 A3P M . 1.01 -23.10 2.31
P1 A3P N . 5.33 6.52 -27.84
O1P A3P N . 4.00 6.07 -28.41
O2P A3P N . 5.98 7.54 -28.76
O3P A3P N . 6.25 5.33 -27.68
P2 A3P N . 0.68 4.36 -24.46
O4P A3P N . -0.67 4.87 -24.01
O5P A3P N . 0.50 3.32 -25.53
O6P A3P N . 1.44 3.80 -23.30
O5' A3P N . 1.53 5.62 -25.11
C5' A3P N . 2.08 6.63 -24.31
C4' A3P N . 3.07 7.41 -25.23
O4' A3P N . 3.46 8.51 -24.67
C3' A3P N . 4.39 6.63 -25.39
O3' A3P N . 5.10 7.23 -26.38
C2' A3P N . 5.07 6.90 -24.04
O2' A3P N . 6.54 6.65 -24.16
C1' A3P N . 4.84 8.17 -23.86
N9 A3P N . 4.53 8.63 -22.52
C8 A3P N . 4.52 9.93 -22.21
N7 A3P N . 4.17 10.06 -20.93
C5 A3P N . 3.94 8.84 -20.44
C6 A3P N . 3.56 8.44 -19.18
N6 A3P N . 3.31 9.36 -18.10
N1 A3P N . 3.40 7.16 -18.92
C2 A3P N . 3.61 6.25 -19.90
N3 A3P N . 3.99 6.63 -21.14
C4 A3P N . 4.16 7.94 -21.42
P1 A3P O . 11.50 25.84 7.06
O1P A3P O . 12.05 27.18 6.59
O2P A3P O . 12.27 25.40 8.29
O3P A3P O . 10.03 25.94 7.40
P2 A3P O . 12.06 20.04 8.86
O4P A3P O . 10.74 19.43 8.44
O5P A3P O . 11.99 20.55 10.28
O6P A3P O . 13.14 19.01 8.71
O5' A3P O . 12.43 21.35 7.95
C5' A3P O . 12.55 21.20 6.56
C4' A3P O . 12.70 22.62 5.96
O4' A3P O . 12.94 22.51 4.68
C3' A3P O . 11.38 23.41 6.04
O3' A3P O . 11.66 24.73 5.84
C2' A3P O . 10.62 22.85 4.81
O2' A3P O . 9.58 23.84 4.41
C1' A3P O . 11.55 22.80 3.89
N9 A3P O . 11.50 21.72 2.94
C8 A3P O . 12.17 21.76 1.79
N7 A3P O . 11.97 20.61 1.14
C5 A3P O . 11.19 19.84 1.90
C6 A3P O . 10.69 18.58 1.68
N6 A3P O . 10.95 17.78 0.50
N1 A3P O . 9.93 18.00 2.59
C2 A3P O . 9.62 18.68 3.72
N3 A3P O . 10.11 19.92 3.94
C4 A3P O . 10.90 20.51 3.02
P1 A3P P . -19.07 -3.44 21.70
O1P A3P P . -20.03 -2.38 21.22
O2P A3P P . -19.79 -4.39 22.65
O3P A3P P . -17.89 -2.82 22.41
P2 A3P P . -18.66 -0.34 16.51
O4P A3P P . -19.38 -0.46 15.18
O5P A3P P . -17.18 -0.20 16.26
O6P A3P P . -19.15 0.82 17.34
O5' A3P P . -18.99 -1.67 17.43
C5' A3P P . -18.64 -2.94 17.00
C4' A3P P . -18.97 -3.89 18.18
O4' A3P P . -18.79 -5.14 17.81
C3' A3P P . -17.97 -3.69 19.33
O3' A3P P . -18.49 -4.30 20.42
C2' A3P P . -16.78 -4.52 18.84
O2' A3P P . -15.92 -4.86 20.02
C1' A3P P . -17.32 -5.60 18.33
N9 A3P P . -16.73 -6.16 17.14
C8 A3P P . -16.97 -7.40 16.73
N7 A3P P . -16.32 -7.61 15.60
C5 A3P P . -15.67 -6.49 15.28
C6 A3P P . -14.85 -6.16 14.21
N6 A3P P . -14.52 -7.07 13.13
N1 A3P P . -14.30 -4.97 14.11
C2 A3P P . -14.56 -4.04 15.08
N3 A3P P . -15.36 -4.35 16.13
C4 A3P P . -15.92 -5.58 16.23
#